data_6TJ8
#
_entry.id   6TJ8
#
_cell.length_a   89.550
_cell.length_b   101.910
_cell.length_c   132.960
_cell.angle_alpha   90.000
_cell.angle_beta   90.000
_cell.angle_gamma   90.000
#
_symmetry.space_group_name_H-M   'P 21 21 21'
#
loop_
_entity.id
_entity.type
_entity.pdbx_description
1 polymer 'Transketolase 1'
2 non-polymer '2-[3-[(4-azanyl-2-methoxy-pyrimidin-5-yl)methyl]-4-methyl-1,3-thiazol-5-yl]ethyl phosphono hydrogen phosphate'
3 non-polymer 'CALCIUM ION'
4 non-polymer 1,2-ETHANEDIOL
5 water water
#
_entity_poly.entity_id   1
_entity_poly.type   'polypeptide(L)'
_entity_poly.pdbx_seq_one_letter_code
;MSSRKELANAIRALSMDAVQKAKSGHPGAPMGMADIAEVLWRDFLKHNPQNPSWADRDRFVLSNGHGSMLIYSLLHLTGY
DLPMEELKNFRQLHSKTPGHPEVGYTAGVETTTGPLGQGIANAVGMAIAEKTLAAQFNRPGHDIVDHYTYAFMGDGCMME
GISHEVCSLAGTLKLGKLIAFYDDNGISIDGHVEGWFTDDTAMRFEAYGWHVIRDIDGHDAASIKRAVEEARAVTDKPSL
LMCKTIIGFGSPNKAGTHDSHGAPLGDAEIALTREQLGWKYAPFEIPSEIYAQWDAKEAGQAKESAWNEKFAAYAKAYPQ
EAAEFTRRMKGEMPSDFDAKAKEFIAKLQANPAKIASRKASQNAIEAFGPLLPEFLGGSADLAPSNLTLWSGSKAINEDA
AGNYIHYGVREFGMTAIANGISLHGGFLPYTSTFLMFVEYARNAVRMAALMKQRQVMVYTHDSIGLGEDGPTHQPVEQVA
SLRVTPNMSTWRPCDQVESAVAWKYGVERQDGPTALILSRQNLAQQERTEEQLANIARGGYVLKDCAGQPELIFIATGSE
VELAVAAYEKLTAEGVKARVVSMPSTDAFDKQDAAYRESVLPKAVTARVAVEAGIADYWYKYVGLNGAIVGMTTFGESAP
AELLFEEFGFTVDNVVAKAKELLHHHHHH
;
_entity_poly.pdbx_strand_id   A,B
#
# COMPACT_ATOMS: atom_id res chain seq x y z
N SER A 2 -14.41 45.09 -7.88
CA SER A 2 -15.22 43.98 -8.39
C SER A 2 -15.88 43.27 -7.24
N SER A 3 -16.98 42.57 -7.52
CA SER A 3 -17.63 41.77 -6.50
C SER A 3 -16.79 40.54 -6.17
N ARG A 4 -17.04 39.97 -5.00
CA ARG A 4 -16.35 38.75 -4.63
C ARG A 4 -16.66 37.63 -5.62
N LYS A 5 -17.90 37.56 -6.12
N LYS A 5 -17.90 37.53 -6.08
CA LYS A 5 -18.22 36.54 -7.12
CA LYS A 5 -18.24 36.52 -7.06
C LYS A 5 -17.44 36.76 -8.42
C LYS A 5 -17.40 36.69 -8.32
N GLU A 6 -17.25 38.01 -8.83
N GLU A 6 -17.29 37.92 -8.82
CA GLU A 6 -16.43 38.29 -10.02
CA GLU A 6 -16.46 38.18 -9.99
C GLU A 6 -14.98 37.89 -9.79
C GLU A 6 -15.01 37.77 -9.75
N LEU A 7 -14.48 38.10 -8.57
CA LEU A 7 -13.11 37.70 -8.25
C LEU A 7 -12.97 36.19 -8.28
N ALA A 8 -13.95 35.47 -7.73
CA ALA A 8 -13.94 34.01 -7.78
C ALA A 8 -14.09 33.51 -9.22
N ASN A 9 -14.88 34.21 -10.02
CA ASN A 9 -15.08 33.80 -11.39
C ASN A 9 -13.80 33.89 -12.21
N ALA A 10 -12.83 34.70 -11.80
CA ALA A 10 -11.54 34.70 -12.46
C ALA A 10 -10.88 33.32 -12.38
N ILE A 11 -10.98 32.66 -11.22
CA ILE A 11 -10.50 31.29 -11.08
C ILE A 11 -11.25 30.38 -12.04
N ARG A 12 -12.58 30.50 -12.08
CA ARG A 12 -13.39 29.65 -12.95
C ARG A 12 -12.96 29.79 -14.40
N ALA A 13 -12.80 31.03 -14.87
CA ALA A 13 -12.41 31.27 -16.25
C ALA A 13 -11.04 30.70 -16.55
N LEU A 14 -10.03 31.05 -15.74
CA LEU A 14 -8.69 30.55 -15.98
C LEU A 14 -8.68 29.03 -15.99
N SER A 15 -9.42 28.42 -15.07
CA SER A 15 -9.40 26.97 -14.95
C SER A 15 -10.06 26.31 -16.15
N MET A 16 -11.28 26.72 -16.51
CA MET A 16 -11.94 26.07 -17.63
C MET A 16 -11.16 26.31 -18.92
N ASP A 17 -10.61 27.52 -19.10
CA ASP A 17 -9.90 27.84 -20.32
C ASP A 17 -8.57 27.09 -20.40
N ALA A 18 -7.84 26.98 -19.29
CA ALA A 18 -6.56 26.27 -19.32
C ALA A 18 -6.76 24.79 -19.60
N VAL A 19 -7.78 24.19 -18.99
CA VAL A 19 -8.14 22.80 -19.29
C VAL A 19 -8.50 22.65 -20.76
N GLN A 20 -9.29 23.59 -21.28
CA GLN A 20 -9.71 23.50 -22.67
C GLN A 20 -8.51 23.55 -23.61
N LYS A 21 -7.58 24.47 -23.35
CA LYS A 21 -6.42 24.62 -24.22
C LYS A 21 -5.54 23.38 -24.19
N ALA A 22 -5.40 22.77 -23.01
CA ALA A 22 -4.62 21.55 -22.88
C ALA A 22 -5.36 20.35 -23.46
N LYS A 23 -6.67 20.46 -23.65
CA LYS A 23 -7.52 19.34 -24.01
C LYS A 23 -7.41 18.22 -22.97
N SER A 24 -7.19 18.60 -21.71
CA SER A 24 -6.91 17.63 -20.66
C SER A 24 -7.04 18.33 -19.31
N GLY A 25 -7.57 17.63 -18.34
CA GLY A 25 -7.63 18.10 -16.98
C GLY A 25 -9.04 18.19 -16.42
N HIS A 26 -9.11 18.86 -15.27
CA HIS A 26 -10.23 18.71 -14.33
C HIS A 26 -10.80 20.07 -14.02
N PRO A 27 -11.88 20.47 -14.70
CA PRO A 27 -12.44 21.81 -14.44
C PRO A 27 -13.42 21.85 -13.27
N GLY A 28 -13.95 20.69 -12.88
CA GLY A 28 -15.10 20.68 -11.99
C GLY A 28 -14.80 21.19 -10.60
N ALA A 29 -13.79 20.63 -9.93
CA ALA A 29 -13.48 21.04 -8.57
C ALA A 29 -12.99 22.49 -8.52
N PRO A 30 -12.14 22.95 -9.44
CA PRO A 30 -11.77 24.38 -9.40
C PRO A 30 -12.99 25.29 -9.48
N MET A 31 -13.93 24.95 -10.36
CA MET A 31 -15.13 25.76 -10.51
C MET A 31 -16.01 25.66 -9.27
N GLY A 32 -16.09 24.48 -8.67
CA GLY A 32 -16.89 24.29 -7.48
C GLY A 32 -16.34 24.96 -6.25
N MET A 33 -15.01 25.07 -6.14
N MET A 33 -15.02 25.07 -6.13
CA MET A 33 -14.37 25.58 -4.92
CA MET A 33 -14.41 25.60 -4.91
C MET A 33 -13.96 27.04 -5.02
C MET A 33 -13.84 27.00 -5.09
N ALA A 34 -14.19 27.71 -6.16
CA ALA A 34 -13.61 29.02 -6.37
C ALA A 34 -14.07 30.03 -5.33
N ASP A 35 -15.34 30.00 -4.93
CA ASP A 35 -15.81 30.98 -3.94
C ASP A 35 -15.16 30.76 -2.58
N ILE A 36 -14.97 29.50 -2.20
CA ILE A 36 -14.30 29.18 -0.95
C ILE A 36 -12.87 29.66 -0.99
N ALA A 37 -12.18 29.40 -2.11
CA ALA A 37 -10.80 29.81 -2.27
C ALA A 37 -10.66 31.33 -2.20
N GLU A 38 -11.59 32.05 -2.83
CA GLU A 38 -11.53 33.51 -2.81
C GLU A 38 -11.59 34.04 -1.39
N VAL A 39 -12.50 33.52 -0.57
CA VAL A 39 -12.58 33.98 0.82
C VAL A 39 -11.32 33.59 1.57
N LEU A 40 -10.92 32.31 1.49
CA LEU A 40 -9.77 31.87 2.28
C LEU A 40 -8.54 32.68 1.92
N TRP A 41 -8.22 32.72 0.63
CA TRP A 41 -6.98 33.34 0.21
C TRP A 41 -7.01 34.86 0.40
N ARG A 42 -8.11 35.54 0.06
CA ARG A 42 -8.09 36.99 0.15
C ARG A 42 -8.26 37.50 1.57
N ASP A 43 -9.02 36.80 2.42
CA ASP A 43 -9.34 37.34 3.73
C ASP A 43 -8.53 36.74 4.88
N PHE A 44 -7.96 35.56 4.71
CA PHE A 44 -7.34 34.88 5.84
C PHE A 44 -5.90 34.45 5.62
N LEU A 45 -5.54 33.93 4.46
CA LEU A 45 -4.25 33.28 4.31
C LEU A 45 -3.11 34.26 4.50
N LYS A 46 -2.14 33.87 5.33
CA LYS A 46 -0.96 34.68 5.63
C LYS A 46 0.20 34.14 4.79
N HIS A 47 0.62 34.90 3.78
CA HIS A 47 1.62 34.40 2.86
C HIS A 47 2.25 35.58 2.14
N ASN A 48 3.44 35.34 1.57
CA ASN A 48 4.14 36.35 0.80
C ASN A 48 4.52 35.78 -0.56
N PRO A 49 3.83 36.17 -1.64
CA PRO A 49 4.22 35.67 -2.98
C PRO A 49 5.67 35.93 -3.34
N GLN A 50 6.28 36.98 -2.78
N GLN A 50 6.28 36.97 -2.76
CA GLN A 50 7.67 37.25 -3.09
CA GLN A 50 7.66 37.31 -3.04
C GLN A 50 8.62 36.28 -2.42
C GLN A 50 8.65 36.40 -2.31
N ASN A 51 8.20 35.61 -1.35
CA ASN A 51 9.05 34.62 -0.69
C ASN A 51 8.21 33.43 -0.28
N PRO A 52 8.02 32.48 -1.19
CA PRO A 52 7.26 31.26 -0.84
C PRO A 52 7.90 30.40 0.23
N SER A 53 9.14 30.68 0.62
CA SER A 53 9.82 29.91 1.66
C SER A 53 9.78 30.58 3.03
N TRP A 54 9.05 31.68 3.18
CA TRP A 54 8.95 32.35 4.49
C TRP A 54 8.59 31.34 5.56
N ALA A 55 9.41 31.25 6.61
CA ALA A 55 9.29 30.16 7.58
C ALA A 55 7.94 30.14 8.26
N ASP A 56 7.34 31.31 8.50
CA ASP A 56 6.12 31.40 9.31
C ASP A 56 4.86 31.59 8.47
N ARG A 57 4.93 31.38 7.16
CA ARG A 57 3.73 31.46 6.33
C ARG A 57 2.70 30.41 6.78
N ASP A 58 1.43 30.70 6.54
CA ASP A 58 0.44 29.64 6.56
C ASP A 58 0.76 28.65 5.45
N ARG A 59 0.37 27.39 5.64
CA ARG A 59 0.48 26.36 4.61
C ARG A 59 -0.89 26.03 4.07
N PHE A 60 -1.03 25.98 2.75
CA PHE A 60 -2.24 25.54 2.07
C PHE A 60 -1.95 24.25 1.32
N VAL A 61 -2.87 23.29 1.43
CA VAL A 61 -2.74 22.00 0.75
C VAL A 61 -4.03 21.68 -0.01
N LEU A 62 -3.87 21.36 -1.29
CA LEU A 62 -4.95 20.91 -2.14
C LEU A 62 -4.92 19.38 -2.18
N SER A 63 -5.70 18.73 -1.29
CA SER A 63 -5.69 17.27 -1.26
C SER A 63 -6.41 16.66 -2.46
N ASN A 64 -7.45 17.34 -2.93
CA ASN A 64 -8.13 17.01 -4.19
C ASN A 64 -7.33 17.62 -5.34
N GLY A 65 -6.10 17.11 -5.50
CA GLY A 65 -5.08 17.72 -6.33
C GLY A 65 -5.34 17.65 -7.83
N HIS A 66 -6.27 16.79 -8.25
CA HIS A 66 -6.71 16.82 -9.63
C HIS A 66 -7.23 18.19 -10.00
N GLY A 67 -7.76 18.95 -9.04
CA GLY A 67 -8.18 20.32 -9.30
C GLY A 67 -7.05 21.31 -9.35
N SER A 68 -5.96 20.94 -10.02
CA SER A 68 -4.71 21.69 -10.00
C SER A 68 -4.86 23.11 -10.54
N MET A 69 -5.76 23.33 -11.50
CA MET A 69 -5.92 24.70 -11.98
C MET A 69 -6.43 25.63 -10.89
N LEU A 70 -7.05 25.12 -9.83
CA LEU A 70 -7.44 25.99 -8.73
C LEU A 70 -6.20 26.62 -8.09
N ILE A 71 -5.19 25.80 -7.77
N ILE A 71 -5.20 25.79 -7.73
CA ILE A 71 -4.01 26.36 -7.13
CA ILE A 71 -4.00 26.35 -7.12
C ILE A 71 -3.18 27.18 -8.11
C ILE A 71 -3.22 27.21 -8.12
N TYR A 72 -3.11 26.79 -9.38
CA TYR A 72 -2.37 27.62 -10.34
C TYR A 72 -3.04 28.97 -10.51
N SER A 73 -4.38 28.99 -10.56
CA SER A 73 -5.09 30.27 -10.65
C SER A 73 -4.77 31.14 -9.45
N LEU A 74 -4.85 30.57 -8.24
CA LEU A 74 -4.60 31.34 -7.02
C LEU A 74 -3.18 31.89 -6.99
N LEU A 75 -2.20 31.07 -7.33
CA LEU A 75 -0.81 31.52 -7.30
C LEU A 75 -0.58 32.61 -8.34
N HIS A 76 -1.14 32.45 -9.53
CA HIS A 76 -1.00 33.48 -10.55
C HIS A 76 -1.67 34.78 -10.11
N LEU A 77 -2.92 34.69 -9.67
CA LEU A 77 -3.69 35.90 -9.37
C LEU A 77 -3.11 36.67 -8.20
N THR A 78 -2.57 35.97 -7.20
CA THR A 78 -2.05 36.63 -6.01
C THR A 78 -0.64 37.16 -6.17
N GLY A 79 0.04 36.87 -7.27
CA GLY A 79 1.31 37.49 -7.58
C GLY A 79 2.55 36.64 -7.43
N TYR A 80 2.39 35.33 -7.30
CA TYR A 80 3.55 34.46 -7.33
C TYR A 80 4.19 34.49 -8.71
N ASP A 81 5.41 33.96 -8.78
CA ASP A 81 6.14 33.86 -10.06
C ASP A 81 5.59 32.69 -10.88
N LEU A 82 4.40 32.91 -11.43
CA LEU A 82 3.72 31.91 -12.24
C LEU A 82 2.96 32.66 -13.32
N PRO A 83 3.64 33.03 -14.40
CA PRO A 83 3.03 33.92 -15.40
C PRO A 83 1.91 33.23 -16.18
N MET A 84 1.13 34.06 -16.86
CA MET A 84 0.04 33.58 -17.67
C MET A 84 0.51 32.55 -18.70
N GLU A 85 1.71 32.72 -19.25
N GLU A 85 1.71 32.76 -19.27
CA GLU A 85 2.16 31.77 -20.26
CA GLU A 85 2.27 31.81 -20.22
C GLU A 85 2.35 30.37 -19.66
C GLU A 85 2.25 30.39 -19.63
N GLU A 86 2.61 30.27 -18.36
CA GLU A 86 2.63 28.95 -17.72
C GLU A 86 1.23 28.36 -17.64
N LEU A 87 0.21 29.17 -17.34
N LEU A 87 0.21 29.17 -17.32
CA LEU A 87 -1.15 28.65 -17.33
CA LEU A 87 -1.16 28.67 -17.33
C LEU A 87 -1.60 28.23 -18.71
C LEU A 87 -1.54 28.19 -18.72
N LYS A 88 -1.10 28.90 -19.76
CA LYS A 88 -1.36 28.51 -21.14
C LYS A 88 -0.59 27.25 -21.54
N ASN A 89 0.31 26.79 -20.68
N ASN A 89 0.31 26.78 -20.68
CA ASN A 89 1.11 25.59 -20.87
CA ASN A 89 1.05 25.55 -20.89
C ASN A 89 0.76 24.52 -19.84
C ASN A 89 0.77 24.53 -19.81
N PHE A 90 -0.43 24.60 -19.26
CA PHE A 90 -0.94 23.57 -18.35
C PHE A 90 -0.77 22.21 -19.01
N ARG A 91 -0.23 21.26 -18.25
CA ARG A 91 -0.11 19.87 -18.68
C ARG A 91 0.84 19.66 -19.86
N GLN A 92 1.66 20.66 -20.19
CA GLN A 92 2.61 20.56 -21.29
C GLN A 92 4.02 20.28 -20.76
N LEU A 93 4.82 19.63 -21.60
CA LEU A 93 6.13 19.16 -21.19
C LEU A 93 6.97 20.29 -20.61
N HIS A 94 7.47 20.04 -19.40
CA HIS A 94 8.39 20.92 -18.68
C HIS A 94 7.76 22.24 -18.26
N SER A 95 6.44 22.36 -18.27
CA SER A 95 5.83 23.57 -17.75
C SER A 95 5.88 23.61 -16.22
N LYS A 96 5.60 24.78 -15.68
N LYS A 96 5.62 24.78 -15.68
CA LYS A 96 5.44 24.96 -14.24
CA LYS A 96 5.45 24.96 -14.24
C LYS A 96 4.03 24.62 -13.78
C LYS A 96 4.02 24.68 -13.80
N THR A 97 3.22 24.04 -14.66
CA THR A 97 1.82 23.75 -14.38
C THR A 97 1.51 22.29 -14.75
N PRO A 98 2.16 21.34 -14.09
CA PRO A 98 1.84 19.92 -14.34
C PRO A 98 0.41 19.59 -13.93
N GLY A 99 -0.07 18.47 -14.46
CA GLY A 99 -1.47 18.11 -14.29
C GLY A 99 -1.94 17.88 -12.86
N HIS A 100 -1.04 17.42 -11.99
CA HIS A 100 -1.26 17.43 -10.56
C HIS A 100 -0.13 18.28 -9.96
N PRO A 101 -0.37 19.04 -8.90
CA PRO A 101 0.67 19.99 -8.46
C PRO A 101 1.86 19.25 -7.87
N GLU A 102 3.06 19.81 -8.11
N GLU A 102 3.05 19.79 -8.13
CA GLU A 102 4.31 19.20 -7.67
CA GLU A 102 4.30 19.22 -7.67
C GLU A 102 5.17 20.22 -6.93
C GLU A 102 5.05 20.26 -6.86
N VAL A 103 5.55 19.86 -5.71
CA VAL A 103 6.45 20.71 -4.94
C VAL A 103 7.78 20.82 -5.69
N GLY A 104 8.33 22.03 -5.69
CA GLY A 104 9.54 22.33 -6.42
C GLY A 104 9.33 22.78 -7.86
N TYR A 105 8.17 22.48 -8.47
CA TYR A 105 7.94 22.85 -9.88
C TYR A 105 7.38 24.24 -10.02
N THR A 106 6.85 24.74 -8.93
CA THR A 106 5.93 25.85 -9.03
C THR A 106 6.06 26.63 -7.73
N ALA A 107 6.29 27.92 -7.84
CA ALA A 107 6.38 28.78 -6.66
C ALA A 107 5.07 28.71 -5.89
N GLY A 108 5.17 28.40 -4.59
CA GLY A 108 4.03 28.39 -3.71
C GLY A 108 3.34 27.06 -3.54
N VAL A 109 3.68 26.03 -4.31
CA VAL A 109 3.10 24.69 -4.10
C VAL A 109 3.83 24.02 -2.95
N GLU A 110 3.08 23.58 -1.93
CA GLU A 110 3.68 23.09 -0.70
C GLU A 110 3.99 21.61 -0.69
N THR A 111 3.31 20.84 -1.54
CA THR A 111 3.39 19.39 -1.54
C THR A 111 2.91 18.92 -2.90
N THR A 112 3.30 17.70 -3.27
CA THR A 112 2.80 17.05 -4.48
C THR A 112 1.59 16.24 -4.11
N THR A 113 0.45 16.58 -4.69
N THR A 113 0.47 16.47 -4.80
CA THR A 113 -0.79 15.92 -4.34
CA THR A 113 -0.74 15.67 -4.61
C THR A 113 -1.44 15.37 -5.59
C THR A 113 -1.18 15.06 -5.93
N GLY A 114 -2.53 14.65 -5.36
N GLY A 114 -2.39 14.47 -5.91
CA GLY A 114 -3.21 13.95 -6.41
CA GLY A 114 -2.89 13.66 -6.99
C GLY A 114 -3.66 12.58 -5.96
C GLY A 114 -3.43 12.33 -6.47
N PRO A 115 -2.68 11.67 -5.61
CA PRO A 115 -3.08 10.41 -4.97
C PRO A 115 -3.98 10.77 -3.79
N LEU A 116 -5.23 10.32 -3.84
CA LEU A 116 -6.23 10.83 -2.93
C LEU A 116 -5.90 10.48 -1.49
N GLY A 117 -6.27 11.41 -0.61
CA GLY A 117 -6.06 11.27 0.82
C GLY A 117 -4.70 11.71 1.30
N GLN A 118 -3.67 11.69 0.45
CA GLN A 118 -2.35 12.01 0.94
C GLN A 118 -2.18 13.49 1.25
N GLY A 119 -2.88 14.38 0.56
CA GLY A 119 -2.75 15.79 0.88
C GLY A 119 -3.22 16.10 2.30
N ILE A 120 -4.39 15.59 2.69
CA ILE A 120 -4.84 15.84 4.06
C ILE A 120 -3.84 15.24 5.05
N ALA A 121 -3.25 14.08 4.74
CA ALA A 121 -2.22 13.53 5.61
C ALA A 121 -1.02 14.46 5.72
N ASN A 122 -0.56 14.99 4.58
CA ASN A 122 0.56 15.92 4.60
C ASN A 122 0.21 17.15 5.44
N ALA A 123 -1.03 17.64 5.31
CA ALA A 123 -1.48 18.79 6.10
C ALA A 123 -1.46 18.49 7.59
N VAL A 124 -1.89 17.29 7.98
CA VAL A 124 -1.79 16.91 9.39
C VAL A 124 -0.34 16.98 9.84
N GLY A 125 0.58 16.48 9.02
CA GLY A 125 2.00 16.58 9.37
C GLY A 125 2.51 18.02 9.46
N MET A 126 2.08 18.88 8.55
N MET A 126 2.06 18.89 8.55
CA MET A 126 2.46 20.29 8.64
CA MET A 126 2.45 20.28 8.62
C MET A 126 1.94 20.92 9.92
C MET A 126 1.90 20.97 9.87
N ALA A 127 0.72 20.56 10.32
CA ALA A 127 0.15 21.12 11.54
C ALA A 127 0.85 20.56 12.77
N ILE A 128 1.20 19.28 12.77
CA ILE A 128 2.02 18.74 13.85
C ILE A 128 3.35 19.47 13.92
N ALA A 129 3.97 19.71 12.77
CA ALA A 129 5.24 20.42 12.74
C ALA A 129 5.11 21.82 13.33
N GLU A 130 4.08 22.57 12.93
CA GLU A 130 3.94 23.92 13.47
C GLU A 130 3.73 23.87 14.98
N LYS A 131 2.90 22.95 15.46
CA LYS A 131 2.61 22.90 16.89
C LYS A 131 3.86 22.57 17.69
N THR A 132 4.63 21.61 17.18
CA THR A 132 5.82 21.14 17.87
C THR A 132 6.92 22.21 17.81
N LEU A 133 7.09 22.83 16.65
CA LEU A 133 8.10 23.86 16.51
C LEU A 133 7.78 25.06 17.39
N ALA A 134 6.50 25.44 17.46
CA ALA A 134 6.09 26.52 18.34
C ALA A 134 6.42 26.19 19.79
N ALA A 135 6.10 24.97 20.22
CA ALA A 135 6.37 24.58 21.59
C ALA A 135 7.87 24.57 21.87
N GLN A 136 8.67 24.12 20.91
CA GLN A 136 10.12 24.09 21.09
C GLN A 136 10.73 25.49 21.13
N PHE A 137 10.30 26.39 20.25
CA PHE A 137 11.00 27.66 20.04
C PHE A 137 10.35 28.88 20.63
N ASN A 138 9.02 28.94 20.76
CA ASN A 138 8.43 30.18 21.24
C ASN A 138 8.84 30.41 22.68
N ARG A 139 8.96 31.68 23.04
CA ARG A 139 9.36 32.08 24.39
C ARG A 139 8.46 33.22 24.80
N PRO A 140 8.37 33.52 26.10
CA PRO A 140 7.46 34.59 26.54
C PRO A 140 7.82 35.91 25.87
N GLY A 141 6.81 36.52 25.24
CA GLY A 141 7.00 37.74 24.48
C GLY A 141 7.55 37.55 23.09
N HIS A 142 7.79 36.30 22.67
CA HIS A 142 8.46 35.99 21.39
C HIS A 142 7.83 34.76 20.74
N ASP A 143 6.67 34.94 20.14
CA ASP A 143 5.99 33.83 19.47
C ASP A 143 6.34 33.81 17.99
N ILE A 144 7.55 33.30 17.68
CA ILE A 144 8.08 33.31 16.32
C ILE A 144 7.45 32.26 15.43
N VAL A 145 6.77 31.25 15.99
CA VAL A 145 6.05 30.27 15.21
C VAL A 145 4.57 30.43 15.51
N ASP A 146 3.80 30.80 14.49
CA ASP A 146 2.34 30.98 14.67
C ASP A 146 1.71 30.99 13.28
N HIS A 147 1.32 29.83 12.78
CA HIS A 147 0.68 29.79 11.47
C HIS A 147 -0.30 28.64 11.39
N TYR A 148 -1.24 28.80 10.47
CA TYR A 148 -2.30 27.84 10.21
C TYR A 148 -1.93 26.91 9.06
N THR A 149 -2.63 25.78 9.04
CA THR A 149 -2.56 24.80 7.97
C THR A 149 -3.97 24.62 7.45
N TYR A 150 -4.19 25.00 6.20
CA TYR A 150 -5.49 24.93 5.57
C TYR A 150 -5.45 23.85 4.49
N ALA A 151 -6.47 23.00 4.43
CA ALA A 151 -6.53 21.95 3.44
C ALA A 151 -7.88 21.94 2.76
N PHE A 152 -7.88 21.71 1.45
CA PHE A 152 -9.07 21.40 0.69
C PHE A 152 -9.08 19.91 0.40
N MET A 153 -10.25 19.28 0.46
CA MET A 153 -10.36 17.85 0.20
C MET A 153 -11.76 17.55 -0.28
N GLY A 154 -11.90 16.46 -1.02
CA GLY A 154 -13.17 16.07 -1.59
C GLY A 154 -13.65 14.70 -1.13
N ASP A 155 -14.63 14.17 -1.86
CA ASP A 155 -15.20 12.88 -1.51
C ASP A 155 -14.16 11.77 -1.58
N GLY A 156 -13.26 11.84 -2.55
CA GLY A 156 -12.27 10.78 -2.68
C GLY A 156 -11.38 10.70 -1.47
N CYS A 157 -10.86 11.85 -1.02
CA CYS A 157 -10.03 11.87 0.16
C CYS A 157 -10.79 11.36 1.37
N MET A 158 -12.07 11.73 1.48
CA MET A 158 -12.89 11.28 2.61
C MET A 158 -13.14 9.78 2.60
N MET A 159 -13.30 9.17 1.42
CA MET A 159 -13.50 7.73 1.34
C MET A 159 -12.24 6.95 1.68
N GLU A 160 -11.09 7.47 1.31
CA GLU A 160 -9.83 6.75 1.51
C GLU A 160 -9.58 6.51 2.99
N GLY A 161 -9.07 5.31 3.28
CA GLY A 161 -8.72 4.97 4.63
C GLY A 161 -7.71 5.88 5.28
N ILE A 162 -6.78 6.43 4.49
CA ILE A 162 -5.77 7.27 5.10
C ILE A 162 -6.42 8.47 5.80
N SER A 163 -7.57 8.95 5.31
CA SER A 163 -8.21 10.07 5.99
C SER A 163 -8.61 9.71 7.41
N HIS A 164 -9.07 8.48 7.61
CA HIS A 164 -9.38 8.01 8.95
C HIS A 164 -8.15 7.99 9.83
N GLU A 165 -7.04 7.48 9.30
CA GLU A 165 -5.83 7.41 10.12
C GLU A 165 -5.40 8.79 10.57
N VAL A 166 -5.27 9.71 9.62
CA VAL A 166 -4.65 10.98 9.96
C VAL A 166 -5.59 11.90 10.68
N CYS A 167 -6.87 11.85 10.38
CA CYS A 167 -7.81 12.74 11.06
C CYS A 167 -8.13 12.24 12.45
N SER A 168 -8.13 10.93 12.67
N SER A 168 -8.10 10.93 12.69
CA SER A 168 -8.21 10.40 14.03
CA SER A 168 -8.22 10.42 14.04
C SER A 168 -7.05 10.92 14.87
C SER A 168 -7.04 10.87 14.91
N LEU A 169 -5.82 10.79 14.36
CA LEU A 169 -4.64 11.23 15.11
C LEU A 169 -4.64 12.75 15.32
N ALA A 170 -5.09 13.51 14.31
CA ALA A 170 -5.15 14.96 14.45
C ALA A 170 -6.08 15.36 15.60
N GLY A 171 -7.16 14.60 15.77
CA GLY A 171 -8.05 14.84 16.89
C GLY A 171 -7.38 14.58 18.23
N THR A 172 -6.66 13.46 18.36
CA THR A 172 -5.93 13.17 19.59
C THR A 172 -4.96 14.28 19.93
N LEU A 173 -4.26 14.78 18.92
CA LEU A 173 -3.22 15.78 19.11
C LEU A 173 -3.78 17.21 19.17
N LYS A 174 -5.09 17.39 19.07
N LYS A 174 -5.09 17.38 19.11
CA LYS A 174 -5.71 18.67 19.36
CA LYS A 174 -5.73 18.68 19.34
C LYS A 174 -5.13 19.79 18.46
C LYS A 174 -5.08 19.76 18.47
N LEU A 175 -5.06 19.52 17.17
CA LEU A 175 -4.42 20.42 16.20
C LEU A 175 -5.35 21.55 15.81
N GLY A 176 -5.50 22.53 16.71
CA GLY A 176 -6.44 23.62 16.50
C GLY A 176 -6.14 24.53 15.33
N LYS A 177 -4.93 24.52 14.82
CA LYS A 177 -4.59 25.36 13.67
C LYS A 177 -4.72 24.63 12.34
N LEU A 178 -5.23 23.40 12.35
CA LEU A 178 -5.59 22.67 11.14
C LEU A 178 -7.05 22.92 10.84
N ILE A 179 -7.32 23.47 9.66
CA ILE A 179 -8.66 23.79 9.20
C ILE A 179 -8.83 23.20 7.82
N ALA A 180 -9.73 22.23 7.69
CA ALA A 180 -10.00 21.54 6.45
C ALA A 180 -11.37 21.94 5.91
N PHE A 181 -11.43 22.05 4.59
CA PHE A 181 -12.64 22.37 3.86
C PHE A 181 -12.99 21.17 3.01
N TYR A 182 -14.15 20.59 3.27
CA TYR A 182 -14.65 19.44 2.52
C TYR A 182 -15.56 19.95 1.41
N ASP A 183 -15.19 19.61 0.17
N ASP A 183 -15.16 19.67 0.17
CA ASP A 183 -15.93 19.95 -1.03
CA ASP A 183 -15.95 19.99 -1.01
C ASP A 183 -17.06 18.94 -1.20
C ASP A 183 -17.03 18.92 -1.12
N ASP A 184 -18.18 19.22 -0.54
CA ASP A 184 -19.29 18.30 -0.44
C ASP A 184 -20.22 18.54 -1.63
N ASN A 185 -19.86 17.94 -2.78
CA ASN A 185 -20.53 18.20 -4.04
C ASN A 185 -21.35 17.03 -4.56
N GLY A 186 -21.39 15.91 -3.86
CA GLY A 186 -22.27 14.82 -4.23
C GLY A 186 -21.87 14.01 -5.44
N ILE A 187 -20.70 14.26 -6.03
CA ILE A 187 -20.32 13.68 -7.30
C ILE A 187 -18.94 13.04 -7.18
N SER A 188 -18.79 11.86 -7.76
CA SER A 188 -17.48 11.27 -7.98
C SER A 188 -17.47 10.71 -9.40
N ILE A 189 -16.41 10.01 -9.77
CA ILE A 189 -16.28 9.62 -11.17
C ILE A 189 -17.40 8.69 -11.60
N ASP A 190 -17.84 7.78 -10.72
CA ASP A 190 -18.89 6.86 -11.09
C ASP A 190 -20.28 7.51 -11.12
N GLY A 191 -20.43 8.74 -10.63
CA GLY A 191 -21.69 9.45 -10.66
C GLY A 191 -22.09 9.99 -9.30
N HIS A 192 -23.38 9.85 -8.98
N HIS A 192 -23.38 9.87 -8.98
CA HIS A 192 -23.93 10.35 -7.73
CA HIS A 192 -23.91 10.38 -7.73
C HIS A 192 -23.41 9.48 -6.57
C HIS A 192 -23.44 9.50 -6.58
N VAL A 193 -22.74 10.10 -5.61
CA VAL A 193 -22.00 9.34 -4.62
C VAL A 193 -22.85 8.51 -3.70
N GLU A 194 -24.15 8.78 -3.56
N GLU A 194 -24.15 8.78 -3.60
CA GLU A 194 -24.98 8.02 -2.64
CA GLU A 194 -25.03 8.06 -2.68
C GLU A 194 -24.92 6.52 -2.88
C GLU A 194 -25.10 6.57 -2.95
N GLY A 195 -24.65 6.11 -4.12
CA GLY A 195 -24.58 4.67 -4.39
C GLY A 195 -23.45 3.94 -3.70
N TRP A 196 -22.46 4.69 -3.20
CA TRP A 196 -21.26 4.10 -2.62
C TRP A 196 -20.71 4.88 -1.44
N PHE A 197 -21.28 6.03 -1.07
CA PHE A 197 -20.70 6.85 -0.01
C PHE A 197 -21.84 7.57 0.69
N THR A 198 -22.15 7.11 1.89
CA THR A 198 -23.32 7.57 2.64
C THR A 198 -23.00 7.99 4.06
N ASP A 199 -21.74 8.12 4.41
CA ASP A 199 -21.38 8.47 5.77
C ASP A 199 -22.04 9.79 6.18
N ASP A 200 -22.36 9.87 7.46
CA ASP A 200 -22.57 11.18 8.10
C ASP A 200 -21.19 11.68 8.44
N THR A 201 -20.55 12.34 7.48
CA THR A 201 -19.15 12.74 7.60
C THR A 201 -18.97 13.68 8.77
N ALA A 202 -19.92 14.57 9.01
CA ALA A 202 -19.80 15.47 10.16
C ALA A 202 -19.76 14.69 11.47
N MET A 203 -20.64 13.69 11.62
CA MET A 203 -20.64 12.88 12.83
C MET A 203 -19.34 12.10 12.97
N ARG A 204 -18.83 11.56 11.87
CA ARG A 204 -17.55 10.86 11.88
C ARG A 204 -16.45 11.76 12.43
N PHE A 205 -16.38 13.00 11.93
CA PHE A 205 -15.31 13.88 12.36
C PHE A 205 -15.51 14.36 13.80
N GLU A 206 -16.75 14.51 14.25
CA GLU A 206 -16.96 14.77 15.67
C GLU A 206 -16.48 13.58 16.51
N ALA A 207 -16.59 12.36 15.98
CA ALA A 207 -16.10 11.18 16.70
C ALA A 207 -14.59 11.21 16.85
N TYR A 208 -13.88 11.90 15.95
CA TYR A 208 -12.44 12.11 16.04
C TYR A 208 -12.08 13.26 16.97
N GLY A 209 -13.05 13.98 17.50
CA GLY A 209 -12.72 15.13 18.31
C GLY A 209 -12.47 16.40 17.52
N TRP A 210 -12.96 16.48 16.29
CA TRP A 210 -12.90 17.71 15.53
C TRP A 210 -14.09 18.61 15.82
N HIS A 211 -13.86 19.90 15.62
CA HIS A 211 -14.92 20.91 15.51
C HIS A 211 -15.45 20.87 14.09
N VAL A 212 -16.76 20.70 13.92
CA VAL A 212 -17.33 20.55 12.58
C VAL A 212 -18.40 21.62 12.38
N ILE A 213 -18.33 22.31 11.25
CA ILE A 213 -19.35 23.28 10.86
C ILE A 213 -20.11 22.70 9.69
N ARG A 214 -21.38 22.37 9.93
CA ARG A 214 -22.25 21.79 8.94
C ARG A 214 -22.91 22.84 8.06
N ASP A 215 -23.32 22.40 6.87
N ASP A 215 -23.32 22.39 6.88
CA ASP A 215 -24.31 23.09 6.06
CA ASP A 215 -24.30 23.11 6.09
C ASP A 215 -23.84 24.46 5.56
C ASP A 215 -23.80 24.52 5.73
N ILE A 216 -22.57 24.60 5.25
CA ILE A 216 -22.07 25.86 4.71
C ILE A 216 -22.47 25.95 3.25
N ASP A 217 -23.01 27.08 2.84
CA ASP A 217 -23.23 27.36 1.41
C ASP A 217 -21.90 27.76 0.79
N GLY A 218 -21.27 26.81 0.10
CA GLY A 218 -19.98 27.02 -0.50
C GLY A 218 -19.95 27.96 -1.66
N HIS A 219 -21.09 28.52 -2.07
CA HIS A 219 -21.17 29.55 -3.08
C HIS A 219 -21.59 30.89 -2.52
N ASP A 220 -21.52 31.05 -1.20
CA ASP A 220 -21.91 32.29 -0.55
C ASP A 220 -20.76 32.80 0.31
N ALA A 221 -20.11 33.88 -0.11
CA ALA A 221 -18.98 34.40 0.60
C ALA A 221 -19.27 34.66 2.07
N ALA A 222 -20.42 35.24 2.39
CA ALA A 222 -20.72 35.53 3.79
C ALA A 222 -20.73 34.25 4.63
N SER A 223 -21.37 33.20 4.13
CA SER A 223 -21.43 31.91 4.84
CA SER A 223 -21.41 31.94 4.87
C SER A 223 -20.04 31.36 5.07
N ILE A 224 -19.22 31.38 4.02
CA ILE A 224 -17.87 30.82 4.12
C ILE A 224 -17.04 31.61 5.12
N LYS A 225 -17.09 32.94 5.02
CA LYS A 225 -16.29 33.79 5.88
C LYS A 225 -16.64 33.57 7.34
N ARG A 226 -17.93 33.54 7.68
N ARG A 226 -17.93 33.49 7.66
CA ARG A 226 -18.30 33.31 9.07
CA ARG A 226 -18.36 33.29 9.04
C ARG A 226 -17.75 31.97 9.54
C ARG A 226 -17.88 31.95 9.57
N ALA A 227 -17.86 30.93 8.72
CA ALA A 227 -17.39 29.61 9.13
C ALA A 227 -15.89 29.63 9.39
N VAL A 228 -15.10 30.29 8.53
CA VAL A 228 -13.67 30.33 8.76
C VAL A 228 -13.36 31.07 10.05
N GLU A 229 -14.06 32.18 10.32
CA GLU A 229 -13.85 32.89 11.57
C GLU A 229 -14.15 31.99 12.77
N GLU A 230 -15.25 31.26 12.72
N GLU A 230 -15.22 31.20 12.69
CA GLU A 230 -15.57 30.35 13.81
CA GLU A 230 -15.59 30.33 13.81
C GLU A 230 -14.45 29.33 14.00
C GLU A 230 -14.58 29.22 14.01
N ALA A 231 -14.01 28.70 12.91
CA ALA A 231 -12.98 27.68 13.00
C ALA A 231 -11.67 28.21 13.58
N ARG A 232 -11.27 29.42 13.17
N ARG A 232 -11.28 29.43 13.18
CA ARG A 232 -10.04 29.98 13.70
CA ARG A 232 -10.03 30.01 13.68
C ARG A 232 -10.16 30.23 15.20
C ARG A 232 -10.14 30.39 15.15
N ALA A 233 -11.35 30.57 15.67
CA ALA A 233 -11.56 30.85 17.08
C ALA A 233 -11.52 29.60 17.95
N VAL A 234 -11.68 28.42 17.37
CA VAL A 234 -11.58 27.16 18.11
C VAL A 234 -10.11 26.77 18.10
N THR A 235 -9.46 26.79 19.26
CA THR A 235 -8.02 26.60 19.31
C THR A 235 -7.60 25.23 19.79
N ASP A 236 -8.53 24.41 20.27
CA ASP A 236 -8.20 23.15 20.91
C ASP A 236 -8.63 21.92 20.12
N LYS A 237 -9.12 22.09 18.90
N LYS A 237 -9.13 22.10 18.89
CA LYS A 237 -9.48 20.97 18.06
CA LYS A 237 -9.65 21.03 18.03
C LYS A 237 -9.31 21.41 16.62
C LYS A 237 -9.36 21.43 16.59
N PRO A 238 -8.95 20.51 15.73
CA PRO A 238 -8.95 20.82 14.30
C PRO A 238 -10.39 21.03 13.85
N SER A 239 -10.58 21.79 12.77
CA SER A 239 -11.92 22.09 12.27
C SER A 239 -12.14 21.53 10.88
N LEU A 240 -13.36 21.02 10.65
CA LEU A 240 -13.83 20.60 9.33
C LEU A 240 -15.01 21.47 8.94
N LEU A 241 -14.91 22.10 7.79
CA LEU A 241 -15.96 22.95 7.23
C LEU A 241 -16.63 22.15 6.12
N MET A 242 -17.89 21.76 6.34
N MET A 242 -17.91 21.84 6.32
CA MET A 242 -18.64 21.01 5.34
CA MET A 242 -18.72 21.04 5.39
C MET A 242 -19.23 22.01 4.36
C MET A 242 -19.29 21.98 4.34
N CYS A 243 -18.63 22.11 3.19
CA CYS A 243 -18.97 23.11 2.20
C CYS A 243 -19.80 22.50 1.09
N LYS A 244 -21.09 22.79 1.06
N LYS A 244 -21.08 22.83 1.03
CA LYS A 244 -21.92 22.36 -0.04
CA LYS A 244 -21.95 22.33 -0.04
C LYS A 244 -21.54 23.15 -1.27
C LYS A 244 -21.67 23.12 -1.30
N THR A 245 -21.16 22.44 -2.34
CA THR A 245 -20.81 23.08 -3.59
C THR A 245 -21.45 22.32 -4.74
N ILE A 246 -21.46 22.99 -5.89
CA ILE A 246 -21.89 22.43 -7.15
C ILE A 246 -20.65 22.25 -8.01
N ILE A 247 -20.29 21.01 -8.31
CA ILE A 247 -19.15 20.76 -9.16
C ILE A 247 -19.39 21.44 -10.50
N GLY A 248 -18.38 22.09 -11.06
CA GLY A 248 -18.57 22.75 -12.34
C GLY A 248 -19.48 23.96 -12.29
N PHE A 249 -19.62 24.58 -11.13
CA PHE A 249 -20.48 25.75 -10.95
C PHE A 249 -20.26 26.74 -12.06
N GLY A 250 -21.36 27.15 -12.69
CA GLY A 250 -21.36 28.10 -13.80
C GLY A 250 -21.76 27.47 -15.12
N SER A 251 -21.52 26.19 -15.29
CA SER A 251 -21.82 25.48 -16.54
C SER A 251 -23.30 25.09 -16.57
N PRO A 252 -24.10 25.63 -17.49
N PRO A 252 -24.11 25.60 -17.50
CA PRO A 252 -25.53 25.26 -17.49
CA PRO A 252 -25.55 25.28 -17.45
C PRO A 252 -25.76 23.77 -17.59
C PRO A 252 -25.85 23.82 -17.71
N ASN A 253 -25.02 23.10 -18.48
CA ASN A 253 -25.30 21.72 -18.79
C ASN A 253 -24.45 20.71 -18.05
N LYS A 254 -23.29 21.12 -17.52
N LYS A 254 -23.30 21.13 -17.49
CA LYS A 254 -22.41 20.16 -16.85
CA LYS A 254 -22.41 20.17 -16.84
C LYS A 254 -22.30 20.39 -15.35
C LYS A 254 -22.18 20.45 -15.36
N ALA A 255 -22.68 21.55 -14.82
CA ALA A 255 -22.62 21.72 -13.37
C ALA A 255 -23.42 20.61 -12.70
N GLY A 256 -22.89 20.09 -11.60
CA GLY A 256 -23.59 19.07 -10.86
C GLY A 256 -23.55 17.71 -11.50
N THR A 257 -22.70 17.52 -12.50
CA THR A 257 -22.60 16.25 -13.21
C THR A 257 -21.19 15.70 -13.14
N HIS A 258 -21.07 14.38 -13.25
CA HIS A 258 -19.77 13.76 -13.33
C HIS A 258 -19.02 14.18 -14.60
N ASP A 259 -19.74 14.63 -15.61
N ASP A 259 -19.74 14.66 -15.61
CA ASP A 259 -19.08 15.05 -16.84
CA ASP A 259 -19.12 15.09 -16.86
C ASP A 259 -18.08 16.18 -16.57
C ASP A 259 -18.26 16.34 -16.71
N SER A 260 -18.37 17.06 -15.60
CA SER A 260 -17.51 18.19 -15.32
C SER A 260 -16.26 17.81 -14.51
N HIS A 261 -16.18 16.57 -14.03
CA HIS A 261 -15.08 16.21 -13.15
C HIS A 261 -13.71 16.29 -13.83
N GLY A 262 -13.58 15.68 -15.00
CA GLY A 262 -12.27 15.25 -15.46
C GLY A 262 -12.03 15.34 -16.95
N ALA A 263 -12.78 16.18 -17.63
CA ALA A 263 -12.58 16.40 -19.05
C ALA A 263 -12.87 17.85 -19.35
N PRO A 264 -12.31 18.38 -20.43
CA PRO A 264 -12.67 19.71 -20.89
C PRO A 264 -14.17 19.85 -21.05
N LEU A 265 -14.68 21.05 -20.74
CA LEU A 265 -16.11 21.30 -20.89
C LEU A 265 -16.53 21.35 -22.35
N GLY A 266 -15.64 21.76 -23.25
CA GLY A 266 -15.98 22.00 -24.63
C GLY A 266 -16.21 23.47 -24.90
N ASP A 267 -15.88 23.92 -26.12
CA ASP A 267 -15.96 25.35 -26.43
C ASP A 267 -17.38 25.90 -26.28
N ALA A 268 -18.39 25.19 -26.80
CA ALA A 268 -19.75 25.70 -26.71
C ALA A 268 -20.17 25.83 -25.25
N GLU A 269 -19.83 24.85 -24.43
CA GLU A 269 -20.22 24.91 -23.04
C GLU A 269 -19.49 26.01 -22.30
N ILE A 270 -18.22 26.25 -22.64
CA ILE A 270 -17.51 27.37 -22.05
C ILE A 270 -18.18 28.69 -22.39
N ALA A 271 -18.61 28.86 -23.64
CA ALA A 271 -19.31 30.10 -24.00
C ALA A 271 -20.59 30.25 -23.17
N LEU A 272 -21.35 29.17 -22.98
CA LEU A 272 -22.55 29.23 -22.15
C LEU A 272 -22.21 29.53 -20.70
N THR A 273 -21.07 29.02 -20.23
CA THR A 273 -20.63 29.28 -18.86
C THR A 273 -20.24 30.75 -18.68
N ARG A 274 -19.52 31.32 -19.64
CA ARG A 274 -19.26 32.75 -19.60
C ARG A 274 -20.55 33.53 -19.50
N GLU A 275 -21.55 33.16 -20.30
N GLU A 275 -21.57 33.13 -20.26
CA GLU A 275 -22.83 33.85 -20.23
CA GLU A 275 -22.84 33.86 -20.24
C GLU A 275 -23.45 33.73 -18.85
C GLU A 275 -23.56 33.71 -18.90
N GLN A 276 -23.52 32.51 -18.32
CA GLN A 276 -24.17 32.28 -17.03
C GLN A 276 -23.46 33.04 -15.92
N LEU A 277 -22.13 33.08 -15.95
CA LEU A 277 -21.35 33.77 -14.93
C LEU A 277 -21.27 35.26 -15.17
N GLY A 278 -21.66 35.74 -16.35
CA GLY A 278 -21.44 37.14 -16.68
C GLY A 278 -19.99 37.51 -16.81
N TRP A 279 -19.15 36.59 -17.30
CA TRP A 279 -17.71 36.79 -17.41
C TRP A 279 -17.39 37.22 -18.84
N LYS A 280 -16.97 38.47 -19.04
N LYS A 280 -16.94 38.46 -18.99
CA LYS A 280 -16.87 39.01 -20.38
CA LYS A 280 -16.84 39.14 -20.27
C LYS A 280 -15.49 38.85 -21.01
C LYS A 280 -15.43 39.16 -20.84
N TYR A 281 -14.50 38.42 -20.25
CA TYR A 281 -13.12 38.45 -20.69
C TYR A 281 -12.76 37.20 -21.51
N ALA A 282 -11.87 37.40 -22.48
CA ALA A 282 -11.41 36.32 -23.35
C ALA A 282 -10.53 35.35 -22.58
N PRO A 283 -10.26 34.18 -23.12
CA PRO A 283 -9.36 33.25 -22.43
C PRO A 283 -8.04 33.93 -22.17
N PHE A 284 -7.56 33.78 -20.93
CA PHE A 284 -6.27 34.27 -20.50
C PHE A 284 -6.21 35.78 -20.43
N GLU A 285 -7.35 36.45 -20.39
CA GLU A 285 -7.47 37.87 -20.14
C GLU A 285 -7.99 38.09 -18.71
N ILE A 286 -7.24 38.87 -17.93
CA ILE A 286 -7.67 39.25 -16.59
C ILE A 286 -7.48 40.76 -16.53
N PRO A 287 -8.52 41.55 -16.21
CA PRO A 287 -8.38 43.00 -16.15
C PRO A 287 -7.59 43.45 -14.95
N SER A 288 -7.03 44.64 -15.06
CA SER A 288 -6.17 45.16 -14.01
C SER A 288 -6.88 45.29 -12.68
N GLU A 289 -8.19 45.63 -12.67
N GLU A 289 -8.16 45.62 -12.64
CA GLU A 289 -8.95 45.77 -11.41
CA GLU A 289 -8.73 45.81 -11.32
C GLU A 289 -8.95 44.47 -10.64
C GLU A 289 -9.02 44.48 -10.62
N ILE A 290 -9.12 43.37 -11.36
CA ILE A 290 -9.19 42.07 -10.72
C ILE A 290 -7.82 41.67 -10.18
N TYR A 291 -6.75 41.89 -10.94
CA TYR A 291 -5.41 41.68 -10.37
C TYR A 291 -5.18 42.55 -9.13
N ALA A 292 -5.64 43.79 -9.14
CA ALA A 292 -5.38 44.68 -8.01
C ALA A 292 -6.03 44.14 -6.74
N GLN A 293 -7.24 43.58 -6.86
N GLN A 293 -7.21 43.55 -6.87
CA GLN A 293 -7.90 43.03 -5.68
CA GLN A 293 -7.94 43.04 -5.73
C GLN A 293 -7.30 41.70 -5.25
C GLN A 293 -7.43 41.67 -5.28
N TRP A 294 -6.84 40.88 -6.20
CA TRP A 294 -6.25 39.60 -5.84
C TRP A 294 -4.82 39.72 -5.34
N ASP A 295 -4.08 40.75 -5.72
N ASP A 295 -4.08 40.75 -5.73
CA ASP A 295 -2.64 40.73 -5.49
CA ASP A 295 -2.65 40.78 -5.46
C ASP A 295 -2.35 40.74 -4.00
C ASP A 295 -2.38 40.71 -3.97
N ALA A 296 -1.39 39.90 -3.60
CA ALA A 296 -0.99 39.75 -2.21
C ALA A 296 0.45 40.22 -1.98
N LYS A 297 1.10 40.82 -2.96
CA LYS A 297 2.51 41.18 -2.80
C LYS A 297 2.71 42.25 -1.73
N GLU A 298 1.90 43.31 -1.74
N GLU A 298 1.88 43.30 -1.71
CA GLU A 298 2.10 44.39 -0.77
CA GLU A 298 2.11 44.39 -0.77
C GLU A 298 1.84 43.90 0.65
C GLU A 298 1.79 43.96 0.66
N ALA A 299 0.66 43.30 0.85
CA ALA A 299 0.32 42.85 2.20
C ALA A 299 1.26 41.74 2.64
N GLY A 300 1.63 40.85 1.73
CA GLY A 300 2.49 39.74 2.10
C GLY A 300 3.87 40.21 2.49
N GLN A 301 4.42 41.17 1.77
N GLN A 301 4.42 41.15 1.73
CA GLN A 301 5.72 41.68 2.15
CA GLN A 301 5.70 41.75 2.10
C GLN A 301 5.65 42.41 3.49
C GLN A 301 5.62 42.39 3.49
N ALA A 302 4.56 43.14 3.75
CA ALA A 302 4.44 43.80 5.04
C ALA A 302 4.39 42.78 6.17
N LYS A 303 3.66 41.69 5.97
CA LYS A 303 3.56 40.67 7.02
C LYS A 303 4.88 39.96 7.22
N GLU A 304 5.58 39.62 6.14
CA GLU A 304 6.87 38.96 6.31
C GLU A 304 7.90 39.89 6.94
N SER A 305 7.93 41.16 6.53
N SER A 305 7.91 41.17 6.54
CA SER A 305 8.86 42.09 7.15
CA SER A 305 8.85 42.10 7.14
C SER A 305 8.58 42.22 8.64
C SER A 305 8.59 42.26 8.63
N ALA A 306 7.32 42.30 9.04
CA ALA A 306 6.99 42.34 10.45
C ALA A 306 7.51 41.10 11.17
N TRP A 307 7.38 39.94 10.53
CA TRP A 307 7.89 38.71 11.14
C TRP A 307 9.41 38.75 11.23
N ASN A 308 10.09 39.25 10.19
CA ASN A 308 11.54 39.34 10.24
C ASN A 308 11.99 40.21 11.41
N GLU A 309 11.28 41.30 11.66
N GLU A 309 11.24 41.27 11.71
CA GLU A 309 11.63 42.18 12.75
CA GLU A 309 11.53 42.11 12.88
C GLU A 309 11.36 41.50 14.09
C GLU A 309 11.36 41.32 14.16
N LYS A 310 10.33 40.67 14.16
N LYS A 310 10.25 40.59 14.28
CA LYS A 310 10.07 39.85 15.34
CA LYS A 310 10.03 39.76 15.46
C LYS A 310 11.18 38.84 15.57
C LYS A 310 11.13 38.72 15.62
N PHE A 311 11.59 38.16 14.50
CA PHE A 311 12.65 37.16 14.60
C PHE A 311 13.96 37.82 15.02
N ALA A 312 14.26 39.02 14.52
CA ALA A 312 15.47 39.72 14.93
C ALA A 312 15.47 39.99 16.42
N ALA A 313 14.32 40.39 16.96
CA ALA A 313 14.22 40.63 18.40
C ALA A 313 14.36 39.34 19.19
N TYR A 314 13.78 38.26 18.69
CA TYR A 314 13.96 36.95 19.30
C TYR A 314 15.43 36.57 19.34
N ALA A 315 16.14 36.78 18.23
CA ALA A 315 17.55 36.40 18.16
C ALA A 315 18.40 37.19 19.12
N LYS A 316 18.05 38.45 19.41
N LYS A 316 18.07 38.46 19.38
CA LYS A 316 18.81 39.20 20.41
CA LYS A 316 18.78 39.21 20.40
C LYS A 316 18.61 38.64 21.80
C LYS A 316 18.63 38.55 21.76
N ALA A 317 17.40 38.15 22.11
CA ALA A 317 17.10 37.61 23.43
C ALA A 317 17.50 36.15 23.60
N TYR A 318 17.46 35.39 22.49
CA TYR A 318 17.66 33.94 22.48
C TYR A 318 18.58 33.60 21.31
N PRO A 319 19.85 34.01 21.38
CA PRO A 319 20.72 33.85 20.20
C PRO A 319 20.97 32.40 19.78
N GLN A 320 21.21 31.51 20.73
CA GLN A 320 21.49 30.12 20.37
C GLN A 320 20.24 29.47 19.78
N GLU A 321 19.07 29.74 20.35
CA GLU A 321 17.83 29.19 19.85
C GLU A 321 17.55 29.71 18.45
N ALA A 322 17.79 31.00 18.22
CA ALA A 322 17.54 31.56 16.89
C ALA A 322 18.45 30.91 15.84
N ALA A 323 19.72 30.70 16.18
CA ALA A 323 20.62 30.04 15.25
C ALA A 323 20.14 28.63 14.94
N GLU A 324 19.65 27.91 15.95
CA GLU A 324 19.11 26.57 15.73
C GLU A 324 17.86 26.63 14.86
N PHE A 325 17.00 27.61 15.07
CA PHE A 325 15.80 27.74 14.24
C PHE A 325 16.17 27.91 12.77
N THR A 326 17.10 28.81 12.50
CA THR A 326 17.50 29.05 11.12
C THR A 326 18.13 27.79 10.51
N ARG A 327 19.04 27.15 11.25
CA ARG A 327 19.67 25.93 10.75
C ARG A 327 18.64 24.88 10.40
N ARG A 328 17.71 24.65 11.33
CA ARG A 328 16.72 23.60 11.15
C ARG A 328 15.72 23.93 10.04
N MET A 329 15.29 25.19 9.94
CA MET A 329 14.36 25.54 8.85
C MET A 329 15.03 25.41 7.50
N LYS A 330 16.34 25.61 7.43
CA LYS A 330 17.09 25.41 6.19
C LYS A 330 17.39 23.93 5.89
N GLY A 331 17.16 23.04 6.84
CA GLY A 331 17.48 21.63 6.63
C GLY A 331 18.94 21.31 6.68
N GLU A 332 19.76 22.20 7.24
N GLU A 332 19.75 22.20 7.28
CA GLU A 332 21.19 21.97 7.34
CA GLU A 332 21.20 22.06 7.33
C GLU A 332 21.54 21.08 8.52
C GLU A 332 21.63 21.30 8.58
N MET A 333 22.64 20.36 8.38
N MET A 333 22.60 20.39 8.40
CA MET A 333 23.17 19.52 9.44
CA MET A 333 23.07 19.56 9.48
C MET A 333 24.00 20.37 10.39
C MET A 333 24.04 20.32 10.37
N PRO A 334 24.16 19.93 11.64
CA PRO A 334 25.16 20.56 12.51
C PRO A 334 26.54 20.41 11.89
N SER A 335 27.37 21.44 12.03
CA SER A 335 28.67 21.43 11.37
C SER A 335 29.57 20.30 11.85
N ASP A 336 29.43 19.87 13.10
N ASP A 336 29.43 19.88 13.10
CA ASP A 336 30.28 18.81 13.64
CA ASP A 336 30.26 18.82 13.65
C ASP A 336 29.63 17.43 13.57
C ASP A 336 29.63 17.44 13.56
N PHE A 337 28.46 17.30 12.93
CA PHE A 337 27.78 16.02 12.92
C PHE A 337 28.60 14.95 12.21
N ASP A 338 29.14 15.27 11.04
CA ASP A 338 29.89 14.28 10.28
C ASP A 338 31.03 13.72 11.12
N ALA A 339 31.80 14.60 11.76
CA ALA A 339 32.94 14.14 12.54
C ALA A 339 32.49 13.29 13.72
N LYS A 340 31.43 13.73 14.43
N LYS A 340 31.44 13.73 14.44
CA LYS A 340 30.99 12.99 15.60
CA LYS A 340 30.99 12.98 15.61
C LYS A 340 30.40 11.64 15.21
C LYS A 340 30.39 11.64 15.22
N ALA A 341 29.66 11.59 14.11
CA ALA A 341 29.09 10.33 13.67
C ALA A 341 30.20 9.37 13.23
N LYS A 342 31.23 9.89 12.54
CA LYS A 342 32.35 9.04 12.17
C LYS A 342 33.07 8.48 13.39
N GLU A 343 33.20 9.29 14.44
N GLU A 343 33.19 9.28 14.45
CA GLU A 343 33.82 8.82 15.68
CA GLU A 343 33.83 8.79 15.67
C GLU A 343 33.01 7.69 16.28
C GLU A 343 33.01 7.69 16.30
N PHE A 344 31.68 7.81 16.26
CA PHE A 344 30.82 6.75 16.78
C PHE A 344 31.00 5.47 15.97
N ILE A 345 30.98 5.59 14.64
CA ILE A 345 31.15 4.44 13.78
C ILE A 345 32.48 3.74 14.05
N ALA A 346 33.55 4.52 14.19
CA ALA A 346 34.86 3.94 14.47
C ALA A 346 34.87 3.21 15.81
N LYS A 347 34.19 3.76 16.81
N LYS A 347 34.22 3.79 16.84
CA LYS A 347 34.14 3.12 18.12
CA LYS A 347 34.13 3.12 18.13
C LYS A 347 33.40 1.79 18.04
C LYS A 347 33.45 1.77 17.98
N LEU A 348 32.36 1.72 17.22
CA LEU A 348 31.66 0.45 17.05
C LEU A 348 32.55 -0.58 16.40
N GLN A 349 33.29 -0.18 15.37
CA GLN A 349 34.16 -1.15 14.70
C GLN A 349 35.22 -1.68 15.65
N ALA A 350 35.72 -0.85 16.55
CA ALA A 350 36.76 -1.23 17.50
C ALA A 350 36.24 -2.01 18.71
N ASN A 351 34.93 -2.09 18.89
N ASN A 351 34.92 -1.99 19.01
CA ASN A 351 34.34 -2.67 20.09
CA ASN A 351 34.31 -2.66 20.17
C ASN A 351 33.19 -3.56 19.67
C ASN A 351 33.19 -3.53 19.62
N PRO A 352 33.51 -4.72 19.11
CA PRO A 352 32.48 -5.54 18.46
C PRO A 352 31.36 -5.98 19.39
N ALA A 353 30.17 -6.07 18.81
CA ALA A 353 28.99 -6.54 19.50
C ALA A 353 28.16 -7.32 18.50
N LYS A 354 27.58 -8.43 18.96
CA LYS A 354 26.64 -9.25 18.19
C LYS A 354 25.25 -8.91 18.70
N ILE A 355 24.56 -8.03 17.98
CA ILE A 355 23.25 -7.54 18.38
C ILE A 355 22.40 -7.48 17.11
N ALA A 356 21.09 -7.42 17.28
CA ALA A 356 20.20 -7.32 16.14
C ALA A 356 20.40 -5.95 15.50
N SER A 357 20.22 -5.85 14.19
CA SER A 357 20.37 -4.53 13.62
C SER A 357 19.23 -3.60 14.04
N ARG A 358 18.10 -4.12 14.51
CA ARG A 358 17.11 -3.22 15.13
C ARG A 358 17.67 -2.55 16.38
N LYS A 359 18.48 -3.29 17.15
N LYS A 359 18.48 -3.29 17.15
CA LYS A 359 19.10 -2.71 18.34
CA LYS A 359 19.10 -2.71 18.34
C LYS A 359 20.21 -1.76 17.94
C LYS A 359 20.24 -1.77 17.96
N ALA A 360 20.98 -2.12 16.91
CA ALA A 360 22.01 -1.21 16.42
C ALA A 360 21.40 0.09 15.93
N SER A 361 20.20 0.02 15.35
CA SER A 361 19.46 1.21 14.96
C SER A 361 19.11 2.07 16.16
N GLN A 362 18.53 1.44 17.20
CA GLN A 362 18.26 2.19 18.43
C GLN A 362 19.53 2.85 18.96
N ASN A 363 20.66 2.14 18.90
CA ASN A 363 21.90 2.69 19.43
C ASN A 363 22.36 3.88 18.60
N ALA A 364 22.12 3.87 17.30
CA ALA A 364 22.43 5.03 16.47
C ALA A 364 21.52 6.20 16.78
N ILE A 365 20.22 5.93 16.99
CA ILE A 365 19.31 7.00 17.41
C ILE A 365 19.81 7.62 18.72
N GLU A 366 20.22 6.77 19.66
CA GLU A 366 20.73 7.26 20.93
C GLU A 366 21.96 8.13 20.74
N ALA A 367 22.88 7.70 19.87
CA ALA A 367 24.09 8.48 19.61
C ALA A 367 23.79 9.79 18.90
N PHE A 368 22.86 9.77 17.96
N PHE A 368 22.86 9.77 17.96
CA PHE A 368 22.56 10.95 17.15
CA PHE A 368 22.60 10.95 17.15
C PHE A 368 21.64 11.91 17.87
C PHE A 368 21.55 11.87 17.77
N GLY A 369 20.77 11.39 18.74
CA GLY A 369 19.71 12.18 19.35
C GLY A 369 20.17 13.50 19.94
N PRO A 370 21.24 13.49 20.73
CA PRO A 370 21.73 14.76 21.30
C PRO A 370 22.25 15.73 20.26
N LEU A 371 22.65 15.22 19.10
CA LEU A 371 23.20 16.04 18.03
C LEU A 371 22.15 16.58 17.07
N LEU A 372 20.98 15.93 16.99
CA LEU A 372 19.94 16.22 16.02
C LEU A 372 18.64 16.52 16.75
N PRO A 373 18.56 17.70 17.38
CA PRO A 373 17.30 18.11 18.03
C PRO A 373 16.13 18.22 17.06
N GLU A 374 16.41 18.27 15.75
CA GLU A 374 15.37 18.26 14.73
C GLU A 374 14.67 16.91 14.59
N PHE A 375 15.16 15.83 15.19
CA PHE A 375 14.44 14.57 15.03
C PHE A 375 12.98 14.72 15.49
N LEU A 376 12.08 14.17 14.70
CA LEU A 376 10.68 14.02 15.11
C LEU A 376 10.34 12.60 14.65
N GLY A 377 10.52 11.64 15.55
CA GLY A 377 10.48 10.24 15.21
C GLY A 377 9.23 9.55 15.74
N GLY A 378 8.99 8.33 15.29
CA GLY A 378 7.89 7.55 15.84
C GLY A 378 7.82 6.17 15.24
N SER A 379 6.86 5.42 15.74
CA SER A 379 6.57 4.07 15.30
C SER A 379 5.07 3.87 15.30
N ALA A 380 4.59 3.02 14.40
CA ALA A 380 3.19 2.66 14.29
C ALA A 380 2.85 1.56 15.31
N ASP A 381 2.79 1.97 16.58
CA ASP A 381 2.44 1.09 17.70
C ASP A 381 3.44 -0.03 17.91
N LEU A 382 4.71 0.20 17.56
CA LEU A 382 5.73 -0.84 17.69
C LEU A 382 6.99 -0.32 18.35
N ALA A 383 6.89 0.69 19.21
CA ALA A 383 8.09 1.20 19.85
C ALA A 383 8.93 0.11 20.51
N PRO A 384 8.37 -0.83 21.27
CA PRO A 384 9.23 -1.80 21.96
C PRO A 384 9.77 -2.89 21.06
N SER A 385 9.33 -2.96 19.82
CA SER A 385 9.76 -3.97 18.86
CA SER A 385 9.77 -3.97 18.85
C SER A 385 10.66 -3.39 17.77
N ASN A 386 10.28 -2.22 17.24
CA ASN A 386 11.10 -1.50 16.28
C ASN A 386 12.29 -0.81 16.95
N LEU A 387 12.19 -0.51 18.25
CA LEU A 387 13.27 0.09 19.05
C LEU A 387 13.56 1.52 18.61
N THR A 388 12.49 2.33 18.55
CA THR A 388 12.54 3.70 18.10
C THR A 388 12.70 4.74 19.23
N LEU A 389 12.61 4.33 20.49
CA LEU A 389 12.81 5.27 21.59
C LEU A 389 14.28 5.29 21.98
N TRP A 390 14.77 6.48 22.30
CA TRP A 390 16.08 6.63 22.93
C TRP A 390 15.87 7.35 24.26
N SER A 391 16.93 7.54 25.03
CA SER A 391 16.77 8.05 26.38
C SER A 391 16.16 9.44 26.41
N GLY A 392 16.36 10.21 25.34
CA GLY A 392 15.85 11.55 25.21
C GLY A 392 14.53 11.66 24.48
N SER A 393 13.88 10.55 24.13
CA SER A 393 12.59 10.65 23.48
C SER A 393 11.55 11.21 24.44
N LYS A 394 10.72 12.12 23.91
N LYS A 394 10.72 12.11 23.92
CA LYS A 394 9.63 12.76 24.64
CA LYS A 394 9.60 12.64 24.69
C LYS A 394 8.43 12.74 23.71
C LYS A 394 8.42 12.75 23.76
N ALA A 395 7.36 12.01 24.07
CA ALA A 395 6.20 11.92 23.19
C ALA A 395 5.42 13.22 23.18
N ILE A 396 5.02 13.65 21.99
CA ILE A 396 4.38 14.95 21.85
C ILE A 396 2.95 14.96 22.40
N ASN A 397 2.33 13.79 22.62
CA ASN A 397 1.04 13.77 23.30
C ASN A 397 1.19 14.05 24.79
N GLU A 398 2.40 13.92 25.32
CA GLU A 398 2.71 14.24 26.72
C GLU A 398 3.35 15.61 26.88
N ASP A 399 4.19 16.01 25.94
CA ASP A 399 4.92 17.27 26.01
C ASP A 399 4.98 17.80 24.60
N ALA A 400 4.27 18.90 24.32
CA ALA A 400 4.19 19.39 22.97
C ALA A 400 5.53 19.80 22.38
N ALA A 401 6.54 20.07 23.21
CA ALA A 401 7.88 20.39 22.74
C ALA A 401 8.75 19.15 22.54
N GLY A 402 8.16 17.98 22.55
CA GLY A 402 8.88 16.74 22.39
C GLY A 402 9.30 16.44 20.96
N ASN A 403 9.70 15.18 20.77
CA ASN A 403 10.44 14.74 19.59
C ASN A 403 10.02 13.36 19.13
N TYR A 404 8.90 12.84 19.64
CA TYR A 404 8.49 11.48 19.38
C TYR A 404 6.97 11.44 19.21
N ILE A 405 6.50 10.64 18.26
CA ILE A 405 5.07 10.49 17.97
C ILE A 405 4.69 9.02 18.10
N HIS A 406 3.75 8.75 18.99
CA HIS A 406 3.03 7.46 19.00
C HIS A 406 1.99 7.51 17.89
N TYR A 407 2.31 6.91 16.74
CA TYR A 407 1.43 7.02 15.58
C TYR A 407 0.22 6.11 15.65
N GLY A 408 0.20 5.13 16.55
CA GLY A 408 -0.82 4.11 16.52
C GLY A 408 -0.65 3.22 15.29
N VAL A 409 -1.66 2.37 15.06
CA VAL A 409 -1.60 1.35 14.00
C VAL A 409 -2.10 1.99 12.70
N ARG A 410 -1.22 2.82 12.14
CA ARG A 410 -1.55 3.78 11.08
C ARG A 410 -0.36 3.94 10.16
N GLU A 411 0.07 2.88 9.47
CA GLU A 411 1.34 2.92 8.77
C GLU A 411 1.33 3.91 7.61
N PHE A 412 0.26 3.89 6.81
CA PHE A 412 0.17 4.78 5.65
C PHE A 412 0.06 6.22 6.11
N GLY A 413 -0.84 6.47 7.05
CA GLY A 413 -0.98 7.80 7.60
C GLY A 413 0.29 8.31 8.23
N MET A 414 0.98 7.47 9.00
CA MET A 414 2.26 7.84 9.60
C MET A 414 3.22 8.36 8.53
N THR A 415 3.35 7.59 7.45
CA THR A 415 4.37 7.89 6.46
C THR A 415 4.04 9.19 5.72
N ALA A 416 2.76 9.38 5.38
CA ALA A 416 2.34 10.60 4.71
C ALA A 416 2.32 11.81 5.65
N ILE A 417 2.03 11.60 6.93
CA ILE A 417 2.24 12.66 7.93
C ILE A 417 3.70 13.06 7.95
N ALA A 418 4.59 12.09 7.98
CA ALA A 418 6.03 12.39 7.99
C ALA A 418 6.45 13.12 6.73
N ASN A 419 5.82 12.85 5.59
CA ASN A 419 6.08 13.66 4.39
C ASN A 419 5.71 15.11 4.66
N GLY A 420 4.57 15.36 5.31
CA GLY A 420 4.22 16.73 5.68
C GLY A 420 5.20 17.35 6.65
N ILE A 421 5.69 16.57 7.62
CA ILE A 421 6.70 17.06 8.55
C ILE A 421 7.96 17.49 7.81
N SER A 422 8.45 16.65 6.88
N SER A 422 8.44 16.63 6.91
CA SER A 422 9.66 17.01 6.14
CA SER A 422 9.63 16.97 6.12
C SER A 422 9.42 18.21 5.23
C SER A 422 9.38 18.25 5.31
N LEU A 423 8.23 18.30 4.62
CA LEU A 423 7.92 19.41 3.75
C LEU A 423 7.82 20.73 4.52
N HIS A 424 7.45 20.68 5.77
CA HIS A 424 7.24 21.90 6.55
C HIS A 424 8.55 22.64 6.76
N GLY A 425 9.62 21.90 7.01
CA GLY A 425 10.86 22.45 7.50
C GLY A 425 10.93 22.44 9.02
N GLY A 426 12.16 22.32 9.52
CA GLY A 426 12.44 22.39 10.93
C GLY A 426 12.73 21.05 11.58
N PHE A 427 12.40 19.95 10.91
CA PHE A 427 12.48 18.63 11.47
C PHE A 427 13.14 17.65 10.51
N LEU A 428 13.54 16.52 11.08
CA LEU A 428 14.04 15.35 10.36
C LEU A 428 13.18 14.19 10.87
N PRO A 429 12.16 13.76 10.13
CA PRO A 429 11.29 12.70 10.63
C PRO A 429 11.90 11.33 10.40
N TYR A 430 11.63 10.44 11.36
CA TYR A 430 11.82 9.02 11.13
C TYR A 430 10.52 8.32 11.49
N THR A 431 10.23 7.25 10.75
CA THR A 431 9.02 6.47 10.93
C THR A 431 9.42 5.00 11.02
N SER A 432 8.51 4.16 11.49
CA SER A 432 8.89 2.76 11.70
C SER A 432 7.68 1.86 11.80
N THR A 433 7.86 0.67 11.24
CA THR A 433 6.96 -0.46 11.42
C THR A 433 7.76 -1.72 11.04
N PHE A 434 7.11 -2.88 11.18
CA PHE A 434 7.69 -4.07 10.60
C PHE A 434 7.78 -3.90 9.10
N LEU A 435 8.86 -4.40 8.50
CA LEU A 435 9.07 -4.25 7.08
C LEU A 435 7.88 -4.69 6.24
N MET A 436 7.22 -5.81 6.59
CA MET A 436 6.09 -6.24 5.76
C MET A 436 5.13 -5.09 5.50
N PHE A 437 4.89 -4.30 6.54
CA PHE A 437 3.83 -3.31 6.49
C PHE A 437 4.25 -2.01 5.84
N VAL A 438 5.45 -1.97 5.25
CA VAL A 438 5.72 -0.99 4.20
C VAL A 438 4.65 -1.09 3.13
N GLU A 439 4.09 -2.29 2.93
CA GLU A 439 3.08 -2.45 1.89
C GLU A 439 1.83 -1.65 2.20
N TYR A 440 1.49 -1.45 3.48
CA TYR A 440 0.35 -0.60 3.83
C TYR A 440 0.65 0.85 3.47
N ALA A 441 1.89 1.27 3.58
CA ALA A 441 2.31 2.65 3.39
C ALA A 441 2.93 2.92 2.03
N ARG A 442 2.80 1.99 1.10
N ARG A 442 2.85 1.95 1.12
CA ARG A 442 3.72 1.94 -0.02
CA ARG A 442 3.74 1.94 -0.04
C ARG A 442 3.71 3.19 -0.89
C ARG A 442 3.72 3.26 -0.81
N ASN A 443 2.54 3.76 -1.15
CA ASN A 443 2.52 4.93 -2.03
C ASN A 443 3.05 6.17 -1.32
N ALA A 444 2.93 6.26 0.00
CA ALA A 444 3.53 7.39 0.71
C ALA A 444 5.05 7.32 0.70
N VAL A 445 5.60 6.11 0.74
CA VAL A 445 7.04 5.92 0.57
C VAL A 445 7.46 6.43 -0.81
N ARG A 446 6.70 6.03 -1.84
CA ARG A 446 6.99 6.49 -3.19
C ARG A 446 6.91 8.01 -3.27
N MET A 447 5.91 8.60 -2.63
CA MET A 447 5.75 10.04 -2.68
C MET A 447 6.92 10.76 -2.01
N ALA A 448 7.47 10.20 -0.93
CA ALA A 448 8.66 10.80 -0.33
C ALA A 448 9.81 10.84 -1.34
N ALA A 449 9.99 9.76 -2.08
CA ALA A 449 11.04 9.70 -3.09
C ALA A 449 10.76 10.68 -4.22
N LEU A 450 9.52 10.72 -4.73
CA LEU A 450 9.16 11.63 -5.81
C LEU A 450 9.37 13.08 -5.40
N MET A 451 9.00 13.42 -4.17
CA MET A 451 9.13 14.78 -3.66
C MET A 451 10.51 15.11 -3.14
N LYS A 452 11.45 14.18 -3.22
N LYS A 452 11.46 14.19 -3.26
CA LYS A 452 12.85 14.43 -2.85
CA LYS A 452 12.85 14.43 -2.85
C LYS A 452 13.00 14.76 -1.37
C LYS A 452 12.91 14.85 -1.37
N GLN A 453 12.18 14.12 -0.53
CA GLN A 453 12.12 14.43 0.89
C GLN A 453 13.00 13.52 1.72
N ARG A 454 13.60 14.13 2.73
N ARG A 454 13.66 14.13 2.70
CA ARG A 454 14.42 13.45 3.73
CA ARG A 454 14.45 13.38 3.67
C ARG A 454 13.53 12.87 4.83
C ARG A 454 13.55 12.86 4.79
N GLN A 455 13.52 11.55 4.93
CA GLN A 455 12.80 10.82 5.95
C GLN A 455 13.54 9.49 6.10
N VAL A 456 13.80 9.08 7.33
CA VAL A 456 14.41 7.78 7.58
C VAL A 456 13.29 6.82 7.97
N MET A 457 13.21 5.70 7.25
N MET A 457 13.12 5.78 7.17
CA MET A 457 12.13 4.73 7.38
CA MET A 457 12.15 4.73 7.41
C MET A 457 12.75 3.46 7.98
C MET A 457 12.88 3.57 8.06
N VAL A 458 12.42 3.18 9.24
CA VAL A 458 13.07 2.18 10.05
C VAL A 458 12.20 0.91 9.98
N TYR A 459 12.59 -0.06 9.17
CA TYR A 459 11.76 -1.22 8.91
C TYR A 459 12.43 -2.46 9.50
N THR A 460 11.87 -2.96 10.59
CA THR A 460 12.50 -4.06 11.31
C THR A 460 11.79 -5.38 11.00
N HIS A 461 12.39 -6.47 11.48
CA HIS A 461 11.82 -7.80 11.31
C HIS A 461 11.77 -8.14 9.81
N ASP A 462 12.98 -8.21 9.24
CA ASP A 462 13.16 -8.08 7.80
C ASP A 462 13.05 -9.36 7.00
N SER A 463 12.92 -10.53 7.60
CA SER A 463 12.97 -11.77 6.81
C SER A 463 12.33 -12.88 7.62
N ILE A 464 12.42 -14.09 7.07
CA ILE A 464 12.11 -15.31 7.81
C ILE A 464 12.84 -15.41 9.14
N GLY A 465 13.93 -14.64 9.32
CA GLY A 465 14.60 -14.58 10.61
C GLY A 465 13.70 -14.12 11.76
N LEU A 466 12.55 -13.51 11.47
CA LEU A 466 11.64 -13.16 12.55
C LEU A 466 10.94 -14.39 13.15
N GLY A 467 10.92 -15.52 12.43
CA GLY A 467 10.43 -16.76 13.02
C GLY A 467 8.91 -16.93 13.01
N GLU A 468 8.37 -17.23 14.18
CA GLU A 468 7.08 -17.92 14.31
C GLU A 468 5.87 -17.12 13.84
N ASP A 469 5.94 -15.80 13.74
CA ASP A 469 4.76 -15.07 13.28
C ASP A 469 4.35 -15.49 11.87
N GLY A 470 5.27 -16.02 11.04
CA GLY A 470 4.85 -16.68 9.82
C GLY A 470 4.70 -15.79 8.61
N PRO A 471 4.13 -16.37 7.55
CA PRO A 471 4.27 -15.77 6.20
C PRO A 471 3.55 -14.47 5.99
N THR A 472 2.53 -14.15 6.79
CA THR A 472 1.88 -12.85 6.67
C THR A 472 2.76 -11.71 7.15
N HIS A 473 3.79 -12.04 7.94
CA HIS A 473 4.71 -11.07 8.52
C HIS A 473 6.11 -11.12 7.94
N GLN A 474 6.53 -12.25 7.38
CA GLN A 474 7.91 -12.45 6.93
C GLN A 474 8.13 -11.83 5.55
N PRO A 475 8.89 -10.74 5.48
CA PRO A 475 9.16 -10.14 4.17
C PRO A 475 9.93 -11.11 3.29
N VAL A 476 9.64 -11.01 1.99
CA VAL A 476 10.36 -11.74 0.96
C VAL A 476 10.71 -10.77 -0.16
N GLU A 477 9.70 -10.16 -0.75
CA GLU A 477 9.85 -9.37 -1.97
C GLU A 477 9.80 -7.87 -1.75
N GLN A 478 9.66 -7.41 -0.51
CA GLN A 478 9.50 -6.00 -0.22
C GLN A 478 10.77 -5.20 -0.47
N VAL A 479 11.93 -5.75 -0.11
CA VAL A 479 13.18 -5.01 -0.30
C VAL A 479 13.44 -4.80 -1.77
N ALA A 480 13.22 -5.82 -2.59
CA ALA A 480 13.42 -5.69 -4.02
C ALA A 480 12.58 -4.56 -4.61
N SER A 481 11.35 -4.43 -4.15
N SER A 481 11.37 -4.38 -4.09
CA SER A 481 10.53 -3.34 -4.65
CA SER A 481 10.47 -3.35 -4.60
C SER A 481 11.11 -1.98 -4.26
C SER A 481 10.88 -1.94 -4.14
N LEU A 482 11.53 -1.83 -2.99
CA LEU A 482 12.17 -0.57 -2.57
C LEU A 482 13.40 -0.28 -3.43
N ARG A 483 14.20 -1.31 -3.71
CA ARG A 483 15.46 -1.11 -4.43
C ARG A 483 15.22 -0.59 -5.83
N VAL A 484 14.10 -0.90 -6.45
CA VAL A 484 13.85 -0.44 -7.82
C VAL A 484 13.00 0.83 -7.86
N THR A 485 12.76 1.45 -6.71
CA THR A 485 12.01 2.69 -6.68
C THR A 485 12.94 3.86 -6.96
N PRO A 486 12.66 4.68 -7.97
CA PRO A 486 13.53 5.82 -8.25
C PRO A 486 13.69 6.72 -7.02
N ASN A 487 14.93 7.14 -6.80
CA ASN A 487 15.30 8.07 -5.74
C ASN A 487 15.14 7.51 -4.33
N MET A 488 14.84 6.24 -4.16
N MET A 488 14.96 6.21 -4.18
CA MET A 488 14.88 5.64 -2.83
CA MET A 488 14.85 5.56 -2.88
C MET A 488 16.30 5.20 -2.52
C MET A 488 16.23 5.03 -2.49
N SER A 489 16.68 5.28 -1.26
CA SER A 489 17.89 4.64 -0.77
C SER A 489 17.45 3.54 0.19
N THR A 490 18.05 2.35 0.05
CA THR A 490 17.68 1.19 0.84
C THR A 490 18.96 0.55 1.36
N TRP A 491 19.04 0.38 2.68
CA TRP A 491 20.20 -0.20 3.33
C TRP A 491 19.78 -1.42 4.14
N ARG A 492 20.52 -2.52 3.98
CA ARG A 492 20.28 -3.76 4.73
C ARG A 492 21.58 -4.12 5.44
N PRO A 493 21.84 -3.48 6.57
CA PRO A 493 23.17 -3.60 7.22
C PRO A 493 23.38 -4.97 7.82
N CYS A 494 24.64 -5.41 7.78
CA CYS A 494 24.98 -6.76 8.24
C CYS A 494 25.40 -6.84 9.70
N ASP A 495 25.62 -5.70 10.34
CA ASP A 495 26.08 -5.66 11.72
C ASP A 495 25.88 -4.25 12.25
N GLN A 496 26.33 -4.02 13.49
CA GLN A 496 26.03 -2.75 14.13
C GLN A 496 26.76 -1.59 13.47
N VAL A 497 27.91 -1.88 12.83
CA VAL A 497 28.71 -0.87 12.19
C VAL A 497 28.04 -0.41 10.90
N GLU A 498 27.68 -1.37 10.04
CA GLU A 498 26.93 -1.00 8.85
C GLU A 498 25.64 -0.28 9.23
N SER A 499 25.02 -0.65 10.36
CA SER A 499 23.77 -0.01 10.75
C SER A 499 23.97 1.47 11.03
N ALA A 500 25.06 1.80 11.74
CA ALA A 500 25.36 3.20 12.04
C ALA A 500 25.70 3.98 10.77
N VAL A 501 26.45 3.35 9.84
CA VAL A 501 26.76 4.01 8.58
C VAL A 501 25.47 4.30 7.81
N ALA A 502 24.56 3.35 7.78
CA ALA A 502 23.29 3.53 7.07
C ALA A 502 22.46 4.65 7.69
N TRP A 503 22.39 4.70 9.02
CA TRP A 503 21.70 5.79 9.70
C TRP A 503 22.33 7.14 9.34
N LYS A 504 23.67 7.21 9.35
CA LYS A 504 24.35 8.44 8.99
C LYS A 504 24.01 8.85 7.56
N TYR A 505 24.02 7.88 6.64
CA TYR A 505 23.67 8.14 5.26
C TYR A 505 22.27 8.71 5.16
N GLY A 506 21.34 8.11 5.89
CA GLY A 506 19.95 8.55 5.83
C GLY A 506 19.75 9.97 6.32
N VAL A 507 20.36 10.32 7.46
CA VAL A 507 20.16 11.66 7.98
C VAL A 507 20.88 12.70 7.16
N GLU A 508 21.94 12.31 6.45
CA GLU A 508 22.69 13.25 5.61
C GLU A 508 22.12 13.39 4.20
N ARG A 509 21.19 12.53 3.79
N ARG A 509 21.12 12.62 3.83
CA ARG A 509 20.55 12.80 2.51
CA ARG A 509 20.63 12.62 2.44
C ARG A 509 19.89 14.17 2.51
C ARG A 509 19.62 13.77 2.24
N GLN A 510 20.00 14.84 1.42
CA GLN A 510 19.32 16.13 1.28
C GLN A 510 18.17 16.08 0.32
N ASP A 511 18.03 14.97 -0.39
CA ASP A 511 17.16 14.99 -1.56
C ASP A 511 16.37 13.69 -1.72
N GLY A 512 16.18 12.92 -0.65
CA GLY A 512 15.31 11.80 -0.72
C GLY A 512 15.39 10.95 0.52
N PRO A 513 14.54 9.94 0.58
CA PRO A 513 14.37 9.13 1.79
C PRO A 513 15.30 7.94 1.82
N THR A 514 15.38 7.34 3.00
CA THR A 514 16.26 6.19 3.23
C THR A 514 15.54 5.16 4.07
N ALA A 515 15.41 3.95 3.53
CA ALA A 515 14.82 2.83 4.24
C ALA A 515 15.92 1.96 4.82
N LEU A 516 15.80 1.67 6.11
CA LEU A 516 16.68 0.78 6.81
C LEU A 516 15.98 -0.55 7.01
N ILE A 517 16.65 -1.62 6.61
CA ILE A 517 16.12 -2.97 6.58
C ILE A 517 16.83 -3.74 7.69
N LEU A 518 16.11 -3.99 8.79
CA LEU A 518 16.74 -4.33 10.06
C LEU A 518 16.22 -5.65 10.60
N SER A 519 17.10 -6.40 11.24
CA SER A 519 16.78 -7.73 11.70
C SER A 519 16.15 -7.75 13.09
N ARG A 520 15.33 -8.79 13.28
N ARG A 520 15.36 -8.80 13.33
CA ARG A 520 14.87 -9.17 14.61
CA ARG A 520 14.92 -9.10 14.69
C ARG A 520 16.02 -9.74 15.42
C ARG A 520 16.05 -9.77 15.46
N GLN A 521 16.82 -10.61 14.80
CA GLN A 521 17.77 -11.50 15.45
C GLN A 521 19.19 -10.93 15.44
N ASN A 522 20.01 -11.43 16.35
CA ASN A 522 21.37 -10.90 16.51
C ASN A 522 22.23 -11.19 15.29
N LEU A 523 23.05 -10.21 14.91
CA LEU A 523 23.96 -10.27 13.76
C LEU A 523 25.41 -10.15 14.25
N ALA A 524 26.26 -11.05 13.79
CA ALA A 524 27.67 -11.00 14.13
C ALA A 524 28.34 -9.79 13.50
N GLN A 525 29.30 -9.21 14.22
CA GLN A 525 30.08 -8.12 13.65
C GLN A 525 31.25 -8.64 12.82
N GLN A 526 31.45 -8.02 11.66
CA GLN A 526 32.55 -8.35 10.78
C GLN A 526 33.76 -7.48 11.09
N GLU A 527 34.93 -8.08 10.95
N GLU A 527 34.94 -8.11 10.96
CA GLU A 527 36.18 -7.33 11.06
CA GLU A 527 36.22 -7.42 10.99
C GLU A 527 36.43 -6.56 9.78
C GLU A 527 36.36 -6.53 9.75
N ARG A 528 36.98 -5.35 9.93
CA ARG A 528 37.21 -4.46 8.81
C ARG A 528 38.52 -3.71 9.00
N THR A 529 39.24 -3.55 7.89
CA THR A 529 40.33 -2.60 7.82
C THR A 529 39.77 -1.18 7.78
N GLU A 530 40.66 -0.19 7.90
N GLU A 530 40.67 -0.19 7.91
CA GLU A 530 40.23 1.19 7.79
CA GLU A 530 40.23 1.20 7.81
C GLU A 530 39.60 1.46 6.44
C GLU A 530 39.61 1.48 6.44
N GLU A 531 40.17 0.90 5.38
CA GLU A 531 39.63 1.12 4.05
C GLU A 531 38.22 0.52 3.92
N GLN A 532 38.05 -0.71 4.42
CA GLN A 532 36.73 -1.34 4.36
C GLN A 532 35.72 -0.55 5.18
N LEU A 533 36.12 -0.09 6.37
CA LEU A 533 35.22 0.69 7.20
C LEU A 533 34.75 1.93 6.46
N ALA A 534 35.67 2.64 5.80
CA ALA A 534 35.32 3.83 5.03
C ALA A 534 34.44 3.49 3.84
N ASN A 535 34.60 2.30 3.28
CA ASN A 535 33.87 1.94 2.08
C ASN A 535 32.47 1.39 2.34
N ILE A 536 32.06 1.18 3.59
CA ILE A 536 30.68 0.79 3.84
C ILE A 536 29.74 1.81 3.20
N ALA A 537 30.06 3.10 3.34
CA ALA A 537 29.21 4.16 2.83
C ALA A 537 29.08 4.15 1.32
N ARG A 538 29.94 3.41 0.62
CA ARG A 538 29.85 3.23 -0.82
C ARG A 538 28.87 2.14 -1.22
N GLY A 539 28.18 1.52 -0.25
CA GLY A 539 27.06 0.64 -0.52
C GLY A 539 27.41 -0.80 -0.82
N GLY A 540 28.55 -1.03 -1.44
CA GLY A 540 29.06 -2.37 -1.68
C GLY A 540 30.56 -2.31 -1.57
N TYR A 541 31.16 -3.33 -0.97
CA TYR A 541 32.61 -3.32 -0.77
C TYR A 541 33.09 -4.74 -0.59
N VAL A 542 34.39 -4.92 -0.81
CA VAL A 542 35.05 -6.20 -0.61
C VAL A 542 35.29 -6.40 0.88
N LEU A 543 34.64 -7.41 1.45
CA LEU A 543 34.74 -7.74 2.85
C LEU A 543 35.79 -8.83 3.10
N LYS A 544 35.81 -9.88 2.27
CA LYS A 544 36.80 -10.94 2.35
C LYS A 544 37.34 -11.14 0.94
N ASP A 545 38.62 -11.45 0.84
CA ASP A 545 39.23 -11.46 -0.49
C ASP A 545 40.20 -12.61 -0.63
N CYS A 546 40.75 -12.69 -1.84
CA CYS A 546 41.81 -13.62 -2.20
C CYS A 546 42.93 -12.81 -2.82
N ALA A 547 44.08 -13.47 -2.99
CA ALA A 547 45.16 -12.90 -3.77
C ALA A 547 44.83 -13.12 -5.24
N GLY A 548 45.01 -12.08 -6.04
CA GLY A 548 44.74 -12.19 -7.46
C GLY A 548 43.26 -12.12 -7.77
N GLN A 549 42.96 -12.30 -9.05
N GLN A 549 42.96 -12.31 -9.04
CA GLN A 549 41.58 -12.25 -9.53
CA GLN A 549 41.58 -12.21 -9.52
C GLN A 549 40.76 -13.35 -8.88
C GLN A 549 40.74 -13.34 -8.92
N PRO A 550 39.59 -13.05 -8.31
CA PRO A 550 38.75 -14.13 -7.77
C PRO A 550 38.25 -15.06 -8.87
N GLU A 551 38.08 -16.32 -8.48
CA GLU A 551 37.36 -17.34 -9.22
CA GLU A 551 37.32 -17.21 -9.32
C GLU A 551 35.87 -17.36 -8.88
N LEU A 552 35.51 -16.82 -7.72
CA LEU A 552 34.17 -16.95 -7.16
C LEU A 552 33.93 -15.74 -6.29
N ILE A 553 32.78 -15.08 -6.47
CA ILE A 553 32.42 -13.95 -5.63
C ILE A 553 31.04 -14.19 -5.02
N PHE A 554 30.98 -14.20 -3.69
CA PHE A 554 29.70 -14.14 -2.99
C PHE A 554 29.30 -12.68 -2.82
N ILE A 555 28.03 -12.38 -3.04
CA ILE A 555 27.44 -11.07 -2.81
C ILE A 555 26.36 -11.28 -1.76
N ALA A 556 26.47 -10.65 -0.61
CA ALA A 556 25.54 -10.90 0.48
C ALA A 556 25.16 -9.60 1.16
N THR A 557 24.01 -9.66 1.84
CA THR A 557 23.49 -8.50 2.54
C THR A 557 23.03 -8.93 3.93
N GLY A 558 22.96 -7.95 4.82
CA GLY A 558 22.26 -8.11 6.07
C GLY A 558 22.67 -9.35 6.82
N SER A 559 21.66 -10.05 7.33
CA SER A 559 21.87 -11.22 8.15
C SER A 559 22.57 -12.36 7.41
N GLU A 560 22.63 -12.32 6.07
CA GLU A 560 23.24 -13.40 5.31
C GLU A 560 24.74 -13.22 5.07
N VAL A 561 25.31 -12.08 5.47
CA VAL A 561 26.76 -11.93 5.31
C VAL A 561 27.51 -13.00 6.10
N GLU A 562 27.09 -13.31 7.32
N GLU A 562 27.11 -13.27 7.33
CA GLU A 562 27.83 -14.28 8.11
CA GLU A 562 27.79 -14.30 8.12
C GLU A 562 27.82 -15.66 7.43
C GLU A 562 27.84 -15.62 7.36
N LEU A 563 26.68 -16.03 6.84
CA LEU A 563 26.58 -17.27 6.08
C LEU A 563 27.53 -17.26 4.88
N ALA A 564 27.54 -16.17 4.12
CA ALA A 564 28.45 -16.08 2.98
C ALA A 564 29.91 -16.17 3.42
N VAL A 565 30.26 -15.52 4.53
CA VAL A 565 31.62 -15.62 5.05
C VAL A 565 31.96 -17.06 5.40
N ALA A 566 31.05 -17.79 6.02
CA ALA A 566 31.32 -19.17 6.38
C ALA A 566 31.55 -20.02 5.15
N ALA A 567 30.77 -19.80 4.09
CA ALA A 567 31.00 -20.52 2.84
C ALA A 567 32.35 -20.14 2.22
N TYR A 568 32.66 -18.85 2.24
CA TYR A 568 33.98 -18.37 1.81
C TYR A 568 35.09 -19.07 2.56
N GLU A 569 34.96 -19.23 3.88
CA GLU A 569 36.05 -19.86 4.61
C GLU A 569 36.24 -21.30 4.18
N LYS A 570 35.14 -22.01 3.96
N LYS A 570 35.15 -22.04 4.00
CA LYS A 570 35.24 -23.42 3.58
CA LYS A 570 35.26 -23.42 3.57
C LYS A 570 35.87 -23.57 2.20
C LYS A 570 35.95 -23.50 2.21
N LEU A 571 35.47 -22.72 1.25
CA LEU A 571 36.01 -22.81 -0.10
C LEU A 571 37.45 -22.30 -0.15
N THR A 572 37.77 -21.26 0.63
CA THR A 572 39.14 -20.76 0.69
C THR A 572 40.07 -21.86 1.19
N ALA A 573 39.64 -22.60 2.20
CA ALA A 573 40.47 -23.68 2.73
C ALA A 573 40.69 -24.79 1.72
N GLU A 574 39.75 -25.03 0.81
CA GLU A 574 39.94 -25.98 -0.29
C GLU A 574 40.85 -25.44 -1.36
N GLY A 575 41.14 -24.15 -1.34
CA GLY A 575 42.00 -23.54 -2.34
C GLY A 575 41.29 -22.76 -3.43
N VAL A 576 40.03 -22.44 -3.25
CA VAL A 576 39.33 -21.56 -4.20
C VAL A 576 39.72 -20.13 -3.94
N LYS A 577 39.96 -19.39 -5.01
N LYS A 577 39.92 -19.36 -5.02
CA LYS A 577 40.16 -17.94 -4.93
CA LYS A 577 40.17 -17.93 -4.94
C LYS A 577 38.79 -17.32 -4.82
C LYS A 577 38.81 -17.23 -4.82
N ALA A 578 38.33 -17.14 -3.58
CA ALA A 578 37.00 -16.65 -3.28
C ALA A 578 37.04 -15.24 -2.69
N ARG A 579 35.93 -14.54 -2.85
CA ARG A 579 35.71 -13.20 -2.33
C ARG A 579 34.31 -13.11 -1.76
N VAL A 580 34.14 -12.29 -0.72
CA VAL A 580 32.82 -11.90 -0.24
C VAL A 580 32.68 -10.40 -0.39
N VAL A 581 31.62 -9.99 -1.05
CA VAL A 581 31.19 -8.60 -1.16
C VAL A 581 30.00 -8.41 -0.23
N SER A 582 30.09 -7.44 0.67
CA SER A 582 28.94 -7.01 1.43
C SER A 582 28.28 -5.87 0.67
N MET A 583 26.98 -5.97 0.44
CA MET A 583 26.23 -5.01 -0.37
CA MET A 583 26.26 -4.97 -0.35
C MET A 583 25.11 -4.40 0.46
N PRO A 584 25.41 -3.62 1.49
CA PRO A 584 24.33 -3.05 2.29
C PRO A 584 23.41 -2.12 1.50
N SER A 585 23.91 -1.42 0.48
CA SER A 585 23.04 -0.56 -0.31
C SER A 585 23.39 -0.65 -1.79
N THR A 586 22.49 -1.25 -2.55
CA THR A 586 22.64 -1.32 -3.99
C THR A 586 22.60 0.07 -4.62
N ASP A 587 21.76 0.97 -4.11
CA ASP A 587 21.69 2.29 -4.72
C ASP A 587 22.98 3.07 -4.50
N ALA A 588 23.55 3.01 -3.31
CA ALA A 588 24.80 3.72 -3.07
C ALA A 588 25.91 3.09 -3.89
N PHE A 589 25.91 1.77 -4.04
CA PHE A 589 26.92 1.11 -4.86
C PHE A 589 26.81 1.54 -6.31
N ASP A 590 25.59 1.56 -6.84
CA ASP A 590 25.38 1.87 -8.25
C ASP A 590 25.85 3.28 -8.58
N LYS A 591 25.80 4.20 -7.61
CA LYS A 591 26.24 5.57 -7.80
C LYS A 591 27.76 5.74 -7.74
N GLN A 592 28.50 4.70 -7.36
CA GLN A 592 29.96 4.80 -7.33
C GLN A 592 30.53 4.87 -8.73
N ASP A 593 31.76 5.37 -8.82
CA ASP A 593 32.48 5.40 -10.09
CA ASP A 593 32.44 5.38 -10.10
C ASP A 593 32.73 3.97 -10.59
N ALA A 594 32.91 3.86 -11.89
CA ALA A 594 33.05 2.54 -12.49
C ALA A 594 34.33 1.84 -12.07
N ALA A 595 35.42 2.56 -11.77
CA ALA A 595 36.61 1.86 -11.30
C ALA A 595 36.35 1.23 -9.95
N TYR A 596 35.64 1.93 -9.07
CA TYR A 596 35.31 1.35 -7.78
C TYR A 596 34.41 0.12 -7.97
N ARG A 597 33.38 0.22 -8.79
N ARG A 597 33.38 0.25 -8.78
CA ARG A 597 32.49 -0.92 -8.97
CA ARG A 597 32.48 -0.88 -9.00
C ARG A 597 33.23 -2.12 -9.57
C ARG A 597 33.24 -2.09 -9.54
N GLU A 598 34.15 -1.86 -10.50
N GLU A 598 34.12 -1.87 -10.52
CA GLU A 598 34.97 -2.92 -11.08
CA GLU A 598 34.92 -2.96 -11.05
C GLU A 598 35.89 -3.54 -10.05
C GLU A 598 35.79 -3.58 -9.96
N SER A 599 36.34 -2.75 -9.08
CA SER A 599 37.22 -3.29 -8.04
C SER A 599 36.48 -4.25 -7.13
N VAL A 600 35.17 -4.10 -7.02
CA VAL A 600 34.34 -4.92 -6.14
C VAL A 600 33.78 -6.12 -6.89
N LEU A 601 33.19 -5.86 -8.06
CA LEU A 601 32.57 -6.85 -8.94
C LEU A 601 33.23 -6.79 -10.30
N PRO A 602 34.41 -7.39 -10.44
CA PRO A 602 35.11 -7.32 -11.73
C PRO A 602 34.29 -7.96 -12.84
N LYS A 603 34.23 -7.27 -13.97
CA LYS A 603 33.39 -7.73 -15.07
C LYS A 603 33.84 -9.08 -15.62
N ALA A 604 35.11 -9.43 -15.49
CA ALA A 604 35.57 -10.70 -16.01
C ALA A 604 35.15 -11.87 -15.15
N VAL A 605 34.72 -11.63 -13.91
CA VAL A 605 34.39 -12.70 -12.97
C VAL A 605 32.89 -12.88 -13.01
N THR A 606 32.44 -13.93 -13.70
CA THR A 606 31.01 -14.20 -13.87
C THR A 606 30.47 -15.17 -12.84
N ALA A 607 31.34 -15.88 -12.11
CA ALA A 607 30.92 -16.87 -11.12
C ALA A 607 30.60 -16.12 -9.83
N ARG A 608 29.37 -15.62 -9.77
CA ARG A 608 28.86 -14.80 -8.68
C ARG A 608 27.68 -15.49 -8.04
N VAL A 609 27.67 -15.56 -6.70
CA VAL A 609 26.62 -16.20 -5.94
C VAL A 609 26.03 -15.15 -5.00
N ALA A 610 24.79 -14.76 -5.21
CA ALA A 610 24.11 -13.85 -4.28
C ALA A 610 23.47 -14.64 -3.16
N VAL A 611 23.51 -14.10 -1.94
CA VAL A 611 22.96 -14.75 -0.77
C VAL A 611 22.15 -13.72 0.01
N GLU A 612 20.83 -13.91 0.08
CA GLU A 612 19.94 -12.96 0.76
C GLU A 612 18.63 -13.67 1.02
N ALA A 613 18.10 -13.54 2.23
CA ALA A 613 16.80 -14.13 2.59
C ALA A 613 15.67 -13.23 2.10
N GLY A 614 15.62 -13.05 0.78
CA GLY A 614 14.62 -12.27 0.10
C GLY A 614 14.49 -12.79 -1.31
N ILE A 615 13.57 -12.21 -2.08
CA ILE A 615 13.22 -12.78 -3.37
C ILE A 615 14.45 -12.86 -4.28
N ALA A 616 14.62 -14.01 -4.90
CA ALA A 616 15.82 -14.26 -5.68
C ALA A 616 15.90 -13.38 -6.92
N ASP A 617 14.76 -13.08 -7.55
N ASP A 617 14.75 -13.09 -7.54
CA ASP A 617 14.75 -12.49 -8.88
CA ASP A 617 14.76 -12.48 -8.86
C ASP A 617 15.44 -11.13 -8.93
C ASP A 617 15.56 -11.19 -8.89
N TYR A 618 15.54 -10.43 -7.81
CA TYR A 618 16.23 -9.15 -7.81
C TYR A 618 17.69 -9.30 -8.27
N TRP A 619 18.33 -10.38 -7.83
CA TRP A 619 19.78 -10.48 -7.86
C TRP A 619 20.36 -10.76 -9.23
N TYR A 620 19.54 -11.05 -10.23
CA TYR A 620 20.05 -11.12 -11.60
C TYR A 620 20.74 -9.83 -12.00
N LYS A 621 20.38 -8.69 -11.42
N LYS A 621 20.39 -8.70 -11.39
CA LYS A 621 21.08 -7.45 -11.73
CA LYS A 621 21.03 -7.43 -11.67
C LYS A 621 22.58 -7.58 -11.52
C LYS A 621 22.54 -7.47 -11.42
N TYR A 622 22.99 -8.29 -10.46
CA TYR A 622 24.42 -8.40 -10.13
C TYR A 622 25.03 -9.74 -10.50
N VAL A 623 24.25 -10.80 -10.66
CA VAL A 623 24.81 -12.11 -11.02
C VAL A 623 24.59 -12.48 -12.48
N GLY A 624 23.71 -11.79 -13.18
CA GLY A 624 23.48 -12.10 -14.57
C GLY A 624 22.95 -13.50 -14.78
N LEU A 625 23.21 -14.05 -15.97
CA LEU A 625 22.70 -15.33 -16.36
C LEU A 625 23.64 -16.48 -16.02
N ASN A 626 24.86 -16.20 -15.58
CA ASN A 626 25.87 -17.24 -15.38
C ASN A 626 26.34 -17.33 -13.94
N GLY A 627 25.49 -16.90 -13.02
CA GLY A 627 25.77 -17.00 -11.61
C GLY A 627 24.78 -17.92 -10.89
N ALA A 628 24.61 -17.67 -9.60
CA ALA A 628 23.70 -18.44 -8.78
C ALA A 628 23.13 -17.51 -7.72
N ILE A 629 21.95 -17.86 -7.23
CA ILE A 629 21.28 -17.06 -6.21
C ILE A 629 20.77 -18.03 -5.15
N VAL A 630 21.15 -17.77 -3.89
CA VAL A 630 20.60 -18.45 -2.72
C VAL A 630 19.66 -17.43 -2.10
N GLY A 631 18.38 -17.55 -2.46
CA GLY A 631 17.36 -16.62 -2.07
C GLY A 631 16.06 -17.33 -1.76
N MET A 632 15.02 -16.54 -1.52
N MET A 632 14.99 -16.56 -1.64
CA MET A 632 13.66 -17.06 -1.41
CA MET A 632 13.67 -17.13 -1.44
C MET A 632 12.96 -17.02 -2.77
C MET A 632 12.85 -16.97 -2.71
N THR A 633 12.09 -18.00 -3.01
CA THR A 633 11.22 -18.01 -4.19
C THR A 633 9.77 -18.22 -3.81
N THR A 634 9.47 -18.27 -2.53
CA THR A 634 8.16 -18.59 -1.99
C THR A 634 7.88 -17.66 -0.82
N PHE A 635 6.64 -17.71 -0.35
CA PHE A 635 6.33 -17.18 0.97
C PHE A 635 7.03 -18.01 2.06
N GLY A 636 7.08 -17.44 3.26
CA GLY A 636 7.65 -18.12 4.40
C GLY A 636 6.70 -19.13 5.03
N GLU A 637 7.04 -19.52 6.26
N GLU A 637 7.02 -19.49 6.28
CA GLU A 637 6.28 -20.49 7.06
CA GLU A 637 6.27 -20.48 7.04
C GLU A 637 6.38 -20.08 8.51
C GLU A 637 6.43 -20.18 8.52
N SER A 638 5.41 -20.51 9.31
CA SER A 638 5.44 -20.28 10.76
C SER A 638 6.26 -21.37 11.45
N ALA A 639 7.45 -21.00 11.93
CA ALA A 639 8.33 -21.91 12.66
C ALA A 639 9.44 -21.07 13.28
N PRO A 640 10.20 -21.65 14.20
CA PRO A 640 11.40 -20.96 14.71
C PRO A 640 12.35 -20.59 13.57
N ALA A 641 12.99 -19.43 13.70
CA ALA A 641 13.84 -18.91 12.65
C ALA A 641 14.95 -19.88 12.24
N GLU A 642 15.62 -20.53 13.19
N GLU A 642 15.61 -20.52 13.22
N GLU A 642 15.59 -20.54 13.20
CA GLU A 642 16.72 -21.40 12.81
CA GLU A 642 16.73 -21.39 12.90
CA GLU A 642 16.71 -21.41 12.86
C GLU A 642 16.23 -22.49 11.87
C GLU A 642 16.30 -22.51 11.96
C GLU A 642 16.25 -22.53 11.95
N LEU A 643 15.05 -23.06 12.16
N LEU A 643 15.09 -23.03 12.18
CA LEU A 643 14.50 -24.13 11.33
CA LEU A 643 14.57 -24.08 11.32
C LEU A 643 14.01 -23.61 9.98
C LEU A 643 14.19 -23.54 9.97
N LEU A 644 13.59 -22.35 9.91
CA LEU A 644 13.26 -21.74 8.63
C LEU A 644 14.49 -21.52 7.77
N PHE A 645 15.57 -21.03 8.35
CA PHE A 645 16.77 -20.83 7.55
C PHE A 645 17.24 -22.16 6.97
N GLU A 646 17.19 -23.23 7.78
N GLU A 646 17.17 -23.24 7.77
CA GLU A 646 17.59 -24.53 7.27
CA GLU A 646 17.49 -24.57 7.26
C GLU A 646 16.69 -24.97 6.11
C GLU A 646 16.51 -25.01 6.17
N GLU A 647 15.38 -24.92 6.33
N GLU A 647 15.22 -24.81 6.42
CA GLU A 647 14.43 -25.41 5.34
CA GLU A 647 14.18 -25.26 5.49
C GLU A 647 14.56 -24.67 4.03
C GLU A 647 14.33 -24.61 4.11
N PHE A 648 14.78 -23.36 4.08
CA PHE A 648 14.83 -22.55 2.88
C PHE A 648 16.23 -22.47 2.26
N GLY A 649 17.20 -23.21 2.79
CA GLY A 649 18.48 -23.35 2.13
C GLY A 649 19.54 -22.35 2.54
N PHE A 650 19.33 -21.63 3.64
CA PHE A 650 20.31 -20.69 4.14
C PHE A 650 21.22 -21.41 5.12
N THR A 651 21.99 -22.35 4.55
CA THR A 651 22.91 -23.18 5.27
C THR A 651 24.27 -23.14 4.56
N VAL A 652 25.33 -23.37 5.33
CA VAL A 652 26.65 -23.40 4.71
C VAL A 652 26.70 -24.48 3.64
N ASP A 653 26.16 -25.66 3.93
CA ASP A 653 26.20 -26.74 2.96
C ASP A 653 25.55 -26.34 1.64
N ASN A 654 24.37 -25.70 1.69
CA ASN A 654 23.71 -25.36 0.46
C ASN A 654 24.44 -24.24 -0.27
N VAL A 655 24.92 -23.23 0.45
CA VAL A 655 25.62 -22.15 -0.22
C VAL A 655 26.89 -22.69 -0.88
N VAL A 656 27.64 -23.54 -0.18
CA VAL A 656 28.83 -24.13 -0.77
C VAL A 656 28.47 -25.00 -1.96
N ALA A 657 27.39 -25.81 -1.84
CA ALA A 657 27.00 -26.67 -2.94
C ALA A 657 26.63 -25.86 -4.17
N LYS A 658 25.92 -24.75 -3.98
N LYS A 658 25.89 -24.76 -3.98
CA LYS A 658 25.52 -23.94 -5.12
CA LYS A 658 25.55 -23.94 -5.14
C LYS A 658 26.74 -23.27 -5.76
C LYS A 658 26.78 -23.33 -5.77
N ALA A 659 27.73 -22.88 -4.94
CA ALA A 659 28.96 -22.31 -5.49
C ALA A 659 29.75 -23.35 -6.26
N LYS A 660 29.85 -24.57 -5.72
CA LYS A 660 30.59 -25.62 -6.42
C LYS A 660 29.91 -26.00 -7.71
N GLU A 661 28.58 -26.11 -7.69
N GLU A 661 28.57 -26.07 -7.69
CA GLU A 661 27.86 -26.41 -8.93
CA GLU A 661 27.84 -26.38 -8.91
C GLU A 661 28.15 -25.34 -9.97
C GLU A 661 28.14 -25.33 -9.96
N LEU A 662 28.10 -24.08 -9.56
N LEU A 662 28.18 -24.09 -9.53
CA LEU A 662 28.45 -22.99 -10.44
CA LEU A 662 28.44 -22.99 -10.43
C LEU A 662 29.84 -23.20 -11.03
C LEU A 662 29.85 -23.08 -10.99
N LEU A 663 30.83 -23.40 -10.15
CA LEU A 663 32.21 -23.52 -10.60
C LEU A 663 32.45 -24.71 -11.51
N HIS A 664 31.75 -25.83 -11.25
CA HIS A 664 31.82 -26.99 -12.13
C HIS A 664 31.17 -26.71 -13.47
N HIS A 665 30.40 -25.62 -13.57
CA HIS A 665 29.72 -25.13 -14.78
C HIS A 665 28.41 -25.86 -15.04
N SER B 2 -20.84 -27.58 33.79
CA SER B 2 -19.89 -26.52 34.08
C SER B 2 -20.57 -25.19 33.87
N SER B 3 -20.06 -24.16 34.52
CA SER B 3 -20.56 -22.83 34.25
C SER B 3 -20.03 -22.33 32.91
N ARG B 4 -20.66 -21.28 32.40
CA ARG B 4 -20.17 -20.69 31.16
C ARG B 4 -18.75 -20.17 31.33
N LYS B 5 -18.43 -19.61 32.49
N LYS B 5 -18.42 -19.62 32.51
CA LYS B 5 -17.09 -19.14 32.74
CA LYS B 5 -17.07 -19.14 32.75
C LYS B 5 -16.08 -20.28 32.68
C LYS B 5 -16.06 -20.27 32.73
N GLU B 6 -16.40 -21.43 33.31
CA GLU B 6 -15.50 -22.58 33.22
C GLU B 6 -15.27 -23.01 31.78
N LEU B 7 -16.34 -23.02 30.98
CA LEU B 7 -16.19 -23.40 29.57
C LEU B 7 -15.31 -22.42 28.83
N ALA B 8 -15.48 -21.12 29.08
CA ALA B 8 -14.60 -20.11 28.49
C ALA B 8 -13.17 -20.28 28.97
N ASN B 9 -12.99 -20.67 30.22
CA ASN B 9 -11.65 -20.86 30.76
C ASN B 9 -10.89 -21.98 30.08
N ALA B 10 -11.59 -22.92 29.43
CA ALA B 10 -10.88 -23.92 28.63
C ALA B 10 -10.09 -23.26 27.52
N ILE B 11 -10.68 -22.23 26.88
CA ILE B 11 -9.96 -21.46 25.86
C ILE B 11 -8.75 -20.79 26.48
N ARG B 12 -8.94 -20.18 27.65
CA ARG B 12 -7.84 -19.48 28.31
C ARG B 12 -6.69 -20.42 28.59
N ALA B 13 -6.99 -21.61 29.13
CA ALA B 13 -5.95 -22.57 29.47
C ALA B 13 -5.23 -23.05 28.22
N LEU B 14 -5.98 -23.52 27.21
CA LEU B 14 -5.31 -24.01 26.01
C LEU B 14 -4.45 -22.92 25.40
N SER B 15 -4.94 -21.68 25.40
CA SER B 15 -4.21 -20.61 24.75
C SER B 15 -2.93 -20.27 25.49
N MET B 16 -3.02 -20.05 26.81
CA MET B 16 -1.81 -19.68 27.52
C MET B 16 -0.80 -20.83 27.49
N ASP B 17 -1.28 -22.06 27.60
CA ASP B 17 -0.39 -23.22 27.63
C ASP B 17 0.26 -23.46 26.28
N ALA B 18 -0.49 -23.28 25.18
CA ALA B 18 0.10 -23.51 23.86
C ALA B 18 1.15 -22.45 23.53
N VAL B 19 0.87 -21.20 23.89
CA VAL B 19 1.85 -20.13 23.75
C VAL B 19 3.08 -20.46 24.58
N GLN B 20 2.88 -20.94 25.81
CA GLN B 20 4.03 -21.21 26.67
C GLN B 20 4.92 -22.30 26.09
N LYS B 21 4.31 -23.37 25.58
CA LYS B 21 5.09 -24.47 25.03
C LYS B 21 5.86 -24.03 23.79
N ALA B 22 5.24 -23.18 22.95
CA ALA B 22 5.93 -22.64 21.78
C ALA B 22 6.98 -21.62 22.15
N LYS B 23 6.91 -21.08 23.37
CA LYS B 23 7.74 -19.96 23.79
C LYS B 23 7.55 -18.77 22.86
N SER B 24 6.35 -18.61 22.33
CA SER B 24 6.07 -17.63 21.28
C SER B 24 4.57 -17.52 21.13
N GLY B 25 4.10 -16.30 20.92
CA GLY B 25 2.71 -16.06 20.60
C GLY B 25 2.04 -15.09 21.55
N HIS B 26 0.71 -15.04 21.43
CA HIS B 26 -0.10 -13.92 21.92
C HIS B 26 -1.21 -14.45 22.82
N PRO B 27 -1.01 -14.39 24.13
CA PRO B 27 -2.03 -14.94 25.03
C PRO B 27 -3.12 -13.93 25.38
N GLY B 28 -2.84 -12.63 25.19
CA GLY B 28 -3.71 -11.62 25.75
C GLY B 28 -5.09 -11.59 25.16
N ALA B 29 -5.20 -11.48 23.82
CA ALA B 29 -6.49 -11.39 23.19
C ALA B 29 -7.30 -12.67 23.36
N PRO B 30 -6.72 -13.87 23.22
CA PRO B 30 -7.52 -15.08 23.47
C PRO B 30 -8.11 -15.09 24.87
N MET B 31 -7.32 -14.70 25.86
CA MET B 31 -7.81 -14.66 27.24
C MET B 31 -8.85 -13.59 27.42
N GLY B 32 -8.69 -12.45 26.77
CA GLY B 32 -9.65 -11.36 26.89
C GLY B 32 -10.97 -11.65 26.21
N MET B 33 -10.96 -12.41 25.11
N MET B 33 -10.96 -12.41 25.11
CA MET B 33 -12.17 -12.63 24.30
CA MET B 33 -12.17 -12.63 24.32
C MET B 33 -12.87 -13.96 24.59
C MET B 33 -12.76 -14.02 24.49
N ALA B 34 -12.33 -14.77 25.50
CA ALA B 34 -12.83 -16.13 25.64
C ALA B 34 -14.32 -16.17 26.02
N ASP B 35 -14.79 -15.25 26.88
CA ASP B 35 -16.19 -15.29 27.27
C ASP B 35 -17.10 -14.93 26.10
N ILE B 36 -16.67 -13.96 25.28
CA ILE B 36 -17.44 -13.59 24.10
C ILE B 36 -17.51 -14.77 23.14
N ALA B 37 -16.36 -15.42 22.93
CA ALA B 37 -16.30 -16.57 22.03
C ALA B 37 -17.19 -17.71 22.50
N GLU B 38 -17.20 -17.97 23.80
CA GLU B 38 -18.03 -19.05 24.33
C GLU B 38 -19.50 -18.80 24.03
N VAL B 39 -19.98 -17.57 24.23
CA VAL B 39 -21.37 -17.28 23.93
C VAL B 39 -21.63 -17.39 22.44
N LEU B 40 -20.81 -16.74 21.63
CA LEU B 40 -21.06 -16.74 20.19
C LEU B 40 -21.09 -18.16 19.66
N TRP B 41 -20.04 -18.92 19.95
CA TRP B 41 -19.91 -20.24 19.36
C TRP B 41 -20.93 -21.21 19.95
N ARG B 42 -21.16 -21.21 21.26
CA ARG B 42 -22.04 -22.23 21.82
C ARG B 42 -23.52 -21.90 21.64
N ASP B 43 -23.90 -20.62 21.58
N ASP B 43 -23.90 -20.63 21.63
CA ASP B 43 -25.31 -20.29 21.53
CA ASP B 43 -25.31 -20.26 21.55
C ASP B 43 -25.82 -19.79 20.19
C ASP B 43 -25.78 -19.97 20.13
N PHE B 44 -24.93 -19.36 19.29
CA PHE B 44 -25.41 -18.77 18.05
C PHE B 44 -24.84 -19.38 16.77
N LEU B 45 -23.55 -19.66 16.71
CA LEU B 45 -22.91 -19.95 15.44
C LEU B 45 -23.50 -21.20 14.81
N LYS B 46 -23.84 -21.10 13.54
CA LYS B 46 -24.42 -22.18 12.76
C LYS B 46 -23.30 -22.81 11.95
N HIS B 47 -22.87 -23.99 12.34
CA HIS B 47 -21.70 -24.61 11.72
C HIS B 47 -21.76 -26.10 11.97
N ASN B 48 -21.02 -26.85 11.14
CA ASN B 48 -20.88 -28.28 11.30
C ASN B 48 -19.41 -28.65 11.29
N PRO B 49 -18.84 -28.99 12.45
CA PRO B 49 -17.42 -29.37 12.48
C PRO B 49 -17.08 -30.51 11.55
N GLN B 50 -18.03 -31.38 11.26
CA GLN B 50 -17.77 -32.49 10.37
C GLN B 50 -17.80 -32.11 8.89
N ASN B 51 -18.26 -30.92 8.55
CA ASN B 51 -18.18 -30.43 7.19
C ASN B 51 -17.94 -28.93 7.19
N PRO B 52 -16.67 -28.53 7.32
CA PRO B 52 -16.32 -27.10 7.28
C PRO B 52 -16.62 -26.42 5.97
N SER B 53 -16.97 -27.16 4.94
CA SER B 53 -17.30 -26.58 3.63
C SER B 53 -18.79 -26.45 3.38
N TRP B 54 -19.63 -26.74 4.38
CA TRP B 54 -21.08 -26.61 4.23
C TRP B 54 -21.40 -25.23 3.66
N ALA B 55 -22.12 -25.19 2.54
CA ALA B 55 -22.27 -23.93 1.81
C ALA B 55 -22.97 -22.85 2.61
N ASP B 56 -23.91 -23.23 3.48
CA ASP B 56 -24.75 -22.26 4.18
C ASP B 56 -24.34 -22.06 5.64
N ARG B 57 -23.14 -22.48 6.03
CA ARG B 57 -22.64 -22.21 7.35
C ARG B 57 -22.52 -20.71 7.59
N ASP B 58 -22.64 -20.31 8.85
CA ASP B 58 -22.15 -18.98 9.22
C ASP B 58 -20.65 -18.93 9.02
N ARG B 59 -20.12 -17.74 8.73
CA ARG B 59 -18.68 -17.52 8.63
C ARG B 59 -18.21 -16.73 9.84
N PHE B 60 -17.11 -17.16 10.45
CA PHE B 60 -16.44 -16.47 11.53
C PHE B 60 -15.06 -16.01 11.06
N VAL B 61 -14.70 -14.76 11.40
CA VAL B 61 -13.40 -14.19 11.05
C VAL B 61 -12.75 -13.56 12.27
N LEU B 62 -11.51 -13.95 12.53
CA LEU B 62 -10.68 -13.36 13.57
C LEU B 62 -9.79 -12.31 12.94
N SER B 63 -10.21 -11.04 12.96
CA SER B 63 -9.42 -9.98 12.35
C SER B 63 -8.18 -9.65 13.18
N ASN B 64 -8.30 -9.74 14.50
CA ASN B 64 -7.17 -9.67 15.41
C ASN B 64 -6.48 -11.03 15.48
N GLY B 65 -5.93 -11.41 14.32
CA GLY B 65 -5.46 -12.76 14.06
C GLY B 65 -4.24 -13.17 14.85
N HIS B 66 -3.52 -12.21 15.44
CA HIS B 66 -2.47 -12.56 16.38
C HIS B 66 -3.01 -13.42 17.51
N GLY B 67 -4.29 -13.26 17.86
CA GLY B 67 -4.91 -14.12 18.87
C GLY B 67 -5.29 -15.50 18.35
N SER B 68 -4.40 -16.10 17.56
CA SER B 68 -4.70 -17.33 16.84
C SER B 68 -5.07 -18.50 17.75
N MET B 69 -4.55 -18.57 18.96
CA MET B 69 -4.95 -19.66 19.83
C MET B 69 -6.42 -19.59 20.18
N LEU B 70 -7.07 -18.43 20.07
CA LEU B 70 -8.50 -18.38 20.28
C LEU B 70 -9.23 -19.27 19.29
N ILE B 71 -8.92 -19.11 17.99
N ILE B 71 -8.94 -19.08 17.99
CA ILE B 71 -9.62 -19.91 17.00
CA ILE B 71 -9.62 -19.89 16.99
C ILE B 71 -9.19 -21.36 17.05
C ILE B 71 -9.20 -21.36 17.08
N TYR B 72 -7.91 -21.65 17.33
CA TYR B 72 -7.53 -23.05 17.43
C TYR B 72 -8.22 -23.73 18.61
N SER B 73 -8.36 -23.03 19.73
CA SER B 73 -9.08 -23.58 20.86
C SER B 73 -10.52 -23.87 20.49
N LEU B 74 -11.19 -22.92 19.83
CA LEU B 74 -12.60 -23.08 19.47
C LEU B 74 -12.79 -24.26 18.53
N LEU B 75 -11.93 -24.35 17.50
CA LEU B 75 -12.04 -25.43 16.52
C LEU B 75 -11.80 -26.78 17.18
N HIS B 76 -10.78 -26.86 18.03
CA HIS B 76 -10.52 -28.11 18.74
C HIS B 76 -11.69 -28.49 19.66
N LEU B 77 -12.13 -27.55 20.50
CA LEU B 77 -13.15 -27.85 21.49
C LEU B 77 -14.48 -28.24 20.87
N THR B 78 -14.84 -27.61 19.75
CA THR B 78 -16.14 -27.87 19.14
C THR B 78 -16.15 -29.11 18.26
N GLY B 79 -15.00 -29.73 18.01
CA GLY B 79 -14.97 -31.01 17.35
C GLY B 79 -14.48 -31.03 15.92
N TYR B 80 -13.85 -29.96 15.45
CA TYR B 80 -13.21 -30.00 14.14
C TYR B 80 -12.02 -30.95 14.17
N ASP B 81 -11.55 -31.30 12.98
CA ASP B 81 -10.39 -32.17 12.82
C ASP B 81 -9.10 -31.38 13.10
N LEU B 82 -8.90 -31.06 14.37
CA LEU B 82 -7.74 -30.32 14.84
C LEU B 82 -7.36 -30.91 16.18
N PRO B 83 -6.58 -32.00 16.17
CA PRO B 83 -6.31 -32.72 17.42
C PRO B 83 -5.43 -31.93 18.37
N MET B 84 -5.44 -32.38 19.62
CA MET B 84 -4.64 -31.75 20.65
C MET B 84 -3.17 -31.70 20.28
N GLU B 85 -2.68 -32.75 19.61
CA GLU B 85 -1.28 -32.76 19.18
C GLU B 85 -0.95 -31.54 18.34
N GLU B 86 -1.89 -31.09 17.50
CA GLU B 86 -1.61 -29.88 16.72
C GLU B 86 -1.48 -28.64 17.59
N LEU B 87 -2.30 -28.55 18.66
CA LEU B 87 -2.16 -27.43 19.58
C LEU B 87 -0.82 -27.46 20.30
N LYS B 88 -0.32 -28.67 20.59
N LYS B 88 -0.31 -28.67 20.58
CA LYS B 88 1.02 -28.83 21.16
CA LYS B 88 1.02 -28.83 21.17
C LYS B 88 2.11 -28.43 20.17
C LYS B 88 2.13 -28.54 20.16
N ASN B 89 1.78 -28.30 18.90
CA ASN B 89 2.71 -27.93 17.84
C ASN B 89 2.41 -26.54 17.30
N PHE B 90 1.76 -25.70 18.10
CA PHE B 90 1.54 -24.30 17.76
C PHE B 90 2.86 -23.68 17.35
N ARG B 91 2.85 -22.97 16.21
CA ARG B 91 3.99 -22.20 15.74
C ARG B 91 5.17 -23.06 15.34
N GLN B 92 4.97 -24.35 15.12
CA GLN B 92 6.03 -25.26 14.69
C GLN B 92 5.89 -25.61 13.21
N LEU B 93 7.01 -25.91 12.56
CA LEU B 93 7.04 -26.11 11.12
C LEU B 93 6.06 -27.19 10.71
N HIS B 94 5.25 -26.85 9.70
CA HIS B 94 4.28 -27.73 9.09
C HIS B 94 3.12 -28.10 9.98
N SER B 95 2.95 -27.45 11.12
CA SER B 95 1.77 -27.75 11.92
C SER B 95 0.51 -27.14 11.28
N LYS B 96 -0.62 -27.60 11.79
CA LYS B 96 -1.92 -27.04 11.45
C LYS B 96 -2.28 -25.85 12.32
N THR B 97 -1.32 -25.35 13.09
CA THR B 97 -1.53 -24.26 14.03
C THR B 97 -0.43 -23.20 13.85
N PRO B 98 -0.35 -22.59 12.67
CA PRO B 98 0.62 -21.50 12.48
C PRO B 98 0.30 -20.29 13.35
N GLY B 99 1.31 -19.44 13.54
CA GLY B 99 1.21 -18.35 14.47
C GLY B 99 0.12 -17.33 14.19
N HIS B 100 -0.21 -17.12 12.92
CA HIS B 100 -1.42 -16.42 12.52
C HIS B 100 -2.25 -17.40 11.70
N PRO B 101 -3.57 -17.39 11.79
CA PRO B 101 -4.33 -18.47 11.15
C PRO B 101 -4.25 -18.35 9.64
N GLU B 102 -4.23 -19.51 8.98
N GLU B 102 -4.20 -19.51 8.99
CA GLU B 102 -4.10 -19.61 7.52
CA GLU B 102 -4.12 -19.62 7.54
C GLU B 102 -5.16 -20.52 6.92
C GLU B 102 -5.27 -20.46 7.02
N VAL B 103 -5.94 -19.98 5.97
CA VAL B 103 -6.91 -20.78 5.27
C VAL B 103 -6.21 -21.90 4.53
N GLY B 104 -6.81 -23.10 4.60
N GLY B 104 -6.88 -23.05 4.46
CA GLY B 104 -6.23 -24.29 4.03
CA GLY B 104 -6.48 -24.09 3.54
C GLY B 104 -5.29 -25.06 4.94
C GLY B 104 -6.03 -25.36 4.24
N TYR B 105 -4.78 -24.45 6.00
N TYR B 105 -5.29 -25.21 5.34
CA TYR B 105 -3.90 -25.15 6.92
CA TYR B 105 -4.74 -26.34 6.07
C TYR B 105 -4.69 -25.93 7.96
C TYR B 105 -5.43 -26.63 7.39
N THR B 106 -5.94 -25.61 8.11
CA THR B 106 -6.62 -25.88 9.37
C THR B 106 -8.10 -25.97 9.08
N ALA B 107 -8.72 -27.08 9.46
CA ALA B 107 -10.15 -27.26 9.25
C ALA B 107 -10.91 -26.16 9.98
N GLY B 108 -11.77 -25.45 9.26
CA GLY B 108 -12.61 -24.44 9.84
C GLY B 108 -12.07 -23.02 9.81
N VAL B 109 -10.80 -22.81 9.42
CA VAL B 109 -10.29 -21.44 9.29
C VAL B 109 -10.75 -20.87 7.95
N GLU B 110 -11.43 -19.72 7.98
CA GLU B 110 -12.08 -19.21 6.78
C GLU B 110 -11.19 -18.30 5.94
N THR B 111 -10.14 -17.75 6.52
CA THR B 111 -9.32 -16.73 5.88
C THR B 111 -8.00 -16.69 6.63
N THR B 112 -6.97 -16.19 5.96
CA THR B 112 -5.67 -15.94 6.59
C THR B 112 -5.66 -14.50 7.10
N THR B 113 -5.46 -14.34 8.40
CA THR B 113 -5.48 -13.01 8.98
C THR B 113 -4.23 -12.78 9.79
N GLY B 114 -4.08 -11.56 10.31
N GLY B 114 -4.18 -11.60 10.38
CA GLY B 114 -2.88 -11.17 11.01
CA GLY B 114 -3.02 -11.13 11.07
C GLY B 114 -2.49 -9.74 10.69
C GLY B 114 -2.71 -9.70 10.70
N PRO B 115 -2.35 -9.43 9.40
CA PRO B 115 -2.20 -8.03 8.97
C PRO B 115 -3.47 -7.29 9.36
N LEU B 116 -3.33 -6.30 10.23
CA LEU B 116 -4.48 -5.72 10.88
C LEU B 116 -5.43 -5.08 9.90
N GLY B 117 -6.70 -5.17 10.21
CA GLY B 117 -7.76 -4.59 9.41
C GLY B 117 -8.26 -5.48 8.29
N GLN B 118 -7.42 -6.39 7.79
CA GLN B 118 -7.86 -7.15 6.63
C GLN B 118 -8.91 -8.19 6.96
N GLY B 119 -8.94 -8.74 8.17
CA GLY B 119 -9.99 -9.67 8.51
C GLY B 119 -11.37 -9.04 8.45
N ILE B 120 -11.55 -7.86 9.05
CA ILE B 120 -12.86 -7.23 8.96
C ILE B 120 -13.21 -6.94 7.51
N ALA B 121 -12.24 -6.55 6.67
CA ALA B 121 -12.50 -6.40 5.25
C ALA B 121 -12.98 -7.69 4.62
N ASN B 122 -12.30 -8.80 4.91
CA ASN B 122 -12.71 -10.08 4.38
C ASN B 122 -14.13 -10.41 4.83
N ALA B 123 -14.46 -10.13 6.09
CA ALA B 123 -15.80 -10.38 6.61
C ALA B 123 -16.84 -9.56 5.86
N VAL B 124 -16.54 -8.28 5.56
CA VAL B 124 -17.46 -7.49 4.76
C VAL B 124 -17.69 -8.17 3.42
N GLY B 125 -16.62 -8.66 2.79
CA GLY B 125 -16.81 -9.39 1.53
C GLY B 125 -17.63 -10.66 1.66
N MET B 126 -17.42 -11.41 2.74
CA MET B 126 -18.24 -12.60 2.97
C MET B 126 -19.71 -12.23 3.15
N ALA B 127 -19.99 -11.12 3.84
CA ALA B 127 -21.37 -10.69 4.04
C ALA B 127 -21.97 -10.16 2.73
N ILE B 128 -21.19 -9.44 1.92
CA ILE B 128 -21.66 -9.07 0.59
C ILE B 128 -21.99 -10.32 -0.23
N ALA B 129 -21.11 -11.31 -0.17
CA ALA B 129 -21.34 -12.54 -0.92
C ALA B 129 -22.64 -13.21 -0.49
N GLU B 130 -22.87 -13.34 0.82
CA GLU B 130 -24.10 -13.98 1.28
C GLU B 130 -25.32 -13.22 0.81
N LYS B 131 -25.28 -11.88 0.91
CA LYS B 131 -26.45 -11.09 0.56
C LYS B 131 -26.76 -11.23 -0.92
N THR B 132 -25.70 -11.19 -1.74
CA THR B 132 -25.85 -11.24 -3.18
C THR B 132 -26.30 -12.63 -3.62
N LEU B 133 -25.68 -13.67 -3.04
CA LEU B 133 -26.04 -15.03 -3.40
C LEU B 133 -27.48 -15.34 -3.00
N ALA B 134 -27.89 -14.87 -1.83
CA ALA B 134 -29.29 -15.02 -1.43
C ALA B 134 -30.23 -14.35 -2.41
N ALA B 135 -29.91 -13.12 -2.81
CA ALA B 135 -30.78 -12.42 -3.75
C ALA B 135 -30.83 -13.15 -5.09
N GLN B 136 -29.70 -13.69 -5.55
CA GLN B 136 -29.68 -14.39 -6.83
C GLN B 136 -30.44 -15.71 -6.78
N PHE B 137 -30.27 -16.48 -5.69
CA PHE B 137 -30.74 -17.87 -5.66
C PHE B 137 -32.01 -18.12 -4.87
N ASN B 138 -32.29 -17.37 -3.82
CA ASN B 138 -33.47 -17.71 -3.03
C ASN B 138 -34.73 -17.52 -3.86
N ARG B 139 -35.73 -18.33 -3.57
CA ARG B 139 -37.01 -18.29 -4.27
C ARG B 139 -38.11 -18.42 -3.22
N PRO B 140 -39.33 -18.05 -3.57
CA PRO B 140 -40.41 -18.10 -2.57
C PRO B 140 -40.59 -19.51 -2.00
N GLY B 141 -40.53 -19.62 -0.67
CA GLY B 141 -40.59 -20.90 0.00
C GLY B 141 -39.27 -21.65 0.04
N HIS B 142 -38.20 -21.08 -0.50
CA HIS B 142 -36.92 -21.77 -0.66
C HIS B 142 -35.77 -20.80 -0.39
N ASP B 143 -35.48 -20.53 0.88
CA ASP B 143 -34.39 -19.62 1.23
C ASP B 143 -33.13 -20.43 1.54
N ILE B 144 -32.47 -20.90 0.45
CA ILE B 144 -31.31 -21.78 0.58
C ILE B 144 -30.07 -21.04 1.02
N VAL B 145 -30.02 -19.72 0.91
CA VAL B 145 -28.90 -18.94 1.42
C VAL B 145 -29.42 -18.09 2.57
N ASP B 146 -28.90 -18.34 3.76
CA ASP B 146 -29.31 -17.57 4.95
C ASP B 146 -28.28 -17.82 6.05
N HIS B 147 -27.24 -16.98 6.09
CA HIS B 147 -26.24 -17.16 7.12
C HIS B 147 -25.61 -15.82 7.50
N TYR B 148 -25.06 -15.81 8.72
CA TYR B 148 -24.41 -14.64 9.29
C TYR B 148 -22.91 -14.68 9.08
N THR B 149 -22.32 -13.49 9.19
CA THR B 149 -20.88 -13.29 9.17
C THR B 149 -20.52 -12.59 10.46
N TYR B 150 -19.73 -13.26 11.30
CA TYR B 150 -19.31 -12.75 12.58
C TYR B 150 -17.82 -12.45 12.53
N ALA B 151 -17.41 -11.30 13.05
CA ALA B 151 -16.01 -10.94 13.07
C ALA B 151 -15.61 -10.45 14.45
N PHE B 152 -14.41 -10.82 14.87
CA PHE B 152 -13.76 -10.24 16.03
C PHE B 152 -12.67 -9.30 15.54
N MET B 153 -12.51 -8.16 16.23
CA MET B 153 -11.50 -7.19 15.83
C MET B 153 -11.10 -6.39 17.06
N GLY B 154 -9.89 -5.83 17.04
CA GLY B 154 -9.36 -5.08 18.15
C GLY B 154 -9.03 -3.64 17.80
N ASP B 155 -8.27 -3.02 18.70
CA ASP B 155 -7.89 -1.62 18.49
C ASP B 155 -7.07 -1.43 17.23
N GLY B 156 -6.20 -2.38 16.91
CA GLY B 156 -5.38 -2.23 15.72
C GLY B 156 -6.19 -2.17 14.44
N CYS B 157 -7.16 -3.09 14.32
CA CYS B 157 -8.04 -3.07 13.17
C CYS B 157 -8.83 -1.77 13.11
N MET B 158 -9.28 -1.27 14.26
CA MET B 158 -10.03 -0.03 14.30
C MET B 158 -9.21 1.18 13.89
N MET B 159 -7.93 1.21 14.25
CA MET B 159 -7.08 2.34 13.87
C MET B 159 -6.75 2.33 12.39
N GLU B 160 -6.61 1.16 11.79
CA GLU B 160 -6.23 1.04 10.39
C GLU B 160 -7.25 1.69 9.49
N GLY B 161 -6.75 2.38 8.47
CA GLY B 161 -7.62 3.00 7.48
C GLY B 161 -8.55 2.03 6.79
N ILE B 162 -8.12 0.80 6.57
CA ILE B 162 -8.96 -0.11 5.83
C ILE B 162 -10.28 -0.35 6.57
N SER B 163 -10.29 -0.25 7.91
CA SER B 163 -11.57 -0.40 8.62
C SER B 163 -12.56 0.68 8.23
N HIS B 164 -12.08 1.91 8.03
CA HIS B 164 -12.93 2.98 7.55
C HIS B 164 -13.51 2.65 6.18
N GLU B 165 -12.66 2.18 5.28
CA GLU B 165 -13.12 1.88 3.93
C GLU B 165 -14.25 0.85 3.97
N VAL B 166 -13.98 -0.30 4.62
CA VAL B 166 -14.89 -1.41 4.47
C VAL B 166 -16.12 -1.23 5.33
N CYS B 167 -15.99 -0.60 6.50
CA CYS B 167 -17.16 -0.42 7.36
C CYS B 167 -18.06 0.70 6.85
N SER B 168 -17.48 1.72 6.20
CA SER B 168 -18.31 2.71 5.52
C SER B 168 -19.15 2.04 4.44
N LEU B 169 -18.51 1.22 3.60
CA LEU B 169 -19.24 0.56 2.51
C LEU B 169 -20.27 -0.44 3.05
N ALA B 170 -19.93 -1.16 4.13
CA ALA B 170 -20.88 -2.10 4.72
C ALA B 170 -22.15 -1.38 5.18
N GLY B 171 -21.97 -0.15 5.68
CA GLY B 171 -23.13 0.64 6.06
C GLY B 171 -24.00 1.01 4.86
N THR B 172 -23.38 1.47 3.78
CA THR B 172 -24.13 1.78 2.56
C THR B 172 -24.93 0.59 2.08
N LEU B 173 -24.33 -0.60 2.13
CA LEU B 173 -24.94 -1.82 1.61
C LEU B 173 -25.87 -2.49 2.62
N LYS B 174 -26.04 -1.90 3.81
CA LYS B 174 -27.07 -2.36 4.75
C LYS B 174 -26.91 -3.85 5.04
N LEU B 175 -25.69 -4.24 5.43
CA LEU B 175 -25.33 -5.64 5.62
C LEU B 175 -25.77 -6.11 7.01
N GLY B 176 -27.07 -6.35 7.16
CA GLY B 176 -27.66 -6.71 8.45
C GLY B 176 -27.18 -8.01 9.04
N LYS B 177 -26.58 -8.90 8.26
CA LYS B 177 -26.10 -10.16 8.78
C LYS B 177 -24.61 -10.12 9.13
N LEU B 178 -23.99 -8.96 9.04
CA LEU B 178 -22.63 -8.76 9.52
C LEU B 178 -22.69 -8.24 10.95
N ILE B 179 -22.05 -8.97 11.85
CA ILE B 179 -22.02 -8.65 13.27
C ILE B 179 -20.57 -8.73 13.72
N ALA B 180 -20.02 -7.58 14.13
CA ALA B 180 -18.65 -7.47 14.54
C ALA B 180 -18.59 -7.21 16.04
N PHE B 181 -17.60 -7.82 16.68
CA PHE B 181 -17.32 -7.65 18.10
C PHE B 181 -15.97 -6.95 18.23
N TYR B 182 -16.00 -5.77 18.84
CA TYR B 182 -14.79 -4.99 19.10
C TYR B 182 -14.29 -5.31 20.50
N ASP B 183 -13.05 -5.80 20.55
CA ASP B 183 -12.33 -6.13 21.78
C ASP B 183 -11.77 -4.83 22.35
N ASP B 184 -12.60 -4.15 23.12
CA ASP B 184 -12.30 -2.81 23.60
C ASP B 184 -11.58 -2.95 24.94
N ASN B 185 -10.26 -3.18 24.87
CA ASN B 185 -9.46 -3.51 26.05
C ASN B 185 -8.48 -2.43 26.46
N GLY B 186 -8.42 -1.31 25.74
CA GLY B 186 -7.63 -0.18 26.18
C GLY B 186 -6.14 -0.30 26.01
N ILE B 187 -5.66 -1.38 25.41
CA ILE B 187 -4.23 -1.69 25.36
C ILE B 187 -3.80 -1.95 23.93
N SER B 188 -2.65 -1.41 23.56
CA SER B 188 -1.97 -1.80 22.32
C SER B 188 -0.50 -1.99 22.66
N ILE B 189 0.33 -2.23 21.65
CA ILE B 189 1.71 -2.60 21.96
C ILE B 189 2.45 -1.48 22.67
N ASP B 190 2.19 -0.23 22.31
CA ASP B 190 2.88 0.87 22.96
C ASP B 190 2.37 1.15 24.37
N GLY B 191 1.25 0.56 24.79
CA GLY B 191 0.72 0.75 26.13
C GLY B 191 -0.75 1.13 26.13
N HIS B 192 -1.10 2.06 27.01
CA HIS B 192 -2.47 2.53 27.15
C HIS B 192 -2.85 3.35 25.92
N VAL B 193 -3.91 2.94 25.23
CA VAL B 193 -4.17 3.51 23.90
C VAL B 193 -4.54 4.97 23.91
N GLU B 194 -4.93 5.56 25.03
CA GLU B 194 -5.35 6.95 25.04
CA GLU B 194 -5.34 6.95 25.08
C GLU B 194 -4.28 7.90 24.53
N GLY B 195 -3.02 7.53 24.54
CA GLY B 195 -1.99 8.39 24.02
C GLY B 195 -2.02 8.57 22.51
N TRP B 196 -2.73 7.68 21.80
CA TRP B 196 -2.72 7.67 20.34
C TRP B 196 -4.05 7.29 19.73
N PHE B 197 -5.07 6.94 20.51
CA PHE B 197 -6.33 6.46 19.94
C PHE B 197 -7.45 6.88 20.89
N THR B 198 -8.19 7.91 20.47
CA THR B 198 -9.17 8.56 21.32
C THR B 198 -10.53 8.67 20.66
N ASP B 199 -10.75 8.00 19.54
CA ASP B 199 -12.03 8.11 18.85
C ASP B 199 -13.18 7.72 19.77
N ASP B 200 -14.32 8.37 19.55
CA ASP B 200 -15.59 7.82 19.99
C ASP B 200 -16.00 6.81 18.93
N THR B 201 -15.52 5.58 19.09
CA THR B 201 -15.69 4.56 18.07
C THR B 201 -17.16 4.26 17.83
N ALA B 202 -17.98 4.28 18.87
CA ALA B 202 -19.40 4.05 18.66
C ALA B 202 -20.00 5.11 17.74
N MET B 203 -19.69 6.39 18.01
CA MET B 203 -20.19 7.48 17.17
C MET B 203 -19.69 7.36 15.74
N ARG B 204 -18.43 6.97 15.57
CA ARG B 204 -17.87 6.76 14.24
C ARG B 204 -18.70 5.72 13.47
N PHE B 205 -18.97 4.58 14.11
CA PHE B 205 -19.71 3.52 13.42
C PHE B 205 -21.17 3.90 13.20
N GLU B 206 -21.76 4.69 14.08
N GLU B 206 -21.76 4.65 14.12
CA GLU B 206 -23.10 5.19 13.79
CA GLU B 206 -23.07 5.27 13.88
C GLU B 206 -23.08 6.16 12.61
C GLU B 206 -23.03 6.08 12.59
N ALA B 207 -21.96 6.86 12.39
CA ALA B 207 -21.83 7.70 11.20
C ALA B 207 -21.80 6.88 9.93
N TYR B 208 -21.36 5.62 10.01
CA TYR B 208 -21.35 4.72 8.87
C TYR B 208 -22.71 4.07 8.65
N GLY B 209 -23.68 4.27 9.54
CA GLY B 209 -24.94 3.57 9.42
C GLY B 209 -24.97 2.21 10.06
N TRP B 210 -24.10 1.95 11.03
CA TRP B 210 -24.15 0.71 11.78
C TRP B 210 -25.05 0.86 13.01
N HIS B 211 -25.58 -0.28 13.43
CA HIS B 211 -26.22 -0.46 14.72
C HIS B 211 -25.12 -0.74 15.73
N VAL B 212 -25.00 0.05 16.78
CA VAL B 212 -23.91 -0.07 17.73
C VAL B 212 -24.48 -0.33 19.12
N ILE B 213 -23.95 -1.33 19.79
CA ILE B 213 -24.29 -1.64 21.17
C ILE B 213 -23.07 -1.28 22.01
N ARG B 214 -23.25 -0.28 22.87
CA ARG B 214 -22.18 0.26 23.70
C ARG B 214 -22.06 -0.50 25.02
N ASP B 215 -20.86 -0.46 25.59
CA ASP B 215 -20.63 -0.73 27.00
C ASP B 215 -21.06 -2.13 27.41
N ILE B 216 -20.78 -3.11 26.56
CA ILE B 216 -21.07 -4.51 26.91
C ILE B 216 -19.97 -5.00 27.85
N ASP B 217 -20.37 -5.65 28.94
CA ASP B 217 -19.40 -6.33 29.80
C ASP B 217 -18.98 -7.61 29.09
N GLY B 218 -17.78 -7.57 28.50
CA GLY B 218 -17.28 -8.70 27.74
C GLY B 218 -16.85 -9.88 28.55
N HIS B 219 -17.01 -9.82 29.87
CA HIS B 219 -16.78 -10.96 30.75
C HIS B 219 -18.05 -11.46 31.39
N ASP B 220 -19.21 -11.03 30.90
CA ASP B 220 -20.50 -11.45 31.43
C ASP B 220 -21.30 -12.09 30.31
N ALA B 221 -21.42 -13.42 30.38
CA ALA B 221 -22.09 -14.16 29.31
C ALA B 221 -23.51 -13.64 29.05
N ALA B 222 -24.26 -13.33 30.10
CA ALA B 222 -25.64 -12.88 29.89
C ALA B 222 -25.68 -11.57 29.11
N SER B 223 -24.77 -10.65 29.40
CA SER B 223 -24.72 -9.38 28.68
C SER B 223 -24.37 -9.59 27.23
N ILE B 224 -23.39 -10.46 26.98
CA ILE B 224 -22.98 -10.74 25.61
C ILE B 224 -24.13 -11.37 24.84
N LYS B 225 -24.80 -12.36 25.45
N LYS B 225 -24.83 -12.33 25.46
CA LYS B 225 -25.91 -13.03 24.80
CA LYS B 225 -25.89 -13.05 24.78
C LYS B 225 -26.99 -12.04 24.40
C LYS B 225 -27.04 -12.11 24.42
N ARG B 226 -27.40 -11.18 25.33
N ARG B 226 -27.40 -11.21 25.34
CA ARG B 226 -28.44 -10.21 25.04
CA ARG B 226 -28.44 -10.23 25.02
C ARG B 226 -28.05 -9.29 23.89
C ARG B 226 -28.02 -9.38 23.83
N ALA B 227 -26.78 -8.90 23.83
CA ALA B 227 -26.31 -8.04 22.75
C ALA B 227 -26.35 -8.76 21.40
N VAL B 228 -25.95 -10.02 21.37
CA VAL B 228 -25.98 -10.76 20.11
C VAL B 228 -27.42 -10.93 19.65
N GLU B 229 -28.34 -11.22 20.57
CA GLU B 229 -29.75 -11.33 20.18
C GLU B 229 -30.24 -10.02 19.58
N GLU B 230 -29.90 -8.90 20.21
N GLU B 230 -29.86 -8.90 20.18
CA GLU B 230 -30.32 -7.62 19.66
CA GLU B 230 -30.31 -7.60 19.67
C GLU B 230 -29.77 -7.43 18.26
C GLU B 230 -29.73 -7.31 18.30
N ALA B 231 -28.48 -7.68 18.08
CA ALA B 231 -27.84 -7.49 16.78
C ALA B 231 -28.46 -8.36 15.70
N ARG B 232 -28.74 -9.63 16.02
N ARG B 232 -28.76 -9.62 16.02
CA ARG B 232 -29.35 -10.49 15.03
CA ARG B 232 -29.37 -10.52 15.04
C ARG B 232 -30.72 -9.96 14.60
C ARG B 232 -30.79 -10.11 14.67
N ALA B 233 -31.44 -9.35 15.54
CA ALA B 233 -32.79 -8.84 15.26
C ALA B 233 -32.78 -7.57 14.41
N VAL B 234 -31.65 -6.88 14.28
CA VAL B 234 -31.55 -5.70 13.42
C VAL B 234 -31.15 -6.19 12.03
N THR B 235 -32.07 -6.11 11.08
CA THR B 235 -31.84 -6.73 9.79
C THR B 235 -31.36 -5.76 8.72
N ASP B 236 -31.36 -4.47 9.00
CA ASP B 236 -31.13 -3.45 8.00
C ASP B 236 -29.83 -2.68 8.18
N LYS B 237 -29.01 -3.05 9.15
N LYS B 237 -28.99 -3.06 9.14
CA LYS B 237 -27.73 -2.42 9.40
CA LYS B 237 -27.74 -2.39 9.42
C LYS B 237 -26.77 -3.48 9.89
C LYS B 237 -26.76 -3.42 9.96
N PRO B 238 -25.49 -3.39 9.57
CA PRO B 238 -24.50 -4.21 10.26
C PRO B 238 -24.40 -3.74 11.70
N SER B 239 -23.98 -4.65 12.60
CA SER B 239 -23.90 -4.34 14.02
C SER B 239 -22.47 -4.40 14.54
N LEU B 240 -22.15 -3.45 15.43
CA LEU B 240 -20.90 -3.43 16.16
C LEU B 240 -21.22 -3.56 17.64
N LEU B 241 -20.65 -4.58 18.27
CA LEU B 241 -20.79 -4.85 19.69
C LEU B 241 -19.50 -4.38 20.37
N MET B 242 -19.61 -3.32 21.17
CA MET B 242 -18.49 -2.70 21.89
CA MET B 242 -18.42 -2.79 21.84
C MET B 242 -18.25 -3.51 23.16
N CYS B 243 -17.32 -4.45 23.16
CA CYS B 243 -17.14 -5.37 24.28
C CYS B 243 -15.98 -4.92 25.13
N LYS B 244 -16.28 -4.42 26.32
N LYS B 244 -16.28 -4.43 26.33
CA LYS B 244 -15.23 -4.06 27.26
CA LYS B 244 -15.23 -4.04 27.27
C LYS B 244 -14.63 -5.34 27.80
C LYS B 244 -14.61 -5.30 27.86
N THR B 245 -13.33 -5.52 27.58
CA THR B 245 -12.61 -6.69 28.07
C THR B 245 -11.33 -6.27 28.75
N ILE B 246 -10.78 -7.22 29.50
CA ILE B 246 -9.49 -7.10 30.14
C ILE B 246 -8.54 -8.03 29.38
N ILE B 247 -7.54 -7.45 28.71
CA ILE B 247 -6.57 -8.26 28.00
C ILE B 247 -5.89 -9.18 29.00
N GLY B 248 -5.68 -10.45 28.64
CA GLY B 248 -5.02 -11.34 29.59
C GLY B 248 -5.85 -11.70 30.80
N PHE B 249 -7.18 -11.59 30.70
CA PHE B 249 -8.09 -11.90 31.80
C PHE B 249 -7.71 -13.21 32.46
N GLY B 250 -7.55 -13.14 33.79
CA GLY B 250 -7.17 -14.28 34.61
C GLY B 250 -5.78 -14.17 35.20
N SER B 251 -4.90 -13.42 34.56
CA SER B 251 -3.51 -13.30 35.00
C SER B 251 -3.41 -12.20 36.05
N PRO B 252 -3.06 -12.52 37.29
CA PRO B 252 -3.03 -11.47 38.31
C PRO B 252 -2.06 -10.34 37.98
N ASN B 253 -0.90 -10.65 37.42
CA ASN B 253 0.13 -9.66 37.23
C ASN B 253 0.20 -9.08 35.83
N LYS B 254 -0.40 -9.73 34.83
N LYS B 254 -0.42 -9.72 34.85
CA LYS B 254 -0.32 -9.25 33.47
CA LYS B 254 -0.32 -9.27 33.46
C LYS B 254 -1.66 -8.88 32.87
C LYS B 254 -1.66 -8.99 32.81
N ALA B 255 -2.79 -9.25 33.46
CA ALA B 255 -4.06 -8.82 32.90
C ALA B 255 -4.09 -7.29 32.85
N GLY B 256 -4.64 -6.74 31.79
CA GLY B 256 -4.76 -5.30 31.67
C GLY B 256 -3.48 -4.60 31.33
N THR B 257 -2.44 -5.34 30.95
CA THR B 257 -1.15 -4.76 30.63
C THR B 257 -0.72 -5.14 29.22
N HIS B 258 0.11 -4.28 28.63
N HIS B 258 0.14 -4.29 28.66
CA HIS B 258 0.68 -4.60 27.33
CA HIS B 258 0.73 -4.57 27.36
C HIS B 258 1.55 -5.86 27.40
C HIS B 258 1.64 -5.79 27.38
N ASP B 259 2.04 -6.21 28.58
N ASP B 259 2.10 -6.21 28.57
CA ASP B 259 2.91 -7.37 28.71
CA ASP B 259 2.93 -7.40 28.65
C ASP B 259 2.20 -8.67 28.37
C ASP B 259 2.18 -8.63 28.17
N SER B 260 0.87 -8.69 28.42
CA SER B 260 0.11 -9.87 28.05
C SER B 260 -0.15 -9.97 26.55
N HIS B 261 0.18 -8.93 25.78
CA HIS B 261 -0.21 -8.91 24.37
C HIS B 261 0.46 -10.02 23.56
N GLY B 262 1.79 -10.12 23.66
CA GLY B 262 2.55 -10.75 22.59
C GLY B 262 3.73 -11.56 23.02
N ALA B 263 3.73 -12.02 24.26
CA ALA B 263 4.77 -12.91 24.74
C ALA B 263 4.14 -13.92 25.67
N PRO B 264 4.78 -15.08 25.85
CA PRO B 264 4.31 -16.05 26.84
C PRO B 264 4.16 -15.39 28.20
N LEU B 265 3.16 -15.82 28.94
CA LEU B 265 2.96 -15.29 30.29
C LEU B 265 4.09 -15.66 31.23
N GLY B 266 4.70 -16.82 31.02
CA GLY B 266 5.69 -17.38 31.92
C GLY B 266 5.06 -18.46 32.78
N ASP B 267 5.86 -19.48 33.11
CA ASP B 267 5.31 -20.61 33.86
C ASP B 267 4.80 -20.18 35.24
N ALA B 268 5.54 -19.33 35.94
CA ALA B 268 5.07 -18.90 37.26
C ALA B 268 3.75 -18.16 37.17
N GLU B 269 3.62 -17.28 36.18
CA GLU B 269 2.39 -16.54 36.01
C GLU B 269 1.25 -17.44 35.59
N ILE B 270 1.51 -18.46 34.78
CA ILE B 270 0.46 -19.41 34.41
C ILE B 270 -0.07 -20.13 35.63
N ALA B 271 0.81 -20.53 36.56
CA ALA B 271 0.33 -21.18 37.78
C ALA B 271 -0.61 -20.26 38.55
N LEU B 272 -0.24 -18.98 38.67
CA LEU B 272 -1.10 -18.01 39.35
C LEU B 272 -2.40 -17.79 38.61
N THR B 273 -2.36 -17.86 37.29
CA THR B 273 -3.55 -17.68 36.48
C THR B 273 -4.51 -18.85 36.65
N ARG B 274 -3.98 -20.07 36.67
CA ARG B 274 -4.84 -21.22 36.98
C ARG B 274 -5.53 -21.02 38.32
N GLU B 275 -4.80 -20.55 39.33
CA GLU B 275 -5.36 -20.36 40.65
C GLU B 275 -6.45 -19.29 40.64
N GLN B 276 -6.22 -18.20 39.93
CA GLN B 276 -7.23 -17.13 39.85
C GLN B 276 -8.48 -17.61 39.13
N LEU B 277 -8.32 -18.36 38.04
CA LEU B 277 -9.45 -18.84 37.26
C LEU B 277 -10.11 -20.06 37.84
N GLY B 278 -9.50 -20.73 38.79
CA GLY B 278 -10.03 -21.98 39.27
C GLY B 278 -9.92 -23.12 38.29
N TRP B 279 -8.93 -23.09 37.41
CA TRP B 279 -8.76 -24.09 36.35
C TRP B 279 -7.72 -25.11 36.80
N LYS B 280 -8.18 -26.32 37.11
CA LYS B 280 -7.32 -27.30 37.75
C LYS B 280 -6.56 -28.20 36.79
N TYR B 281 -6.96 -28.26 35.53
CA TYR B 281 -6.44 -29.25 34.61
C TYR B 281 -5.04 -28.88 34.14
N ALA B 282 -4.23 -29.90 33.92
CA ALA B 282 -2.87 -29.72 33.46
C ALA B 282 -2.85 -29.23 32.02
N PRO B 283 -1.71 -28.74 31.53
CA PRO B 283 -1.64 -28.28 30.14
C PRO B 283 -2.09 -29.36 29.17
N PHE B 284 -2.96 -28.95 28.25
CA PHE B 284 -3.45 -29.81 27.17
C PHE B 284 -4.38 -30.90 27.66
N GLU B 285 -4.87 -30.78 28.90
N GLU B 285 -4.91 -30.80 28.87
CA GLU B 285 -5.86 -31.68 29.48
CA GLU B 285 -5.86 -31.78 29.38
C GLU B 285 -7.24 -31.01 29.43
C GLU B 285 -7.23 -31.13 29.55
N ILE B 286 -8.22 -31.73 28.89
CA ILE B 286 -9.61 -31.26 28.91
C ILE B 286 -10.44 -32.48 29.28
N PRO B 287 -11.27 -32.40 30.32
CA PRO B 287 -12.06 -33.56 30.74
C PRO B 287 -13.22 -33.81 29.78
N SER B 288 -13.68 -35.06 29.77
CA SER B 288 -14.75 -35.46 28.87
C SER B 288 -16.00 -34.59 29.06
N GLU B 289 -16.31 -34.19 30.30
CA GLU B 289 -17.52 -33.40 30.54
CA GLU B 289 -17.53 -33.42 30.50
C GLU B 289 -17.45 -32.04 29.86
N ILE B 290 -16.25 -31.47 29.79
CA ILE B 290 -16.11 -30.17 29.13
C ILE B 290 -16.20 -30.33 27.61
N TYR B 291 -15.58 -31.37 27.05
CA TYR B 291 -15.81 -31.66 25.63
C TYR B 291 -17.29 -31.86 25.35
N ALA B 292 -18.01 -32.54 26.24
CA ALA B 292 -19.41 -32.82 25.96
C ALA B 292 -20.21 -31.54 25.81
N GLN B 293 -19.86 -30.51 26.60
CA GLN B 293 -20.58 -29.24 26.55
C GLN B 293 -20.12 -28.36 25.38
N TRP B 294 -18.86 -28.48 24.98
CA TRP B 294 -18.35 -27.70 23.86
C TRP B 294 -18.65 -28.32 22.50
N ASP B 295 -18.79 -29.64 22.44
CA ASP B 295 -18.82 -30.29 21.13
C ASP B 295 -20.03 -29.84 20.33
N ALA B 296 -19.82 -29.61 19.03
CA ALA B 296 -20.87 -29.14 18.13
C ALA B 296 -21.24 -30.16 17.05
N LYS B 297 -20.76 -31.40 17.14
CA LYS B 297 -21.01 -32.35 16.07
C LYS B 297 -22.49 -32.71 15.94
N GLU B 298 -23.18 -32.97 17.05
N GLU B 298 -23.17 -32.97 17.06
CA GLU B 298 -24.57 -33.40 16.93
CA GLU B 298 -24.57 -33.40 16.99
C GLU B 298 -25.46 -32.27 16.44
C GLU B 298 -25.46 -32.28 16.47
N ALA B 299 -25.33 -31.08 17.04
CA ALA B 299 -26.13 -29.95 16.58
C ALA B 299 -25.77 -29.57 15.16
N GLY B 300 -24.47 -29.60 14.82
CA GLY B 300 -24.05 -29.23 13.49
C GLY B 300 -24.58 -30.17 12.44
N GLN B 301 -24.55 -31.48 12.73
N GLN B 301 -24.57 -31.47 12.73
CA GLN B 301 -25.14 -32.47 11.84
CA GLN B 301 -25.14 -32.43 11.78
C GLN B 301 -26.62 -32.18 11.62
C GLN B 301 -26.63 -32.21 11.61
N ALA B 302 -27.35 -31.91 12.70
CA ALA B 302 -28.78 -31.68 12.56
C ALA B 302 -29.05 -30.47 11.69
N LYS B 303 -28.27 -29.40 11.89
CA LYS B 303 -28.49 -28.19 11.13
C LYS B 303 -28.16 -28.41 9.65
N GLU B 304 -27.02 -29.07 9.36
CA GLU B 304 -26.68 -29.30 7.97
C GLU B 304 -27.64 -30.28 7.31
N SER B 305 -28.09 -31.29 8.04
CA SER B 305 -29.07 -32.22 7.48
CA SER B 305 -29.06 -32.22 7.49
C SER B 305 -30.35 -31.51 7.12
N ALA B 306 -30.83 -30.62 7.99
CA ALA B 306 -32.03 -29.85 7.66
C ALA B 306 -31.80 -28.98 6.41
N TRP B 307 -30.62 -28.38 6.31
CA TRP B 307 -30.32 -27.58 5.12
C TRP B 307 -30.27 -28.44 3.87
N ASN B 308 -29.67 -29.63 3.96
CA ASN B 308 -29.62 -30.50 2.81
C ASN B 308 -31.03 -30.87 2.34
N GLU B 309 -31.98 -31.07 3.27
N GLU B 309 -31.98 -31.04 3.27
CA GLU B 309 -33.34 -31.36 2.85
CA GLU B 309 -33.37 -31.27 2.89
C GLU B 309 -34.00 -30.14 2.22
C GLU B 309 -33.95 -30.06 2.16
N LYS B 310 -33.62 -28.94 2.66
N LYS B 310 -33.74 -28.86 2.69
CA LYS B 310 -34.11 -27.71 2.04
CA LYS B 310 -34.14 -27.64 2.00
C LYS B 310 -33.54 -27.53 0.64
C LYS B 310 -33.56 -27.62 0.59
N PHE B 311 -32.26 -27.91 0.46
CA PHE B 311 -31.63 -27.83 -0.85
C PHE B 311 -32.22 -28.87 -1.80
N ALA B 312 -32.53 -30.07 -1.30
CA ALA B 312 -33.14 -31.07 -2.15
C ALA B 312 -34.50 -30.60 -2.66
N ALA B 313 -35.29 -29.98 -1.79
CA ALA B 313 -36.60 -29.46 -2.20
C ALA B 313 -36.42 -28.33 -3.21
N TYR B 314 -35.43 -27.48 -3.00
CA TYR B 314 -35.11 -26.43 -3.96
C TYR B 314 -34.76 -27.02 -5.31
N ALA B 315 -33.92 -28.05 -5.31
CA ALA B 315 -33.48 -28.67 -6.55
C ALA B 315 -34.61 -29.33 -7.32
N LYS B 316 -35.59 -29.89 -6.62
N LYS B 316 -35.62 -29.85 -6.61
CA LYS B 316 -36.77 -30.41 -7.31
CA LYS B 316 -36.78 -30.43 -7.29
C LYS B 316 -37.50 -29.28 -8.04
C LYS B 316 -37.61 -29.34 -7.96
N ALA B 317 -37.72 -28.17 -7.34
CA ALA B 317 -38.53 -27.07 -7.86
C ALA B 317 -37.75 -26.22 -8.86
N TYR B 318 -36.42 -26.13 -8.69
CA TYR B 318 -35.54 -25.23 -9.45
C TYR B 318 -34.29 -26.00 -9.85
N PRO B 319 -34.42 -26.99 -10.74
CA PRO B 319 -33.26 -27.87 -11.00
C PRO B 319 -32.06 -27.18 -11.62
N GLN B 320 -32.28 -26.30 -12.60
N GLN B 320 -32.28 -26.29 -12.60
CA GLN B 320 -31.14 -25.64 -13.22
CA GLN B 320 -31.15 -25.62 -13.25
C GLN B 320 -30.47 -24.69 -12.25
C GLN B 320 -30.47 -24.64 -12.29
N GLU B 321 -31.25 -23.98 -11.44
CA GLU B 321 -30.70 -23.07 -10.45
C GLU B 321 -29.87 -23.83 -9.42
N ALA B 322 -30.38 -24.99 -8.97
CA ALA B 322 -29.63 -25.79 -8.02
C ALA B 322 -28.32 -26.26 -8.59
N ALA B 323 -28.31 -26.67 -9.86
CA ALA B 323 -27.05 -27.09 -10.49
C ALA B 323 -26.07 -25.94 -10.56
N GLU B 324 -26.56 -24.74 -10.87
CA GLU B 324 -25.69 -23.55 -10.89
C GLU B 324 -25.15 -23.24 -9.51
N PHE B 325 -25.97 -23.38 -8.48
CA PHE B 325 -25.52 -23.12 -7.11
C PHE B 325 -24.38 -24.04 -6.75
N THR B 326 -24.56 -25.34 -7.02
CA THR B 326 -23.51 -26.30 -6.71
C THR B 326 -22.24 -26.02 -7.50
N ARG B 327 -22.36 -25.75 -8.80
CA ARG B 327 -21.20 -25.46 -9.62
C ARG B 327 -20.43 -24.27 -9.06
N ARG B 328 -21.17 -23.20 -8.78
CA ARG B 328 -20.54 -21.97 -8.34
C ARG B 328 -19.94 -22.09 -6.95
N MET B 329 -20.62 -22.78 -6.04
CA MET B 329 -20.05 -22.95 -4.70
C MET B 329 -18.78 -23.79 -4.74
N LYS B 330 -18.68 -24.71 -5.71
CA LYS B 330 -17.48 -25.53 -5.90
C LYS B 330 -16.35 -24.78 -6.62
N GLY B 331 -16.64 -23.62 -7.21
CA GLY B 331 -15.65 -22.90 -7.98
C GLY B 331 -15.36 -23.48 -9.34
N GLU B 332 -16.24 -24.33 -9.84
N GLU B 332 -16.27 -24.29 -9.85
CA GLU B 332 -16.07 -24.95 -11.14
CA GLU B 332 -16.10 -25.00 -11.11
C GLU B 332 -16.51 -24.01 -12.24
C GLU B 332 -16.61 -24.15 -12.27
N MET B 333 -15.93 -24.18 -13.40
N MET B 333 -15.90 -24.21 -13.39
CA MET B 333 -16.27 -23.37 -14.54
CA MET B 333 -16.24 -23.43 -14.57
C MET B 333 -17.32 -24.06 -15.40
C MET B 333 -17.42 -24.05 -15.30
N PRO B 334 -18.10 -23.29 -16.15
CA PRO B 334 -19.07 -23.92 -17.05
C PRO B 334 -18.35 -24.84 -18.02
N SER B 335 -18.99 -25.96 -18.37
CA SER B 335 -18.29 -26.97 -19.18
C SER B 335 -17.93 -26.45 -20.57
N ASP B 336 -18.70 -25.51 -21.11
CA ASP B 336 -18.43 -24.99 -22.45
C ASP B 336 -17.61 -23.70 -22.44
N PHE B 337 -17.15 -23.25 -21.27
CA PHE B 337 -16.44 -21.98 -21.24
C PHE B 337 -15.15 -22.04 -22.04
N ASP B 338 -14.34 -23.08 -21.85
CA ASP B 338 -13.07 -23.18 -22.57
C ASP B 338 -13.27 -23.04 -24.07
N ALA B 339 -14.22 -23.79 -24.62
CA ALA B 339 -14.43 -23.77 -26.06
C ALA B 339 -14.93 -22.40 -26.52
N LYS B 340 -15.85 -21.79 -25.77
N LYS B 340 -15.86 -21.80 -25.78
CA LYS B 340 -16.39 -20.50 -26.18
CA LYS B 340 -16.38 -20.50 -26.18
C LYS B 340 -15.36 -19.39 -26.04
C LYS B 340 -15.29 -19.44 -26.09
N ALA B 341 -14.49 -19.47 -25.03
CA ALA B 341 -13.43 -18.47 -24.89
C ALA B 341 -12.39 -18.62 -25.98
N LYS B 342 -12.04 -19.86 -26.33
CA LYS B 342 -11.11 -20.07 -27.44
C LYS B 342 -11.67 -19.56 -28.76
N GLU B 343 -12.98 -19.73 -28.98
N GLU B 343 -12.97 -19.75 -29.00
CA GLU B 343 -13.61 -19.22 -30.18
CA GLU B 343 -13.60 -19.21 -30.19
C GLU B 343 -13.52 -17.70 -30.24
C GLU B 343 -13.47 -17.69 -30.23
N PHE B 344 -13.73 -17.03 -29.10
CA PHE B 344 -13.59 -15.58 -29.03
C PHE B 344 -12.16 -15.15 -29.35
N ILE B 345 -11.17 -15.80 -28.73
CA ILE B 345 -9.77 -15.47 -28.97
C ILE B 345 -9.42 -15.63 -30.44
N ALA B 346 -9.84 -16.74 -31.04
CA ALA B 346 -9.55 -16.97 -32.45
C ALA B 346 -10.20 -15.92 -33.34
N LYS B 347 -11.42 -15.51 -33.01
N LYS B 347 -11.42 -15.52 -33.02
CA LYS B 347 -12.10 -14.46 -33.76
CA LYS B 347 -12.08 -14.46 -33.78
C LYS B 347 -11.32 -13.14 -33.69
C LYS B 347 -11.28 -13.17 -33.71
N LEU B 348 -10.79 -12.81 -32.53
CA LEU B 348 -9.99 -11.59 -32.41
C LEU B 348 -8.74 -11.67 -33.25
N GLN B 349 -8.05 -12.81 -33.23
CA GLN B 349 -6.83 -12.92 -34.02
C GLN B 349 -7.12 -12.74 -35.50
N ALA B 350 -8.28 -13.23 -35.96
CA ALA B 350 -8.67 -13.12 -37.37
C ALA B 350 -9.24 -11.76 -37.74
N ASN B 351 -9.58 -10.91 -36.77
CA ASN B 351 -10.29 -9.66 -37.00
C ASN B 351 -9.59 -8.56 -36.22
N PRO B 352 -8.44 -8.10 -36.73
N PRO B 352 -8.48 -8.06 -36.73
CA PRO B 352 -7.64 -7.13 -36.00
CA PRO B 352 -7.65 -7.17 -35.93
C PRO B 352 -8.43 -5.89 -35.59
C PRO B 352 -8.32 -5.83 -35.64
N ALA B 353 -8.04 -5.32 -34.46
CA ALA B 353 -8.55 -4.05 -33.97
C ALA B 353 -7.45 -3.43 -33.14
N LYS B 354 -7.09 -2.19 -33.48
CA LYS B 354 -6.06 -1.42 -32.78
C LYS B 354 -6.76 -0.56 -31.75
N ILE B 355 -6.88 -1.12 -30.55
CA ILE B 355 -7.64 -0.56 -29.44
C ILE B 355 -6.78 -0.64 -28.19
N ALA B 356 -7.14 0.13 -27.17
CA ALA B 356 -6.39 0.09 -25.93
C ALA B 356 -6.63 -1.26 -25.27
N SER B 357 -5.63 -1.78 -24.54
CA SER B 357 -5.92 -3.03 -23.85
C SER B 357 -6.95 -2.85 -22.74
N ARG B 358 -7.18 -1.64 -22.22
N ARG B 358 -7.17 -1.64 -22.20
CA ARG B 358 -8.32 -1.45 -21.33
CA ARG B 358 -8.29 -1.48 -21.28
C ARG B 358 -9.64 -1.78 -22.04
C ARG B 358 -9.63 -1.71 -21.99
N LYS B 359 -9.77 -1.34 -23.31
N LYS B 359 -9.72 -1.38 -23.29
CA LYS B 359 -10.95 -1.64 -24.10
CA LYS B 359 -10.93 -1.64 -24.05
C LYS B 359 -11.02 -3.13 -24.43
C LYS B 359 -11.01 -3.11 -24.45
N ALA B 360 -9.88 -3.73 -24.78
CA ALA B 360 -9.87 -5.16 -25.04
C ALA B 360 -10.31 -5.94 -23.80
N SER B 361 -9.95 -5.43 -22.61
CA SER B 361 -10.41 -6.01 -21.35
C SER B 361 -11.93 -5.90 -21.22
N GLN B 362 -12.49 -4.70 -21.45
CA GLN B 362 -13.94 -4.56 -21.44
C GLN B 362 -14.59 -5.52 -22.42
N ASN B 363 -14.00 -5.67 -23.60
CA ASN B 363 -14.57 -6.56 -24.59
C ASN B 363 -14.57 -8.00 -24.11
N ALA B 364 -13.52 -8.42 -23.40
CA ALA B 364 -13.49 -9.76 -22.82
C ALA B 364 -14.53 -9.92 -21.73
N ILE B 365 -14.72 -8.89 -20.88
CA ILE B 365 -15.77 -8.95 -19.88
C ILE B 365 -17.13 -9.11 -20.56
N GLU B 366 -17.37 -8.34 -21.63
CA GLU B 366 -18.63 -8.44 -22.38
C GLU B 366 -18.80 -9.85 -22.95
N ALA B 367 -17.73 -10.45 -23.48
CA ALA B 367 -17.82 -11.79 -24.05
C ALA B 367 -18.04 -12.86 -22.98
N PHE B 368 -17.35 -12.71 -21.85
N PHE B 368 -17.35 -12.71 -21.83
CA PHE B 368 -17.37 -13.72 -20.82
CA PHE B 368 -17.42 -13.72 -20.79
C PHE B 368 -18.50 -13.54 -19.81
C PHE B 368 -18.66 -13.57 -19.91
N GLY B 369 -19.13 -12.35 -19.76
CA GLY B 369 -20.19 -12.06 -18.82
C GLY B 369 -21.37 -12.97 -18.91
N PRO B 370 -21.90 -13.24 -20.12
CA PRO B 370 -23.05 -14.14 -20.22
C PRO B 370 -22.73 -15.56 -19.82
N LEU B 371 -21.46 -15.95 -19.85
CA LEU B 371 -21.03 -17.30 -19.54
C LEU B 371 -20.70 -17.48 -18.07
N LEU B 372 -20.40 -16.40 -17.37
CA LEU B 372 -19.90 -16.43 -15.99
C LEU B 372 -20.82 -15.61 -15.10
N PRO B 373 -22.00 -16.14 -14.80
CA PRO B 373 -22.90 -15.46 -13.86
C PRO B 373 -22.32 -15.29 -12.47
N GLU B 374 -21.27 -16.03 -12.15
CA GLU B 374 -20.56 -15.88 -10.90
C GLU B 374 -19.73 -14.62 -10.82
N PHE B 375 -19.48 -13.88 -11.90
CA PHE B 375 -18.71 -12.65 -11.76
C PHE B 375 -19.36 -11.75 -10.71
N LEU B 376 -18.51 -11.17 -9.84
CA LEU B 376 -18.92 -10.11 -8.95
C LEU B 376 -17.80 -9.09 -9.04
N GLY B 377 -17.99 -8.13 -9.96
CA GLY B 377 -16.92 -7.25 -10.38
C GLY B 377 -17.10 -5.85 -9.84
N GLY B 378 -16.07 -5.02 -9.95
CA GLY B 378 -16.21 -3.65 -9.56
C GLY B 378 -14.94 -2.86 -9.84
N SER B 379 -15.03 -1.57 -9.56
CA SER B 379 -13.94 -0.62 -9.69
C SER B 379 -14.01 0.36 -8.54
N ALA B 380 -12.86 0.88 -8.16
CA ALA B 380 -12.74 1.89 -7.09
C ALA B 380 -12.98 3.29 -7.69
N ASP B 381 -14.26 3.56 -7.99
CA ASP B 381 -14.73 4.83 -8.54
C ASP B 381 -14.13 5.16 -9.88
N LEU B 382 -13.82 4.14 -10.69
CA LEU B 382 -13.20 4.36 -11.98
C LEU B 382 -13.88 3.55 -13.08
N ALA B 383 -15.17 3.23 -12.92
CA ALA B 383 -15.82 2.43 -13.96
C ALA B 383 -15.62 3.00 -15.37
N PRO B 384 -15.81 4.30 -15.62
CA PRO B 384 -15.72 4.77 -17.01
C PRO B 384 -14.31 4.88 -17.54
N SER B 385 -13.30 4.70 -16.70
CA SER B 385 -11.89 4.76 -17.08
CA SER B 385 -11.91 4.76 -17.09
C SER B 385 -11.24 3.39 -17.12
N ASN B 386 -11.52 2.56 -16.11
CA ASN B 386 -11.02 1.20 -16.10
C ASN B 386 -11.80 0.30 -17.05
N LEU B 387 -13.04 0.70 -17.41
CA LEU B 387 -13.88 -0.02 -18.36
C LEU B 387 -14.31 -1.38 -17.82
N THR B 388 -14.85 -1.36 -16.60
CA THR B 388 -15.26 -2.56 -15.88
C THR B 388 -16.74 -2.92 -16.05
N LEU B 389 -17.54 -2.03 -16.63
CA LEU B 389 -18.95 -2.35 -16.87
C LEU B 389 -19.11 -3.00 -18.23
N TRP B 390 -19.99 -4.00 -18.30
CA TRP B 390 -20.44 -4.54 -19.57
C TRP B 390 -21.95 -4.40 -19.62
N SER B 391 -22.56 -4.80 -20.74
CA SER B 391 -23.98 -4.50 -20.92
C SER B 391 -24.84 -5.17 -19.87
N GLY B 392 -24.40 -6.30 -19.32
CA GLY B 392 -25.11 -7.03 -18.31
C GLY B 392 -24.74 -6.70 -16.89
N SER B 393 -23.92 -5.69 -16.65
CA SER B 393 -23.60 -5.31 -15.29
C SER B 393 -24.82 -4.71 -14.60
N LYS B 394 -24.97 -5.04 -13.32
N LYS B 394 -24.98 -5.05 -13.32
CA LYS B 394 -26.01 -4.44 -12.50
CA LYS B 394 -26.04 -4.46 -12.50
C LYS B 394 -25.45 -4.25 -11.11
C LYS B 394 -25.47 -4.26 -11.10
N ALA B 395 -25.39 -3.00 -10.67
CA ALA B 395 -24.80 -2.69 -9.38
C ALA B 395 -25.67 -3.19 -8.23
N ILE B 396 -25.02 -3.78 -7.24
CA ILE B 396 -25.74 -4.40 -6.13
C ILE B 396 -26.37 -3.38 -5.20
N ASN B 397 -25.95 -2.11 -5.24
CA ASN B 397 -26.65 -1.09 -4.47
C ASN B 397 -27.99 -0.74 -5.10
N GLU B 398 -28.16 -1.07 -6.39
CA GLU B 398 -29.42 -0.85 -7.11
C GLU B 398 -30.31 -2.07 -7.06
N ASP B 399 -29.74 -3.27 -7.20
CA ASP B 399 -30.50 -4.51 -7.14
C ASP B 399 -29.57 -5.53 -6.49
N ALA B 400 -29.99 -6.06 -5.34
CA ALA B 400 -29.13 -6.94 -4.57
C ALA B 400 -28.77 -8.22 -5.31
N ALA B 401 -29.53 -8.60 -6.34
CA ALA B 401 -29.20 -9.79 -7.14
C ALA B 401 -28.23 -9.48 -8.29
N GLY B 402 -27.66 -8.28 -8.29
CA GLY B 402 -26.72 -7.90 -9.31
C GLY B 402 -25.36 -8.54 -9.17
N ASN B 403 -24.40 -7.97 -9.93
CA ASN B 403 -23.12 -8.59 -10.21
C ASN B 403 -21.99 -7.57 -10.22
N TYR B 404 -22.23 -6.37 -9.75
CA TYR B 404 -21.26 -5.28 -9.87
C TYR B 404 -21.27 -4.48 -8.57
N ILE B 405 -20.10 -4.04 -8.13
CA ILE B 405 -19.96 -3.25 -6.92
C ILE B 405 -19.26 -1.93 -7.26
N HIS B 406 -19.95 -0.82 -6.96
CA HIS B 406 -19.31 0.48 -6.90
C HIS B 406 -18.57 0.58 -5.57
N TYR B 407 -17.25 0.35 -5.62
CA TYR B 407 -16.47 0.29 -4.39
C TYR B 407 -16.17 1.67 -3.80
N GLY B 408 -16.35 2.75 -4.55
CA GLY B 408 -15.87 4.04 -4.11
C GLY B 408 -14.35 4.08 -4.14
N VAL B 409 -13.81 5.15 -3.56
CA VAL B 409 -12.38 5.43 -3.61
C VAL B 409 -11.74 4.71 -2.41
N ARG B 410 -11.63 3.38 -2.57
CA ARG B 410 -11.34 2.46 -1.48
C ARG B 410 -10.54 1.28 -2.03
N GLU B 411 -9.33 1.53 -2.52
CA GLU B 411 -8.63 0.48 -3.25
C GLU B 411 -8.25 -0.70 -2.37
N PHE B 412 -7.72 -0.41 -1.18
CA PHE B 412 -7.30 -1.47 -0.26
C PHE B 412 -8.50 -2.25 0.21
N GLY B 413 -9.52 -1.53 0.68
CA GLY B 413 -10.74 -2.18 1.11
C GLY B 413 -11.39 -3.00 0.02
N MET B 414 -11.44 -2.47 -1.20
CA MET B 414 -11.98 -3.21 -2.33
C MET B 414 -11.28 -4.56 -2.47
N THR B 415 -9.95 -4.53 -2.45
CA THR B 415 -9.20 -5.73 -2.74
C THR B 415 -9.37 -6.77 -1.64
N ALA B 416 -9.36 -6.33 -0.38
CA ALA B 416 -9.55 -7.25 0.72
C ALA B 416 -11.00 -7.71 0.86
N ILE B 417 -11.97 -6.87 0.47
CA ILE B 417 -13.36 -7.33 0.33
C ILE B 417 -13.43 -8.43 -0.70
N ALA B 418 -12.78 -8.23 -1.85
CA ALA B 418 -12.79 -9.24 -2.89
C ALA B 418 -12.14 -10.54 -2.43
N ASN B 419 -11.11 -10.45 -1.57
CA ASN B 419 -10.59 -11.67 -0.98
C ASN B 419 -11.67 -12.40 -0.18
N GLY B 420 -12.47 -11.66 0.60
CA GLY B 420 -13.59 -12.28 1.28
C GLY B 420 -14.62 -12.89 0.34
N ILE B 421 -14.90 -12.21 -0.78
CA ILE B 421 -15.82 -12.74 -1.78
C ILE B 421 -15.29 -14.05 -2.34
N SER B 422 -14.01 -14.11 -2.72
N SER B 422 -14.01 -14.09 -2.72
CA SER B 422 -13.48 -15.37 -3.26
CA SER B 422 -13.44 -15.33 -3.24
C SER B 422 -13.46 -16.47 -2.22
C SER B 422 -13.50 -16.44 -2.21
N LEU B 423 -13.16 -16.12 -0.96
CA LEU B 423 -13.12 -17.11 0.11
C LEU B 423 -14.50 -17.66 0.43
N HIS B 424 -15.54 -16.88 0.20
CA HIS B 424 -16.89 -17.32 0.55
C HIS B 424 -17.35 -18.48 -0.30
N GLY B 425 -17.01 -18.46 -1.58
CA GLY B 425 -17.57 -19.35 -2.57
C GLY B 425 -18.79 -18.76 -3.24
N GLY B 426 -19.01 -19.15 -4.49
CA GLY B 426 -20.18 -18.75 -5.24
C GLY B 426 -19.90 -17.71 -6.30
N PHE B 427 -18.76 -17.03 -6.20
CA PHE B 427 -18.43 -15.88 -7.05
C PHE B 427 -17.01 -15.96 -7.58
N LEU B 428 -16.78 -15.18 -8.63
CA LEU B 428 -15.46 -14.94 -9.20
C LEU B 428 -15.30 -13.42 -9.19
N PRO B 429 -14.59 -12.86 -8.22
CA PRO B 429 -14.49 -11.40 -8.15
C PRO B 429 -13.45 -10.86 -9.11
N TYR B 430 -13.74 -9.67 -9.64
CA TYR B 430 -12.72 -8.85 -10.28
C TYR B 430 -12.78 -7.47 -9.65
N THR B 431 -11.61 -6.85 -9.54
CA THR B 431 -11.45 -5.52 -8.95
C THR B 431 -10.64 -4.67 -9.92
N SER B 432 -10.65 -3.36 -9.70
CA SER B 432 -10.01 -2.48 -10.68
C SER B 432 -9.72 -1.11 -10.10
N THR B 433 -8.57 -0.58 -10.50
CA THR B 433 -8.18 0.81 -10.31
C THR B 433 -7.08 1.10 -11.33
N PHE B 434 -6.63 2.35 -11.36
CA PHE B 434 -5.39 2.64 -12.09
C PHE B 434 -4.24 1.85 -11.48
N LEU B 435 -3.34 1.35 -12.33
CA LEU B 435 -2.24 0.54 -11.84
C LEU B 435 -1.47 1.20 -10.71
N MET B 436 -1.21 2.51 -10.78
CA MET B 436 -0.43 3.12 -9.71
C MET B 436 -1.00 2.74 -8.35
N PHE B 437 -2.32 2.75 -8.24
CA PHE B 437 -2.98 2.63 -6.96
C PHE B 437 -3.12 1.18 -6.49
N VAL B 438 -2.53 0.23 -7.21
CA VAL B 438 -2.21 -1.04 -6.59
C VAL B 438 -1.39 -0.80 -5.33
N GLU B 439 -0.62 0.30 -5.30
CA GLU B 439 0.20 0.57 -4.12
C GLU B 439 -0.66 0.83 -2.89
N TYR B 440 -1.87 1.41 -3.04
CA TYR B 440 -2.76 1.56 -1.91
C TYR B 440 -3.26 0.21 -1.40
N ALA B 441 -3.42 -0.75 -2.29
CA ALA B 441 -4.00 -2.06 -1.98
C ALA B 441 -2.96 -3.15 -1.83
N ARG B 442 -1.69 -2.79 -1.71
N ARG B 442 -1.67 -2.78 -1.82
CA ARG B 442 -0.63 -3.72 -2.05
CA ARG B 442 -0.61 -3.74 -2.06
C ARG B 442 -0.63 -4.96 -1.18
C ARG B 442 -0.74 -5.00 -1.21
N ASN B 443 -0.87 -4.84 0.11
CA ASN B 443 -0.81 -6.04 0.94
C ASN B 443 -2.02 -6.93 0.75
N ALA B 444 -3.18 -6.38 0.33
CA ALA B 444 -4.32 -7.23 0.04
C ALA B 444 -4.09 -8.07 -1.23
N VAL B 445 -3.38 -7.50 -2.20
CA VAL B 445 -2.96 -8.25 -3.38
C VAL B 445 -2.05 -9.42 -2.94
N ARG B 446 -1.07 -9.12 -2.08
CA ARG B 446 -0.20 -10.16 -1.56
C ARG B 446 -1.01 -11.24 -0.85
N MET B 447 -1.98 -10.83 -0.05
CA MET B 447 -2.79 -11.79 0.70
C MET B 447 -3.58 -12.69 -0.24
N ALA B 448 -4.08 -12.16 -1.36
CA ALA B 448 -4.78 -13.01 -2.33
C ALA B 448 -3.83 -14.10 -2.84
N ALA B 449 -2.59 -13.72 -3.13
CA ALA B 449 -1.59 -14.68 -3.59
C ALA B 449 -1.25 -15.70 -2.52
N LEU B 450 -1.04 -15.25 -1.29
CA LEU B 450 -0.71 -16.16 -0.19
C LEU B 450 -1.85 -17.16 0.04
N MET B 451 -3.10 -16.70 -0.07
N MET B 451 -3.10 -16.68 0.02
CA MET B 451 -4.27 -17.53 0.15
CA MET B 451 -4.27 -17.52 0.24
C MET B 451 -4.71 -18.31 -1.07
C MET B 451 -4.65 -18.35 -0.97
N LYS B 452 -3.94 -18.25 -2.16
N LYS B 452 -3.95 -18.22 -2.09
CA LYS B 452 -4.22 -19.04 -3.36
CA LYS B 452 -4.22 -19.02 -3.29
C LYS B 452 -5.61 -18.76 -3.92
C LYS B 452 -5.62 -18.77 -3.82
N GLN B 453 -6.03 -17.50 -3.85
CA GLN B 453 -7.38 -17.13 -4.25
C GLN B 453 -7.46 -16.69 -5.70
N ARG B 454 -8.54 -17.09 -6.37
N ARG B 454 -8.58 -17.04 -6.34
CA ARG B 454 -8.85 -16.61 -7.71
CA ARG B 454 -8.93 -16.61 -7.69
C ARG B 454 -9.57 -15.27 -7.64
C ARG B 454 -9.59 -15.24 -7.61
N GLN B 455 -8.93 -14.25 -8.20
CA GLN B 455 -9.44 -12.90 -8.32
C GLN B 455 -8.70 -12.30 -9.51
N VAL B 456 -9.44 -11.61 -10.39
CA VAL B 456 -8.82 -10.90 -11.49
C VAL B 456 -8.74 -9.43 -11.11
N MET B 457 -7.53 -8.88 -11.20
CA MET B 457 -7.24 -7.52 -10.81
CA MET B 457 -7.22 -7.51 -10.81
C MET B 457 -6.96 -6.74 -12.09
N VAL B 458 -7.82 -5.79 -12.41
CA VAL B 458 -7.82 -5.10 -13.70
C VAL B 458 -7.17 -3.74 -13.47
N TYR B 459 -5.88 -3.61 -13.86
CA TYR B 459 -5.13 -2.40 -13.55
C TYR B 459 -4.81 -1.66 -14.84
N THR B 460 -5.49 -0.54 -15.04
CA THR B 460 -5.38 0.18 -16.29
C THR B 460 -4.48 1.40 -16.14
N HIS B 461 -4.16 2.02 -17.27
CA HIS B 461 -3.34 3.23 -17.31
C HIS B 461 -1.93 2.91 -16.79
N ASP B 462 -1.28 2.03 -17.55
CA ASP B 462 -0.14 1.26 -17.04
C ASP B 462 1.22 1.92 -17.16
N SER B 463 1.35 3.08 -17.79
CA SER B 463 2.68 3.63 -18.02
C SER B 463 2.56 5.13 -18.28
N ILE B 464 3.69 5.73 -18.65
CA ILE B 464 3.71 7.08 -19.20
C ILE B 464 2.75 7.26 -20.38
N GLY B 465 2.31 6.17 -21.01
CA GLY B 465 1.29 6.27 -22.04
C GLY B 465 -0.01 6.92 -21.59
N LEU B 466 -0.24 7.03 -20.29
CA LEU B 466 -1.43 7.74 -19.84
C LEU B 466 -1.32 9.26 -20.01
N GLY B 467 -0.12 9.78 -20.15
CA GLY B 467 0.04 11.19 -20.51
C GLY B 467 -0.05 12.17 -19.35
N GLU B 468 -0.92 13.17 -19.50
CA GLU B 468 -0.82 14.42 -18.79
C GLU B 468 -1.02 14.34 -17.27
N ASP B 469 -1.67 13.31 -16.74
CA ASP B 469 -1.82 13.27 -15.29
C ASP B 469 -0.48 13.22 -14.57
N GLY B 470 0.59 12.74 -15.19
CA GLY B 470 1.90 12.96 -14.64
C GLY B 470 2.40 11.92 -13.66
N PRO B 471 3.53 12.22 -13.01
CA PRO B 471 4.31 11.18 -12.32
C PRO B 471 3.66 10.57 -11.11
N THR B 472 2.70 11.24 -10.48
CA THR B 472 1.99 10.61 -9.36
C THR B 472 1.07 9.48 -9.81
N HIS B 473 0.73 9.46 -11.11
CA HIS B 473 -0.17 8.48 -11.69
C HIS B 473 0.52 7.48 -12.60
N GLN B 474 1.67 7.83 -13.19
CA GLN B 474 2.34 7.02 -14.21
C GLN B 474 3.14 5.90 -13.59
N PRO B 475 2.71 4.65 -13.73
CA PRO B 475 3.49 3.55 -13.17
C PRO B 475 4.85 3.46 -13.83
N VAL B 476 5.81 3.03 -13.02
CA VAL B 476 7.16 2.74 -13.49
C VAL B 476 7.59 1.39 -12.91
N GLU B 477 7.61 1.28 -11.59
CA GLU B 477 8.15 0.13 -10.88
C GLU B 477 7.09 -0.82 -10.32
N GLN B 478 5.81 -0.54 -10.54
CA GLN B 478 4.74 -1.33 -9.95
C GLN B 478 4.65 -2.73 -10.56
N VAL B 479 4.81 -2.85 -11.88
CA VAL B 479 4.71 -4.16 -12.48
C VAL B 479 5.83 -5.07 -11.98
N ALA B 480 7.05 -4.54 -11.87
CA ALA B 480 8.15 -5.34 -11.38
C ALA B 480 7.87 -5.86 -9.97
N SER B 481 7.23 -5.03 -9.14
CA SER B 481 6.91 -5.47 -7.79
C SER B 481 5.92 -6.64 -7.80
N LEU B 482 4.91 -6.58 -8.67
CA LEU B 482 3.97 -7.70 -8.82
C LEU B 482 4.67 -8.94 -9.34
N ARG B 483 5.59 -8.76 -10.31
CA ARG B 483 6.26 -9.91 -10.93
C ARG B 483 7.09 -10.69 -9.94
N VAL B 484 7.60 -10.06 -8.88
CA VAL B 484 8.43 -10.75 -7.91
C VAL B 484 7.63 -11.23 -6.70
N THR B 485 6.31 -11.14 -6.76
CA THR B 485 5.48 -11.62 -5.67
C THR B 485 5.18 -13.09 -5.81
N PRO B 486 5.52 -13.92 -4.83
CA PRO B 486 5.21 -15.34 -4.93
C PRO B 486 3.74 -15.57 -5.23
N ASN B 487 3.48 -16.52 -6.14
CA ASN B 487 2.14 -16.94 -6.51
C ASN B 487 1.27 -15.89 -7.18
N MET B 488 1.84 -14.76 -7.53
N MET B 488 1.80 -14.72 -7.52
CA MET B 488 1.12 -13.77 -8.32
CA MET B 488 1.03 -13.75 -8.30
C MET B 488 1.22 -14.14 -9.80
C MET B 488 1.24 -13.99 -9.79
N SER B 489 0.17 -13.85 -10.56
CA SER B 489 0.28 -13.89 -12.01
C SER B 489 0.03 -12.49 -12.53
N THR B 490 0.89 -12.02 -13.42
CA THR B 490 0.84 -10.67 -13.94
C THR B 490 0.97 -10.74 -15.46
N TRP B 491 0.01 -10.16 -16.16
CA TRP B 491 -0.05 -10.18 -17.62
C TRP B 491 -0.08 -8.76 -18.13
N ARG B 492 0.79 -8.46 -19.10
CA ARG B 492 0.86 -7.14 -19.72
C ARG B 492 0.66 -7.35 -21.23
N PRO B 493 -0.61 -7.51 -21.65
CA PRO B 493 -0.87 -7.92 -23.04
C PRO B 493 -0.51 -6.83 -24.03
N CYS B 494 -0.06 -7.27 -25.21
CA CYS B 494 0.38 -6.32 -26.24
C CYS B 494 -0.70 -5.91 -27.22
N ASP B 495 -1.84 -6.59 -27.21
CA ASP B 495 -2.92 -6.33 -28.14
C ASP B 495 -4.19 -6.97 -27.62
N GLN B 496 -5.25 -6.87 -28.41
CA GLN B 496 -6.54 -7.33 -27.91
C GLN B 496 -6.58 -8.85 -27.76
N VAL B 497 -5.74 -9.56 -28.52
CA VAL B 497 -5.70 -11.01 -28.49
C VAL B 497 -5.01 -11.49 -27.22
N GLU B 498 -3.81 -10.95 -26.95
CA GLU B 498 -3.15 -11.27 -25.70
C GLU B 498 -4.04 -10.88 -24.52
N SER B 499 -4.82 -9.81 -24.65
CA SER B 499 -5.69 -9.37 -23.56
C SER B 499 -6.76 -10.43 -23.25
N ALA B 500 -7.37 -10.98 -24.29
CA ALA B 500 -8.38 -12.01 -24.10
C ALA B 500 -7.77 -13.30 -23.55
N VAL B 501 -6.57 -13.66 -24.01
CA VAL B 501 -5.88 -14.83 -23.47
C VAL B 501 -5.61 -14.64 -21.97
N ALA B 502 -5.16 -13.44 -21.59
CA ALA B 502 -4.86 -13.17 -20.19
C ALA B 502 -6.12 -13.23 -19.33
N TRP B 503 -7.24 -12.69 -19.84
CA TRP B 503 -8.50 -12.78 -19.13
C TRP B 503 -8.92 -14.23 -18.94
N LYS B 504 -8.82 -15.04 -20.01
CA LYS B 504 -9.15 -16.46 -19.90
C LYS B 504 -8.27 -17.14 -18.86
N TYR B 505 -6.97 -16.88 -18.92
CA TYR B 505 -6.03 -17.44 -17.97
C TYR B 505 -6.46 -17.08 -16.54
N GLY B 506 -6.81 -15.82 -16.33
CA GLY B 506 -7.17 -15.37 -15.00
C GLY B 506 -8.42 -16.02 -14.45
N VAL B 507 -9.47 -16.10 -15.25
CA VAL B 507 -10.70 -16.69 -14.74
C VAL B 507 -10.57 -18.17 -14.53
N GLU B 508 -9.68 -18.83 -15.28
CA GLU B 508 -9.45 -20.26 -15.14
C GLU B 508 -8.39 -20.61 -14.11
N ARG B 509 -7.72 -19.62 -13.52
CA ARG B 509 -6.66 -19.86 -12.54
C ARG B 509 -7.29 -20.03 -11.17
N GLN B 510 -7.29 -21.28 -10.68
N GLN B 510 -7.28 -21.26 -10.67
CA GLN B 510 -8.05 -21.64 -9.49
CA GLN B 510 -8.02 -21.57 -9.46
C GLN B 510 -7.24 -21.52 -8.19
C GLN B 510 -7.26 -21.29 -8.19
N ASP B 511 -5.94 -21.24 -8.29
CA ASP B 511 -5.04 -21.32 -7.14
C ASP B 511 -4.20 -20.06 -6.96
N GLY B 512 -4.66 -18.95 -7.50
CA GLY B 512 -4.06 -17.68 -7.22
C GLY B 512 -4.63 -16.61 -8.10
N PRO B 513 -4.26 -15.37 -7.84
CA PRO B 513 -4.86 -14.23 -8.51
C PRO B 513 -4.09 -13.87 -9.79
N THR B 514 -4.73 -13.04 -10.60
CA THR B 514 -4.18 -12.64 -11.89
C THR B 514 -4.39 -11.15 -12.07
N ALA B 515 -3.28 -10.40 -12.21
CA ALA B 515 -3.31 -8.98 -12.50
C ALA B 515 -3.13 -8.75 -13.98
N LEU B 516 -3.99 -7.91 -14.51
CA LEU B 516 -3.95 -7.49 -15.90
C LEU B 516 -3.44 -6.05 -15.94
N ILE B 517 -2.39 -5.83 -16.73
CA ILE B 517 -1.68 -4.56 -16.83
C ILE B 517 -2.05 -3.97 -18.18
N LEU B 518 -2.90 -2.94 -18.17
CA LEU B 518 -3.65 -2.54 -19.35
C LEU B 518 -3.40 -1.08 -19.70
N SER B 519 -3.39 -0.80 -21.00
CA SER B 519 -3.04 0.51 -21.50
C SER B 519 -4.21 1.45 -21.59
N ARG B 520 -3.90 2.75 -21.50
N ARG B 520 -3.88 2.73 -21.43
CA ARG B 520 -4.87 3.77 -21.86
CA ARG B 520 -4.78 3.82 -21.79
C ARG B 520 -4.98 3.90 -23.37
C ARG B 520 -4.96 3.89 -23.29
N GLN B 521 -3.86 3.78 -24.05
CA GLN B 521 -3.74 4.10 -25.47
C GLN B 521 -3.83 2.85 -26.37
N ASN B 522 -4.12 3.09 -27.65
CA ASN B 522 -4.39 2.00 -28.58
C ASN B 522 -3.13 1.21 -28.88
N LEU B 523 -3.28 -0.12 -28.98
CA LEU B 523 -2.18 -1.07 -29.20
C LEU B 523 -2.38 -1.81 -30.51
N ALA B 524 -1.33 -1.87 -31.33
CA ALA B 524 -1.38 -2.59 -32.59
C ALA B 524 -1.56 -4.09 -32.37
N GLN B 525 -2.39 -4.70 -33.20
CA GLN B 525 -2.47 -6.15 -33.20
C GLN B 525 -1.34 -6.75 -34.02
N GLN B 526 -0.74 -7.81 -33.47
CA GLN B 526 0.32 -8.54 -34.12
C GLN B 526 -0.21 -9.75 -34.86
N GLU B 527 0.49 -10.12 -35.94
CA GLU B 527 0.21 -11.32 -36.71
CA GLU B 527 0.17 -11.32 -36.68
C GLU B 527 0.67 -12.55 -35.94
N ARG B 528 -0.14 -13.61 -35.97
CA ARG B 528 0.22 -14.86 -35.32
C ARG B 528 -0.27 -16.04 -36.13
N THR B 529 0.59 -17.04 -36.24
CA THR B 529 0.18 -18.36 -36.71
C THR B 529 -0.67 -19.04 -35.61
N GLU B 530 -1.32 -20.15 -35.96
N GLU B 530 -1.23 -20.19 -35.95
CA GLU B 530 -2.09 -20.87 -34.96
CA GLU B 530 -1.97 -20.99 -34.98
C GLU B 530 -1.21 -21.31 -33.80
C GLU B 530 -1.08 -21.33 -33.78
N GLU B 531 0.05 -21.64 -34.07
N GLU B 531 0.15 -21.79 -34.03
CA GLU B 531 0.98 -22.07 -33.03
CA GLU B 531 1.06 -22.11 -32.92
C GLU B 531 1.35 -20.90 -32.12
C GLU B 531 1.32 -20.87 -32.07
N GLN B 532 1.60 -19.72 -32.70
CA GLN B 532 1.89 -18.54 -31.91
C GLN B 532 0.70 -18.12 -31.08
N LEU B 533 -0.50 -18.22 -31.64
CA LEU B 533 -1.72 -17.90 -30.90
C LEU B 533 -1.82 -18.76 -29.66
N ALA B 534 -1.59 -20.07 -29.81
CA ALA B 534 -1.62 -20.98 -28.67
C ALA B 534 -0.50 -20.71 -27.69
N ASN B 535 0.62 -20.16 -28.16
CA ASN B 535 1.77 -19.92 -27.31
C ASN B 535 1.65 -18.69 -26.44
N ILE B 536 0.68 -17.80 -26.69
CA ILE B 536 0.53 -16.64 -25.81
C ILE B 536 0.40 -17.10 -24.37
N ALA B 537 -0.39 -18.15 -24.15
CA ALA B 537 -0.67 -18.63 -22.79
C ALA B 537 0.57 -19.19 -22.12
N ARG B 538 1.63 -19.46 -22.87
CA ARG B 538 2.90 -19.90 -22.28
C ARG B 538 3.71 -18.74 -21.70
N GLY B 539 3.20 -17.52 -21.79
CA GLY B 539 3.78 -16.39 -21.06
C GLY B 539 4.83 -15.61 -21.81
N GLY B 540 5.69 -16.32 -22.52
CA GLY B 540 6.69 -15.74 -23.39
C GLY B 540 6.79 -16.62 -24.61
N TYR B 541 6.89 -16.01 -25.78
CA TYR B 541 6.91 -16.78 -27.02
C TYR B 541 7.57 -15.98 -28.13
N VAL B 542 8.03 -16.72 -29.14
CA VAL B 542 8.65 -16.14 -30.31
C VAL B 542 7.56 -15.57 -31.21
N LEU B 543 7.61 -14.26 -31.41
CA LEU B 543 6.66 -13.52 -32.25
C LEU B 543 7.22 -13.26 -33.65
N LYS B 544 8.51 -12.90 -33.73
CA LYS B 544 9.20 -12.68 -35.00
C LYS B 544 10.52 -13.41 -34.91
N ASP B 545 10.99 -13.96 -36.03
CA ASP B 545 12.20 -14.78 -35.96
C ASP B 545 13.00 -14.61 -37.24
N CYS B 546 14.16 -15.25 -37.23
CA CYS B 546 15.06 -15.31 -38.36
C CYS B 546 15.41 -16.77 -38.60
N ALA B 547 16.01 -17.03 -39.75
CA ALA B 547 16.57 -18.34 -40.04
C ALA B 547 17.95 -18.41 -39.42
N GLY B 548 18.22 -19.49 -38.70
CA GLY B 548 19.46 -19.64 -37.98
C GLY B 548 19.43 -18.92 -36.64
N GLN B 549 20.57 -19.01 -35.96
N GLN B 549 20.56 -18.98 -35.97
CA GLN B 549 20.73 -18.38 -34.65
CA GLN B 549 20.62 -18.44 -34.63
C GLN B 549 20.56 -16.88 -34.78
C GLN B 549 20.63 -16.91 -34.68
N PRO B 550 19.71 -16.25 -33.97
CA PRO B 550 19.66 -14.79 -33.99
C PRO B 550 20.94 -14.20 -33.44
N GLU B 551 21.34 -13.07 -34.06
N GLU B 551 21.34 -13.07 -33.96
CA GLU B 551 22.36 -12.17 -33.52
CA GLU B 551 22.40 -12.35 -33.29
C GLU B 551 21.83 -11.43 -32.29
C GLU B 551 21.85 -11.29 -32.34
N LEU B 552 20.53 -11.13 -32.30
CA LEU B 552 19.92 -10.16 -31.40
C LEU B 552 18.52 -10.66 -31.10
N ILE B 553 18.13 -10.63 -29.82
CA ILE B 553 16.75 -10.93 -29.42
C ILE B 553 16.19 -9.72 -28.69
N PHE B 554 15.07 -9.20 -29.19
CA PHE B 554 14.29 -8.23 -28.45
C PHE B 554 13.29 -8.97 -27.57
N ILE B 555 13.14 -8.52 -26.35
CA ILE B 555 12.14 -9.02 -25.41
C ILE B 555 11.27 -7.84 -25.03
N ALA B 556 9.97 -7.91 -25.32
CA ALA B 556 9.10 -6.77 -25.11
C ALA B 556 7.76 -7.21 -24.56
N THR B 557 7.08 -6.25 -23.95
CA THR B 557 5.80 -6.50 -23.34
C THR B 557 4.83 -5.38 -23.70
N GLY B 558 3.53 -5.68 -23.59
CA GLY B 558 2.53 -4.64 -23.64
C GLY B 558 2.67 -3.73 -24.82
N SER B 559 2.49 -2.43 -24.53
CA SER B 559 2.53 -1.41 -25.55
C SER B 559 3.86 -1.32 -26.27
N GLU B 560 4.94 -1.89 -25.75
CA GLU B 560 6.25 -1.79 -26.37
C GLU B 560 6.54 -2.90 -27.38
N VAL B 561 5.67 -3.90 -27.50
CA VAL B 561 5.90 -4.91 -28.54
C VAL B 561 5.88 -4.28 -29.92
N GLU B 562 4.98 -3.33 -30.15
N GLU B 562 4.96 -3.35 -30.18
CA GLU B 562 4.87 -2.66 -31.46
CA GLU B 562 4.93 -2.71 -31.50
C GLU B 562 6.19 -1.97 -31.83
C GLU B 562 6.27 -2.05 -31.81
N LEU B 563 6.81 -1.31 -30.84
CA LEU B 563 8.10 -0.67 -31.02
C LEU B 563 9.20 -1.69 -31.29
N ALA B 564 9.23 -2.78 -30.53
CA ALA B 564 10.26 -3.78 -30.76
C ALA B 564 10.13 -4.41 -32.13
N VAL B 565 8.90 -4.67 -32.59
CA VAL B 565 8.70 -5.24 -33.92
C VAL B 565 9.18 -4.26 -34.98
N ALA B 566 8.92 -2.96 -34.81
CA ALA B 566 9.39 -1.98 -35.78
C ALA B 566 10.92 -1.98 -35.85
N ALA B 567 11.58 -2.07 -34.70
CA ALA B 567 13.03 -2.12 -34.69
C ALA B 567 13.54 -3.40 -35.35
N TYR B 568 12.90 -4.53 -35.06
CA TYR B 568 13.21 -5.78 -35.72
C TYR B 568 13.08 -5.66 -37.23
N GLU B 569 12.04 -5.00 -37.72
N GLU B 569 12.03 -5.01 -37.71
CA GLU B 569 11.90 -4.90 -39.17
CA GLU B 569 11.78 -4.91 -39.14
C GLU B 569 13.03 -4.07 -39.78
C GLU B 569 12.84 -4.01 -39.79
N LYS B 570 13.38 -2.97 -39.14
N LYS B 570 13.39 -2.87 -39.11
CA LYS B 570 14.44 -2.12 -39.68
CA LYS B 570 14.48 -2.08 -39.65
C LYS B 570 15.75 -2.89 -39.72
C LYS B 570 15.75 -2.90 -39.72
N LEU B 571 16.09 -3.58 -38.62
CA LEU B 571 17.34 -4.32 -38.58
C LEU B 571 17.33 -5.50 -39.56
N THR B 572 16.19 -6.18 -39.67
CA THR B 572 16.10 -7.29 -40.61
C THR B 572 16.34 -6.81 -42.03
N ALA B 573 15.81 -5.63 -42.39
CA ALA B 573 16.00 -5.11 -43.73
C ALA B 573 17.45 -4.77 -44.01
N GLU B 574 18.23 -4.49 -42.96
CA GLU B 574 19.66 -4.23 -43.07
C GLU B 574 20.49 -5.50 -42.96
N GLY B 575 19.86 -6.68 -42.89
CA GLY B 575 20.59 -7.92 -42.89
C GLY B 575 20.93 -8.47 -41.53
N VAL B 576 20.45 -7.85 -40.46
CA VAL B 576 20.70 -8.36 -39.11
C VAL B 576 19.74 -9.50 -38.82
N LYS B 577 20.27 -10.55 -38.22
CA LYS B 577 19.49 -11.73 -37.81
C LYS B 577 18.89 -11.45 -36.43
N ALA B 578 17.60 -11.16 -36.40
CA ALA B 578 16.95 -10.75 -35.17
C ALA B 578 15.72 -11.59 -34.90
N ARG B 579 15.30 -11.55 -33.64
CA ARG B 579 14.10 -12.22 -33.14
C ARG B 579 13.39 -11.27 -32.19
N VAL B 580 12.06 -11.36 -32.15
CA VAL B 580 11.25 -10.67 -31.14
C VAL B 580 10.51 -11.71 -30.32
N VAL B 581 10.67 -11.61 -29.01
CA VAL B 581 9.93 -12.38 -28.02
C VAL B 581 8.91 -11.45 -27.38
N SER B 582 7.64 -11.83 -27.43
CA SER B 582 6.61 -11.17 -26.64
C SER B 582 6.51 -11.90 -25.31
N MET B 583 6.56 -11.14 -24.21
N MET B 583 6.61 -11.17 -24.20
CA MET B 583 6.60 -11.68 -22.86
CA MET B 583 6.55 -11.78 -22.88
C MET B 583 5.42 -11.15 -22.06
C MET B 583 5.41 -11.16 -22.09
N PRO B 584 4.18 -11.50 -22.42
CA PRO B 584 3.04 -10.96 -21.67
C PRO B 584 3.04 -11.37 -20.22
N SER B 585 3.55 -12.56 -19.87
CA SER B 585 3.59 -12.96 -18.46
C SER B 585 4.90 -13.65 -18.14
N THR B 586 5.73 -12.96 -17.35
CA THR B 586 6.98 -13.55 -16.88
C THR B 586 6.73 -14.76 -15.98
N ASP B 587 5.69 -14.70 -15.14
CA ASP B 587 5.43 -15.82 -14.24
C ASP B 587 5.02 -17.06 -15.02
N ALA B 588 4.15 -16.90 -16.02
CA ALA B 588 3.77 -18.06 -16.81
C ALA B 588 4.97 -18.58 -17.59
N PHE B 589 5.79 -17.68 -18.14
CA PHE B 589 6.97 -18.11 -18.87
C PHE B 589 7.89 -18.93 -17.97
N ASP B 590 8.13 -18.44 -16.75
CA ASP B 590 9.05 -19.10 -15.84
C ASP B 590 8.55 -20.49 -15.45
N LYS B 591 7.24 -20.71 -15.49
CA LYS B 591 6.66 -22.01 -15.16
C LYS B 591 6.74 -23.00 -16.31
N GLN B 592 7.11 -22.56 -17.51
CA GLN B 592 7.31 -23.49 -18.59
C GLN B 592 8.60 -24.27 -18.38
N ASP B 593 8.68 -25.45 -19.00
CA ASP B 593 9.84 -26.27 -18.75
C ASP B 593 11.10 -25.69 -19.42
N ALA B 594 12.23 -26.24 -19.02
CA ALA B 594 13.51 -25.71 -19.45
C ALA B 594 13.65 -25.77 -20.95
N ALA B 595 13.17 -26.84 -21.58
CA ALA B 595 13.30 -26.95 -23.04
C ALA B 595 12.52 -25.85 -23.74
N TYR B 596 11.31 -25.54 -23.27
CA TYR B 596 10.57 -24.47 -23.91
C TYR B 596 11.27 -23.14 -23.70
N ARG B 597 11.71 -22.85 -22.47
N ARG B 597 11.70 -22.84 -22.47
CA ARG B 597 12.34 -21.56 -22.22
CA ARG B 597 12.35 -21.56 -22.22
C ARG B 597 13.60 -21.38 -23.05
C ARG B 597 13.59 -21.39 -23.10
N GLU B 598 14.40 -22.45 -23.23
CA GLU B 598 15.57 -22.43 -24.10
C GLU B 598 15.18 -22.14 -25.54
N SER B 599 14.05 -22.69 -26.00
CA SER B 599 13.64 -22.45 -27.38
C SER B 599 13.31 -21.00 -27.64
N VAL B 600 12.86 -20.27 -26.62
CA VAL B 600 12.47 -18.87 -26.76
C VAL B 600 13.67 -17.94 -26.54
N LEU B 601 14.42 -18.20 -25.47
CA LEU B 601 15.58 -17.40 -25.07
C LEU B 601 16.79 -18.32 -25.03
N PRO B 602 17.35 -18.67 -26.18
CA PRO B 602 18.46 -19.63 -26.21
C PRO B 602 19.68 -19.10 -25.47
N LYS B 603 20.29 -19.99 -24.69
N LYS B 603 20.28 -19.98 -24.67
CA LYS B 603 21.42 -19.59 -23.87
CA LYS B 603 21.43 -19.57 -23.87
C LYS B 603 22.60 -19.13 -24.72
C LYS B 603 22.63 -19.13 -24.71
N ALA B 604 22.72 -19.58 -25.96
CA ALA B 604 23.80 -19.14 -26.84
C ALA B 604 23.70 -17.68 -27.22
N VAL B 605 22.53 -17.08 -27.12
CA VAL B 605 22.31 -15.73 -27.61
C VAL B 605 22.31 -14.79 -26.42
N THR B 606 23.37 -14.00 -26.29
CA THR B 606 23.50 -13.10 -25.16
C THR B 606 23.18 -11.65 -25.50
N ALA B 607 23.08 -11.31 -26.78
CA ALA B 607 22.74 -9.94 -27.18
C ALA B 607 21.23 -9.80 -27.15
N ARG B 608 20.72 -9.45 -25.98
CA ARG B 608 19.30 -9.37 -25.69
C ARG B 608 18.96 -7.93 -25.32
N VAL B 609 17.89 -7.40 -25.90
CA VAL B 609 17.42 -6.04 -25.66
C VAL B 609 15.99 -6.11 -25.14
N ALA B 610 15.80 -5.70 -23.89
CA ALA B 610 14.45 -5.61 -23.35
C ALA B 610 13.88 -4.23 -23.65
N VAL B 611 12.59 -4.18 -23.96
CA VAL B 611 11.89 -2.92 -24.27
C VAL B 611 10.57 -2.92 -23.48
N GLU B 612 10.46 -1.99 -22.52
CA GLU B 612 9.28 -1.90 -21.68
C GLU B 612 9.29 -0.53 -21.02
N ALA B 613 8.15 0.17 -21.03
CA ALA B 613 8.02 1.46 -20.36
C ALA B 613 7.77 1.27 -18.87
N GLY B 614 8.76 0.64 -18.22
CA GLY B 614 8.75 0.34 -16.81
C GLY B 614 10.17 0.25 -16.32
N ILE B 615 10.35 0.03 -15.02
CA ILE B 615 11.67 0.13 -14.42
C ILE B 615 12.63 -0.85 -15.07
N ALA B 616 13.81 -0.35 -15.42
CA ALA B 616 14.76 -1.13 -16.19
C ALA B 616 15.34 -2.29 -15.39
N ASP B 617 15.60 -2.08 -14.09
CA ASP B 617 16.39 -3.05 -13.32
C ASP B 617 15.77 -4.43 -13.29
N TYR B 618 14.45 -4.51 -13.45
CA TYR B 618 13.80 -5.82 -13.47
C TYR B 618 14.42 -6.73 -14.54
N TRP B 619 14.73 -6.15 -15.69
CA TRP B 619 14.96 -6.93 -16.90
C TRP B 619 16.31 -7.62 -16.96
N TYR B 620 17.21 -7.35 -16.02
CA TYR B 620 18.45 -8.13 -15.94
C TYR B 620 18.15 -9.63 -15.82
N LYS B 621 16.99 -9.99 -15.26
CA LYS B 621 16.62 -11.38 -15.16
C LYS B 621 16.65 -12.09 -16.51
N TYR B 622 16.22 -11.42 -17.58
CA TYR B 622 16.16 -12.03 -18.89
C TYR B 622 17.23 -11.56 -19.85
N VAL B 623 17.82 -10.38 -19.64
N VAL B 623 17.78 -10.39 -19.61
CA VAL B 623 18.87 -9.92 -20.56
CA VAL B 623 18.77 -9.83 -20.50
C VAL B 623 20.28 -10.15 -20.05
C VAL B 623 20.18 -10.27 -20.11
N GLY B 624 20.45 -10.46 -18.80
CA GLY B 624 21.77 -10.69 -18.31
C GLY B 624 22.60 -9.42 -18.27
N LEU B 625 23.92 -9.61 -18.16
CA LEU B 625 24.86 -8.52 -18.01
C LEU B 625 25.47 -8.07 -19.33
N ASN B 626 25.14 -8.72 -20.42
CA ASN B 626 25.73 -8.41 -21.73
C ASN B 626 24.67 -8.02 -22.75
N GLY B 627 23.58 -7.44 -22.28
CA GLY B 627 22.52 -7.00 -23.14
C GLY B 627 22.26 -5.51 -23.01
N ALA B 628 21.03 -5.11 -23.26
CA ALA B 628 20.63 -3.72 -23.16
C ALA B 628 19.18 -3.67 -22.74
N ILE B 629 18.81 -2.59 -22.09
CA ILE B 629 17.44 -2.38 -21.61
C ILE B 629 17.01 -0.99 -22.03
N VAL B 630 15.91 -0.94 -22.79
CA VAL B 630 15.23 0.31 -23.14
C VAL B 630 14.03 0.35 -22.19
N GLY B 631 14.23 1.04 -21.08
CA GLY B 631 13.28 1.10 -20.00
C GLY B 631 13.28 2.46 -19.35
N MET B 632 12.47 2.58 -18.30
N MET B 632 12.84 2.52 -18.11
CA MET B 632 12.45 3.76 -17.46
CA MET B 632 12.92 3.76 -17.35
C MET B 632 13.46 3.60 -16.32
C MET B 632 13.70 3.55 -16.07
N THR B 633 14.09 4.72 -15.94
N THR B 633 14.44 4.59 -15.69
CA THR B 633 14.99 4.75 -14.79
CA THR B 633 15.07 4.65 -14.39
C THR B 633 14.65 5.87 -13.81
C THR B 633 14.52 5.78 -13.53
N THR B 634 13.54 6.55 -14.03
CA THR B 634 13.11 7.72 -13.32
C THR B 634 11.60 7.68 -13.19
N PHE B 635 11.06 8.61 -12.39
CA PHE B 635 9.65 8.92 -12.43
C PHE B 635 9.28 9.55 -13.78
N GLY B 636 7.99 9.59 -14.07
CA GLY B 636 7.50 10.20 -15.28
C GLY B 636 7.42 11.72 -15.20
N GLU B 637 6.68 12.31 -16.15
N GLU B 637 6.64 12.30 -16.12
CA GLU B 637 6.47 13.75 -16.25
CA GLU B 637 6.48 13.75 -16.22
C GLU B 637 5.06 14.00 -16.76
C GLU B 637 5.12 14.05 -16.84
N SER B 638 4.53 15.19 -16.45
CA SER B 638 3.23 15.57 -16.99
C SER B 638 3.36 16.19 -18.38
N ALA B 639 2.91 15.46 -19.40
CA ALA B 639 2.92 15.93 -20.78
C ALA B 639 2.09 14.95 -21.59
N PRO B 640 1.73 15.34 -22.82
CA PRO B 640 1.11 14.39 -23.75
C PRO B 640 1.96 13.13 -23.89
N ALA B 641 1.28 11.99 -23.94
CA ALA B 641 1.98 10.71 -23.94
C ALA B 641 2.96 10.58 -25.08
N GLU B 642 2.60 11.04 -26.27
CA GLU B 642 3.49 10.84 -27.40
C GLU B 642 4.80 11.57 -27.17
N LEU B 643 4.77 12.72 -26.49
CA LEU B 643 5.99 13.44 -26.19
C LEU B 643 6.79 12.74 -25.09
N LEU B 644 6.11 12.12 -24.13
CA LEU B 644 6.79 11.34 -23.11
C LEU B 644 7.52 10.15 -23.72
N PHE B 645 6.87 9.41 -24.61
CA PHE B 645 7.55 8.26 -25.19
C PHE B 645 8.81 8.74 -25.91
N GLU B 646 8.75 9.88 -26.60
N GLU B 646 8.74 9.84 -26.64
CA GLU B 646 9.96 10.43 -27.21
CA GLU B 646 9.91 10.33 -27.34
C GLU B 646 10.98 10.87 -26.17
C GLU B 646 11.01 10.70 -26.36
N GLU B 647 10.53 11.59 -25.14
N GLU B 647 10.69 11.49 -25.35
CA GLU B 647 11.40 12.08 -24.09
CA GLU B 647 11.69 11.97 -24.40
C GLU B 647 12.21 10.96 -23.45
C GLU B 647 12.36 10.83 -23.66
N PHE B 648 11.59 9.79 -23.29
CA PHE B 648 12.15 8.69 -22.52
C PHE B 648 12.77 7.59 -23.37
N GLY B 649 12.83 7.79 -24.70
CA GLY B 649 13.61 6.89 -25.53
C GLY B 649 12.83 5.76 -26.17
N PHE B 650 11.51 5.80 -26.10
CA PHE B 650 10.68 4.76 -26.69
C PHE B 650 10.35 5.15 -28.14
N THR B 651 11.39 5.12 -28.96
CA THR B 651 11.31 5.46 -30.37
C THR B 651 12.06 4.42 -31.17
N VAL B 652 11.65 4.22 -32.42
CA VAL B 652 12.33 3.22 -33.24
C VAL B 652 13.80 3.59 -33.39
N ASP B 653 14.09 4.87 -33.62
CA ASP B 653 15.47 5.27 -33.80
C ASP B 653 16.31 4.91 -32.57
N ASN B 654 15.78 5.17 -31.37
CA ASN B 654 16.57 4.89 -30.18
C ASN B 654 16.72 3.39 -29.94
N VAL B 655 15.67 2.61 -30.14
CA VAL B 655 15.78 1.17 -29.94
C VAL B 655 16.77 0.57 -30.93
N VAL B 656 16.70 0.98 -32.20
CA VAL B 656 17.65 0.48 -33.19
C VAL B 656 19.06 0.89 -32.81
N ALA B 657 19.26 2.16 -32.40
CA ALA B 657 20.60 2.62 -32.03
C ALA B 657 21.13 1.82 -30.85
N LYS B 658 20.29 1.57 -29.84
CA LYS B 658 20.75 0.83 -28.68
C LYS B 658 21.09 -0.60 -29.04
N ALA B 659 20.31 -1.20 -29.94
CA ALA B 659 20.62 -2.54 -30.40
C ALA B 659 21.92 -2.58 -31.20
N LYS B 660 22.14 -1.60 -32.08
CA LYS B 660 23.38 -1.56 -32.86
C LYS B 660 24.58 -1.28 -31.97
N GLU B 661 24.42 -0.38 -30.99
N GLU B 661 24.39 -0.42 -30.96
CA GLU B 661 25.50 -0.14 -30.03
CA GLU B 661 25.45 -0.12 -30.01
C GLU B 661 25.83 -1.44 -29.31
C GLU B 661 25.82 -1.36 -29.21
N LEU B 662 24.81 -2.17 -28.86
CA LEU B 662 25.05 -3.43 -28.18
C LEU B 662 25.81 -4.39 -29.06
N LEU B 663 25.38 -4.52 -30.32
CA LEU B 663 26.08 -5.41 -31.23
C LEU B 663 27.51 -4.95 -31.46
N HIS B 664 27.72 -3.64 -31.59
CA HIS B 664 29.08 -3.14 -31.76
C HIS B 664 29.95 -3.55 -30.59
N HIS B 665 29.42 -3.45 -29.36
CA HIS B 665 30.21 -3.85 -28.21
C HIS B 665 30.51 -5.34 -28.21
N HIS B 666 29.50 -6.16 -28.58
CA HIS B 666 29.73 -7.59 -28.70
C HIS B 666 30.81 -7.89 -29.73
N HIS B 667 30.82 -7.16 -30.86
CA HIS B 667 31.76 -7.45 -31.92
C HIS B 667 33.17 -7.00 -31.58
N HIS B 668 33.31 -5.99 -30.72
CA HIS B 668 34.61 -5.38 -30.46
C HIS B 668 34.83 -5.20 -28.97
#